data_8CBK
#
_entry.id   8CBK
#
_cell.length_a   1.00
_cell.length_b   1.00
_cell.length_c   1.00
_cell.angle_alpha   90.00
_cell.angle_beta   90.00
_cell.angle_gamma   90.00
#
_symmetry.space_group_name_H-M   'P 1'
#
loop_
_entity.id
_entity.type
_entity.pdbx_description
1 polymer '3-hydroxyacyl-CoA dehydrogenase type-2'
2 polymer 'Mitochondrial ribonuclease P catalytic subunit'
3 polymer 'tRNA methyltransferase 10 homolog C'
4 polymer 'Mitochondrial Precursor tRNA-His(5,Ser)'
5 non-polymer NICOTINAMIDE-ADENINE-DINUCLEOTIDE
6 non-polymer 'ZINC ION'
7 non-polymer S-ADENOSYL-L-HOMOCYSTEINE
8 non-polymer 'MAGNESIUM ION'
9 water water
#
loop_
_entity_poly.entity_id
_entity_poly.type
_entity_poly.pdbx_seq_one_letter_code
_entity_poly.pdbx_strand_id
1 'polypeptide(L)'
;MAAACRSVKGLVAVITGGASGLGLATAERLVGQGASAVLLDLPNSGGEAQAKKLGNNCVFAPADVTSEKDVQTALALAKG
KFGRVDVAVNCAGIAVASKTYNLKKGQTHTLEDFQRVLDVNLMGTFNVIRLVAGEMGQNEPDQGGQRGVIINTASVAAFE
GQVGQAAYSASKGGIVGMTLPIARDLAPIGIRVMTIAPGLFGTPLLTSLPEKVCNFLASQVPFPSRLGDPAEYAHLVQAI
IENPFLNGEVIRLDGAIRMQP
;
A,B,C,D
2 'polypeptide(L)'
;MSPQNTKATNLIAKARYLRKDEGSNKQVYSVPHFFLAGAAKERSQMNSQTEDHALAPVRNTIQLPTQPLNSEEWDKLKED
LKENTGKTSFESWIISQMAGCHSSIDVAKSLLAWVAAKNNGIVSYDLLVKYLYLCVFHMQTSEVIDVFEIMKARYKTLEP
RGYSLLIRGLIHSDRWREALLLLEDIKKVITPSKKNYNDCIQGALLHQDVNTAWNLYQELLGHDIVPMLETLKAFFDFGK
DIKDDNYSNKLLDILSYLRNNQLYPGESFAHSIKTWFESVPGKQWKGQFTTVRKSGQCSGCGKTIESIQLSPEEYECLKG
KIMRDVIDGGDQYRKTTPQELKRFENFIKSRPPFDVVIDGLNVAKMFPKVRESQLLLNVVSQLAKRNLRLLVLGRKHMLR
RSSQWSRDEMEEVQKQASCFFADDISEDAPFLLYATLHSGNHCRFITRDLMRDHKACLPDAKTQRLFFKWQQGHQLAIVN
RFPGSKLTFQRILSYDTVVQTTGDSWHIPYDEDLVERCSCEVPTKWLCLHQKT
;
E
3 'polypeptide(L)'
;MHHHHHHSSGVDLGTENLYFQSMSSKIPAVTYPKNESTPPSEELELDKWKTTMKSSVQEECVSTISSSKDEDPLAATREF
IEMWRLLGREVPEHITEEELKTLMECVSNTAKKKYLKYLYTKEKVKKARQIKKEMKAAAREEAKNIKLLETTEEDKQKNF
LFLRLWDRNMDIAMGWKGAQAMQFGQPLVFDMAYENYMKRKELQNTVSQLLESEGWNRRNVDPFHIYFCNLKIDGALHRE
LVKRYQEKWDKLLLTSTEKSHVDLFPKDSIIYLTADSPNVMTTFRHDKVYVIGSFVDKSMQPGTSLAKAKRLNLATECLP
LDKYLQWEIGNKNLTLDQMIRILLCLKNNGNWQEALQFVPKRKHTGFLEISQHSQEFINRLKKAKTAENLYFQSHHHHHH
DYKDDDDK
;
F
4 'polyribonucleotide'
;GGCUUGUAAAUAUAGUUUAAAAACAUCAGAUUGUGAAUCUGACAACAGAGGCUUACCCCUUAUUUACCGAGAAAGCCAUG
CAUGGCUUUCUCA
;
T
#
loop_
_chem_comp.id
_chem_comp.type
_chem_comp.name
_chem_comp.formula
A RNA linking ADENOSINE-5'-MONOPHOSPHATE 'C10 H14 N5 O7 P'
C RNA linking CYTIDINE-5'-MONOPHOSPHATE 'C9 H14 N3 O8 P'
G RNA linking GUANOSINE-5'-MONOPHOSPHATE 'C10 H14 N5 O8 P'
MG non-polymer 'MAGNESIUM ION' 'Mg 2'
NAD non-polymer NICOTINAMIDE-ADENINE-DINUCLEOTIDE 'C21 H27 N7 O14 P2'
SAH non-polymer S-ADENOSYL-L-HOMOCYSTEINE 'C14 H20 N6 O5 S'
U RNA linking URIDINE-5'-MONOPHOSPHATE 'C9 H13 N2 O9 P'
ZN non-polymer 'ZINC ION' 'Zn 2'
#
# COMPACT_ATOMS: atom_id res chain seq x y z
N SER A 7 -27.33 16.64 38.18
CA SER A 7 -26.06 16.39 38.86
C SER A 7 -25.91 14.91 39.20
N VAL A 8 -24.70 14.50 39.56
CA VAL A 8 -24.40 13.13 39.92
C VAL A 8 -23.83 13.02 41.33
N LYS A 9 -23.83 14.10 42.09
CA LYS A 9 -23.29 14.08 43.44
C LYS A 9 -24.06 13.06 44.28
N GLY A 10 -23.31 12.24 45.01
CA GLY A 10 -23.89 11.25 45.90
C GLY A 10 -24.11 9.88 45.29
N LEU A 11 -24.11 9.78 43.97
CA LEU A 11 -24.31 8.49 43.33
C LEU A 11 -23.14 7.56 43.59
N VAL A 12 -23.42 6.26 43.61
CA VAL A 12 -22.42 5.22 43.77
C VAL A 12 -22.36 4.42 42.48
N ALA A 13 -21.17 4.29 41.91
CA ALA A 13 -20.98 3.64 40.63
C ALA A 13 -19.99 2.49 40.77
N VAL A 14 -20.32 1.36 40.15
CA VAL A 14 -19.44 0.20 40.05
C VAL A 14 -18.94 0.15 38.62
N ILE A 15 -17.65 0.38 38.43
CA ILE A 15 -17.05 0.45 37.11
C ILE A 15 -16.16 -0.76 36.94
N THR A 16 -16.53 -1.66 36.02
CA THR A 16 -15.71 -2.82 35.73
C THR A 16 -14.57 -2.43 34.80
N GLY A 17 -13.39 -2.96 35.08
CA GLY A 17 -12.21 -2.57 34.33
C GLY A 17 -11.90 -1.09 34.48
N GLY A 18 -12.11 -0.55 35.67
CA GLY A 18 -11.89 0.85 35.95
C GLY A 18 -10.47 1.23 36.25
N ALA A 19 -9.53 0.29 36.20
CA ALA A 19 -8.14 0.59 36.50
C ALA A 19 -7.37 1.13 35.30
N SER A 20 -8.01 1.25 34.14
CA SER A 20 -7.30 1.73 32.96
C SER A 20 -8.30 2.13 31.88
N GLY A 21 -7.83 2.98 30.97
CA GLY A 21 -8.60 3.30 29.78
C GLY A 21 -9.93 3.94 30.08
N LEU A 22 -10.96 3.50 29.36
CA LEU A 22 -12.27 4.15 29.44
C LEU A 22 -12.85 4.06 30.83
N GLY A 23 -12.70 2.90 31.49
CA GLY A 23 -13.20 2.77 32.85
C GLY A 23 -12.53 3.73 33.80
N LEU A 24 -11.21 3.89 33.69
CA LEU A 24 -10.50 4.83 34.54
C LEU A 24 -10.93 6.26 34.26
N ALA A 25 -11.13 6.61 32.98
CA ALA A 25 -11.59 7.95 32.66
C ALA A 25 -12.97 8.21 33.24
N THR A 26 -13.87 7.23 33.14
CA THR A 26 -15.20 7.39 33.71
C THR A 26 -15.13 7.55 35.22
N ALA A 27 -14.30 6.74 35.88
CA ALA A 27 -14.15 6.88 37.32
C ALA A 27 -13.61 8.24 37.69
N GLU A 28 -12.60 8.73 36.96
CA GLU A 28 -12.06 10.05 37.25
C GLU A 28 -13.13 11.12 37.11
N ARG A 29 -13.88 11.09 36.02
CA ARG A 29 -14.90 12.11 35.80
C ARG A 29 -15.97 12.06 36.90
N LEU A 30 -16.46 10.86 37.21
CA LEU A 30 -17.54 10.74 38.19
C LEU A 30 -17.06 11.17 39.58
N VAL A 31 -15.87 10.75 39.98
CA VAL A 31 -15.36 11.13 41.30
C VAL A 31 -15.12 12.63 41.36
N GLY A 32 -14.63 13.22 40.26
CA GLY A 32 -14.46 14.66 40.22
C GLY A 32 -15.75 15.42 40.46
N GLN A 33 -16.87 14.80 40.12
CA GLN A 33 -18.18 15.41 40.33
C GLN A 33 -18.77 15.10 41.70
N GLY A 34 -18.05 14.34 42.54
CA GLY A 34 -18.50 14.03 43.88
C GLY A 34 -19.05 12.64 44.06
N ALA A 35 -19.29 11.90 42.98
CA ALA A 35 -19.84 10.56 43.10
C ALA A 35 -18.79 9.60 43.67
N SER A 36 -19.27 8.46 44.16
CA SER A 36 -18.42 7.41 44.70
C SER A 36 -18.25 6.32 43.67
N ALA A 37 -17.07 5.71 43.62
CA ALA A 37 -16.73 4.74 42.59
C ALA A 37 -16.09 3.50 43.22
N VAL A 38 -16.33 2.36 42.57
CA VAL A 38 -15.76 1.08 42.96
C VAL A 38 -15.14 0.49 41.71
N LEU A 39 -13.83 0.67 41.54
CA LEU A 39 -13.14 0.15 40.37
C LEU A 39 -13.02 -1.36 40.54
N LEU A 40 -13.88 -2.10 39.83
CA LEU A 40 -13.85 -3.56 39.86
C LEU A 40 -12.91 -4.03 38.75
N ASP A 41 -11.82 -4.67 39.13
CA ASP A 41 -10.80 -5.05 38.15
C ASP A 41 -10.02 -6.25 38.66
N LEU A 42 -9.13 -6.74 37.80
CA LEU A 42 -8.33 -7.90 38.14
C LEU A 42 -7.31 -7.53 39.23
N PRO A 43 -6.90 -8.50 40.05
CA PRO A 43 -5.97 -8.19 41.14
C PRO A 43 -4.64 -7.63 40.65
N ASN A 44 -4.15 -8.07 39.50
CA ASN A 44 -2.84 -7.67 39.00
C ASN A 44 -2.92 -6.44 38.10
N SER A 45 -4.10 -5.85 37.91
CA SER A 45 -4.24 -4.69 37.04
C SER A 45 -3.64 -3.42 37.65
N GLY A 46 -3.23 -3.46 38.91
CA GLY A 46 -2.72 -2.27 39.57
C GLY A 46 -3.77 -1.20 39.77
N GLY A 47 -5.01 -1.61 40.08
CA GLY A 47 -6.06 -0.65 40.34
C GLY A 47 -6.01 -0.01 41.70
N GLU A 48 -5.26 -0.59 42.64
CA GLU A 48 -5.16 0.00 43.97
C GLU A 48 -4.46 1.36 43.91
N ALA A 49 -3.45 1.49 43.03
CA ALA A 49 -2.79 2.78 42.88
C ALA A 49 -3.75 3.83 42.36
N GLN A 50 -4.56 3.48 41.36
CA GLN A 50 -5.54 4.42 40.84
C GLN A 50 -6.58 4.78 41.90
N ALA A 51 -7.02 3.80 42.68
CA ALA A 51 -7.98 4.08 43.74
C ALA A 51 -7.40 5.03 44.77
N LYS A 52 -6.14 4.81 45.16
CA LYS A 52 -5.49 5.74 46.09
C LYS A 52 -5.39 7.13 45.49
N LYS A 53 -5.04 7.21 44.20
CA LYS A 53 -4.89 8.50 43.56
C LYS A 53 -6.22 9.25 43.53
N LEU A 54 -7.32 8.55 43.24
CA LEU A 54 -8.60 9.24 43.06
C LEU A 54 -9.06 9.91 44.34
N GLY A 55 -8.95 9.22 45.47
CA GLY A 55 -9.31 9.79 46.75
C GLY A 55 -10.05 8.78 47.60
N ASN A 56 -10.65 9.27 48.68
CA ASN A 56 -11.37 8.40 49.60
C ASN A 56 -12.70 7.93 49.03
N ASN A 57 -13.31 8.70 48.13
CA ASN A 57 -14.59 8.33 47.57
C ASN A 57 -14.51 7.15 46.61
N CYS A 58 -13.31 6.73 46.24
CA CYS A 58 -13.11 5.63 45.31
C CYS A 58 -12.41 4.47 46.01
N VAL A 59 -12.86 3.25 45.71
CA VAL A 59 -12.28 2.04 46.26
C VAL A 59 -11.98 1.07 45.13
N PHE A 60 -11.17 0.06 45.44
CA PHE A 60 -10.74 -0.94 44.47
C PHE A 60 -11.27 -2.30 44.86
N ALA A 61 -11.86 -3.01 43.90
CA ALA A 61 -12.40 -4.35 44.12
C ALA A 61 -11.67 -5.34 43.23
N PRO A 62 -10.78 -6.18 43.77
CA PRO A 62 -10.14 -7.19 42.94
C PRO A 62 -11.10 -8.31 42.59
N ALA A 63 -11.53 -8.38 41.33
CA ALA A 63 -12.50 -9.38 40.93
C ALA A 63 -12.35 -9.65 39.44
N ASP A 64 -12.73 -10.86 39.04
CA ASP A 64 -12.78 -11.27 37.64
C ASP A 64 -14.24 -11.34 37.23
N VAL A 65 -14.63 -10.55 36.24
CA VAL A 65 -16.03 -10.46 35.85
C VAL A 65 -16.58 -11.80 35.41
N THR A 66 -15.71 -12.71 34.96
CA THR A 66 -16.16 -14.03 34.54
C THR A 66 -16.41 -14.98 35.70
N SER A 67 -16.10 -14.57 36.92
CA SER A 67 -16.26 -15.40 38.11
C SER A 67 -17.42 -14.85 38.93
N GLU A 68 -18.42 -15.69 39.19
CA GLU A 68 -19.57 -15.26 39.98
C GLU A 68 -19.16 -14.89 41.39
N LYS A 69 -18.32 -15.70 42.02
CA LYS A 69 -17.92 -15.43 43.40
C LYS A 69 -17.17 -14.12 43.51
N ASP A 70 -16.27 -13.84 42.58
CA ASP A 70 -15.49 -12.61 42.64
C ASP A 70 -16.38 -11.39 42.51
N VAL A 71 -17.33 -11.41 41.56
CA VAL A 71 -18.23 -10.28 41.40
C VAL A 71 -19.13 -10.12 42.62
N GLN A 72 -19.59 -11.23 43.19
CA GLN A 72 -20.40 -11.15 44.40
C GLN A 72 -19.61 -10.51 45.53
N THR A 73 -18.36 -10.91 45.70
CA THR A 73 -17.53 -10.33 46.75
C THR A 73 -17.31 -8.84 46.50
N ALA A 74 -17.06 -8.46 45.25
CA ALA A 74 -16.85 -7.04 44.95
C ALA A 74 -18.10 -6.23 45.24
N LEU A 75 -19.27 -6.75 44.87
CA LEU A 75 -20.51 -6.02 45.14
C LEU A 75 -20.77 -5.94 46.64
N ALA A 76 -20.47 -7.01 47.38
CA ALA A 76 -20.61 -6.96 48.83
C ALA A 76 -19.71 -5.90 49.43
N LEU A 77 -18.47 -5.81 48.96
CA LEU A 77 -17.56 -4.77 49.44
C LEU A 77 -18.10 -3.39 49.12
N ALA A 78 -18.61 -3.20 47.89
CA ALA A 78 -19.16 -1.90 47.51
C ALA A 78 -20.32 -1.52 48.41
N LYS A 79 -21.23 -2.46 48.68
CA LYS A 79 -22.34 -2.19 49.57
C LYS A 79 -21.85 -1.86 50.97
N GLY A 80 -20.84 -2.59 51.46
CA GLY A 80 -20.33 -2.33 52.79
C GLY A 80 -19.74 -0.94 52.91
N LYS A 81 -18.98 -0.50 51.91
CA LYS A 81 -18.36 0.82 51.99
C LYS A 81 -19.38 1.94 51.82
N PHE A 82 -20.32 1.79 50.89
CA PHE A 82 -21.25 2.86 50.55
C PHE A 82 -22.71 2.54 50.83
N GLY A 83 -23.09 1.26 50.89
CA GLY A 83 -24.46 0.92 51.21
C GLY A 83 -25.46 1.14 50.10
N ARG A 84 -25.01 1.38 48.87
CA ARG A 84 -25.92 1.65 47.77
C ARG A 84 -25.15 1.56 46.46
N VAL A 85 -25.79 0.99 45.45
CA VAL A 85 -25.25 0.94 44.10
C VAL A 85 -26.26 1.58 43.16
N ASP A 86 -25.86 2.66 42.50
CA ASP A 86 -26.74 3.42 41.64
C ASP A 86 -26.41 3.30 40.16
N VAL A 87 -25.15 3.13 39.81
CA VAL A 87 -24.72 3.03 38.42
C VAL A 87 -23.79 1.85 38.27
N ALA A 88 -23.83 1.21 37.10
CA ALA A 88 -22.96 0.09 36.80
C ALA A 88 -22.44 0.25 35.38
N VAL A 89 -21.14 0.54 35.26
CA VAL A 89 -20.52 0.79 33.96
C VAL A 89 -19.66 -0.42 33.63
N ASN A 90 -20.09 -1.20 32.64
CA ASN A 90 -19.36 -2.38 32.18
C ASN A 90 -18.40 -1.95 31.08
N CYS A 91 -17.15 -1.69 31.47
CA CYS A 91 -16.11 -1.26 30.54
C CYS A 91 -14.92 -2.22 30.53
N ALA A 92 -15.10 -3.44 31.03
CA ALA A 92 -14.04 -4.43 31.09
C ALA A 92 -14.12 -5.35 29.90
N GLY A 93 -13.01 -5.53 29.20
CA GLY A 93 -12.98 -6.40 28.04
C GLY A 93 -11.58 -6.51 27.50
N ILE A 94 -11.42 -7.40 26.52
CA ILE A 94 -10.15 -7.66 25.87
C ILE A 94 -10.37 -7.71 24.36
N ALA A 95 -9.27 -7.56 23.62
CA ALA A 95 -9.30 -7.59 22.17
C ALA A 95 -8.33 -8.65 21.66
N VAL A 96 -8.73 -9.34 20.60
CA VAL A 96 -7.91 -10.36 19.97
C VAL A 96 -7.98 -10.17 18.46
N ALA A 97 -6.84 -10.23 17.79
CA ALA A 97 -6.75 -10.10 16.35
C ALA A 97 -6.32 -11.45 15.78
N SER A 98 -7.20 -12.10 15.03
CA SER A 98 -6.90 -13.39 14.44
C SER A 98 -7.91 -13.68 13.34
N LYS A 99 -7.43 -13.98 12.15
CA LYS A 99 -8.31 -14.25 11.03
C LYS A 99 -9.04 -15.58 11.22
N THR A 100 -10.27 -15.65 10.71
CA THR A 100 -11.05 -16.88 10.85
C THR A 100 -10.31 -18.06 10.24
N TYR A 101 -9.80 -17.89 9.02
CA TYR A 101 -9.02 -18.94 8.37
C TYR A 101 -8.10 -18.29 7.36
N ASN A 102 -6.87 -18.80 7.27
CA ASN A 102 -5.86 -18.27 6.37
C ASN A 102 -5.48 -19.38 5.39
N LEU A 103 -6.05 -19.33 4.19
CA LEU A 103 -5.79 -20.38 3.20
C LEU A 103 -4.31 -20.40 2.81
N LYS A 104 -3.73 -19.22 2.59
CA LYS A 104 -2.33 -19.16 2.17
C LYS A 104 -1.41 -19.77 3.22
N LYS A 105 -1.62 -19.42 4.48
CA LYS A 105 -0.79 -19.91 5.57
C LYS A 105 -1.30 -21.21 6.17
N GLY A 106 -2.48 -21.68 5.76
CA GLY A 106 -3.05 -22.88 6.36
C GLY A 106 -3.26 -22.75 7.85
N GLN A 107 -3.67 -21.57 8.30
CA GLN A 107 -3.85 -21.27 9.72
C GLN A 107 -5.33 -21.08 10.01
N THR A 108 -5.83 -21.79 11.02
CA THR A 108 -7.23 -21.73 11.40
C THR A 108 -7.36 -21.04 12.75
N HIS A 109 -8.40 -20.22 12.88
CA HIS A 109 -8.62 -19.49 14.12
C HIS A 109 -8.77 -20.49 15.27
N THR A 110 -8.07 -20.20 16.37
CA THR A 110 -8.12 -21.08 17.54
C THR A 110 -9.46 -20.93 18.25
N LEU A 111 -10.01 -22.06 18.71
CA LEU A 111 -11.29 -22.02 19.40
C LEU A 111 -11.14 -21.45 20.81
N GLU A 112 -10.03 -21.74 21.48
CA GLU A 112 -9.82 -21.22 22.83
C GLU A 112 -9.77 -19.70 22.84
N ASP A 113 -9.20 -19.08 21.79
CA ASP A 113 -9.22 -17.62 21.71
C ASP A 113 -10.64 -17.10 21.66
N PHE A 114 -11.49 -17.72 20.83
CA PHE A 114 -12.89 -17.33 20.76
C PHE A 114 -13.57 -17.49 22.11
N GLN A 115 -13.32 -18.61 22.77
CA GLN A 115 -13.95 -18.88 24.06
C GLN A 115 -13.53 -17.82 25.08
N ARG A 116 -12.24 -17.51 25.14
CA ARG A 116 -11.75 -16.53 26.11
C ARG A 116 -12.32 -15.15 25.84
N VAL A 117 -12.36 -14.74 24.57
CA VAL A 117 -12.89 -13.42 24.24
C VAL A 117 -14.36 -13.35 24.62
N LEU A 118 -15.14 -14.38 24.29
CA LEU A 118 -16.55 -14.37 24.65
C LEU A 118 -16.73 -14.33 26.17
N ASP A 119 -15.93 -15.12 26.89
CA ASP A 119 -16.06 -15.16 28.35
C ASP A 119 -15.77 -13.79 28.96
N VAL A 120 -14.69 -13.15 28.54
CA VAL A 120 -14.30 -11.89 29.15
C VAL A 120 -15.26 -10.78 28.75
N ASN A 121 -15.62 -10.70 27.47
CA ASN A 121 -16.41 -9.58 26.97
C ASN A 121 -17.90 -9.78 27.17
N LEU A 122 -18.45 -10.87 26.63
CA LEU A 122 -19.89 -11.06 26.62
C LEU A 122 -20.38 -11.69 27.92
N MET A 123 -19.84 -12.85 28.28
CA MET A 123 -20.31 -13.54 29.48
C MET A 123 -20.07 -12.71 30.73
N GLY A 124 -18.90 -12.09 30.83
CA GLY A 124 -18.60 -11.27 31.99
C GLY A 124 -19.56 -10.10 32.14
N THR A 125 -19.89 -9.45 31.02
CA THR A 125 -20.79 -8.31 31.07
C THR A 125 -22.16 -8.73 31.57
N PHE A 126 -22.69 -9.85 31.05
CA PHE A 126 -23.98 -10.32 31.50
C PHE A 126 -23.93 -10.74 32.97
N ASN A 127 -22.85 -11.38 33.38
CA ASN A 127 -22.71 -11.76 34.78
C ASN A 127 -22.76 -10.53 35.68
N VAL A 128 -22.03 -9.48 35.31
CA VAL A 128 -22.06 -8.25 36.10
C VAL A 128 -23.45 -7.65 36.11
N ILE A 129 -24.11 -7.63 34.95
CA ILE A 129 -25.46 -7.06 34.89
C ILE A 129 -26.39 -7.80 35.84
N ARG A 130 -26.40 -9.13 35.74
CA ARG A 130 -27.35 -9.91 36.52
C ARG A 130 -27.05 -9.83 38.01
N LEU A 131 -25.78 -9.75 38.39
CA LEU A 131 -25.46 -9.67 39.81
C LEU A 131 -25.75 -8.28 40.36
N VAL A 132 -25.40 -7.23 39.61
CA VAL A 132 -25.60 -5.87 40.11
C VAL A 132 -27.07 -5.51 40.17
N ALA A 133 -27.88 -6.05 39.25
CA ALA A 133 -29.32 -5.77 39.30
C ALA A 133 -29.91 -6.23 40.62
N GLY A 134 -29.30 -7.21 41.28
CA GLY A 134 -29.79 -7.64 42.57
C GLY A 134 -29.67 -6.57 43.62
N GLU A 135 -28.51 -5.90 43.68
CA GLU A 135 -28.33 -4.82 44.65
C GLU A 135 -29.09 -3.58 44.24
N MET A 136 -29.11 -3.26 42.95
CA MET A 136 -29.87 -2.11 42.49
C MET A 136 -31.36 -2.29 42.72
N GLY A 137 -31.83 -3.53 42.87
CA GLY A 137 -33.22 -3.76 43.20
C GLY A 137 -33.57 -3.43 44.63
N GLN A 138 -32.58 -3.41 45.52
CA GLN A 138 -32.83 -3.04 46.92
C GLN A 138 -33.03 -1.55 47.08
N ASN A 139 -32.58 -0.74 46.12
CA ASN A 139 -32.69 0.70 46.24
C ASN A 139 -34.14 1.15 46.23
N GLU A 140 -34.44 2.15 47.04
CA GLU A 140 -35.77 2.75 46.99
C GLU A 140 -35.92 3.52 45.69
N PRO A 141 -37.01 3.30 44.93
CA PRO A 141 -37.14 4.00 43.65
C PRO A 141 -37.14 5.51 43.82
N ASP A 142 -36.51 6.19 42.88
CA ASP A 142 -36.43 7.64 42.90
C ASP A 142 -37.82 8.23 42.68
N GLN A 143 -37.90 9.57 42.74
CA GLN A 143 -39.16 10.24 42.49
C GLN A 143 -39.71 9.88 41.11
N GLY A 144 -38.83 9.64 40.15
CA GLY A 144 -39.23 9.20 38.84
C GLY A 144 -39.37 7.70 38.68
N GLY A 145 -39.22 6.95 39.76
CA GLY A 145 -39.32 5.51 39.73
C GLY A 145 -38.05 4.80 39.34
N GLN A 146 -36.98 5.52 39.03
CA GLN A 146 -35.72 4.90 38.63
C GLN A 146 -35.00 4.30 39.83
N ARG A 147 -34.41 3.12 39.63
CA ARG A 147 -33.63 2.46 40.66
C ARG A 147 -32.14 2.44 40.35
N GLY A 148 -31.75 2.58 39.10
CA GLY A 148 -30.35 2.58 38.75
C GLY A 148 -30.18 2.56 37.24
N VAL A 149 -28.92 2.63 36.83
CA VAL A 149 -28.55 2.67 35.41
C VAL A 149 -27.41 1.70 35.17
N ILE A 150 -27.50 0.97 34.07
CA ILE A 150 -26.44 0.07 33.63
C ILE A 150 -26.00 0.49 32.24
N ILE A 151 -24.73 0.83 32.10
CA ILE A 151 -24.18 1.30 30.83
C ILE A 151 -23.12 0.30 30.40
N ASN A 152 -23.37 -0.39 29.29
CA ASN A 152 -22.43 -1.35 28.74
C ASN A 152 -21.54 -0.68 27.70
N THR A 153 -20.35 -1.26 27.51
CA THR A 153 -19.45 -0.79 26.47
C THR A 153 -19.41 -1.83 25.36
N ALA A 154 -19.70 -1.39 24.14
CA ALA A 154 -19.62 -2.20 22.93
C ALA A 154 -18.60 -1.56 22.00
N SER A 155 -18.54 -2.05 20.77
CA SER A 155 -17.67 -1.47 19.76
C SER A 155 -18.43 -1.33 18.46
N VAL A 156 -17.95 -0.40 17.62
CA VAL A 156 -18.49 -0.29 16.27
C VAL A 156 -18.32 -1.60 15.51
N ALA A 157 -17.39 -2.45 15.95
CA ALA A 157 -17.23 -3.76 15.34
C ALA A 157 -18.49 -4.59 15.44
N ALA A 158 -19.39 -4.27 16.38
CA ALA A 158 -20.65 -4.99 16.46
C ALA A 158 -21.47 -4.81 15.19
N PHE A 159 -21.27 -3.71 14.47
CA PHE A 159 -21.95 -3.46 13.21
C PHE A 159 -21.04 -3.60 12.01
N GLU A 160 -19.78 -3.19 12.15
CA GLU A 160 -18.80 -3.17 11.06
C GLU A 160 -17.44 -3.59 11.62
N GLY A 161 -17.15 -4.89 11.52
CA GLY A 161 -15.92 -5.44 12.02
C GLY A 161 -14.95 -5.76 10.91
N GLN A 162 -13.77 -5.18 10.98
CA GLN A 162 -12.75 -5.38 9.95
C GLN A 162 -12.11 -6.75 10.08
N VAL A 163 -11.22 -7.07 9.14
CA VAL A 163 -10.65 -8.40 9.08
C VAL A 163 -9.95 -8.75 10.40
N GLY A 164 -9.95 -10.04 10.72
CA GLY A 164 -9.31 -10.50 11.94
C GLY A 164 -9.94 -9.95 13.20
N GLN A 165 -11.28 -9.87 13.21
CA GLN A 165 -12.01 -9.36 14.37
C GLN A 165 -13.26 -10.17 14.64
N ALA A 166 -13.24 -11.46 14.32
CA ALA A 166 -14.44 -12.28 14.42
C ALA A 166 -14.91 -12.43 15.85
N ALA A 167 -13.99 -12.77 16.77
CA ALA A 167 -14.40 -13.00 18.15
C ALA A 167 -14.81 -11.72 18.84
N TYR A 168 -14.03 -10.66 18.68
CA TYR A 168 -14.37 -9.36 19.26
C TYR A 168 -15.69 -8.87 18.73
N SER A 169 -15.89 -8.96 17.41
CA SER A 169 -17.13 -8.53 16.81
C SER A 169 -18.30 -9.37 17.32
N ALA A 170 -18.10 -10.67 17.48
CA ALA A 170 -19.16 -11.53 17.99
C ALA A 170 -19.56 -11.13 19.39
N SER A 171 -18.58 -10.88 20.25
CA SER A 171 -18.89 -10.49 21.63
C SER A 171 -19.64 -9.16 21.67
N LYS A 172 -19.16 -8.18 20.91
CA LYS A 172 -19.81 -6.88 20.95
C LYS A 172 -21.19 -6.92 20.32
N GLY A 173 -21.36 -7.73 19.27
CA GLY A 173 -22.68 -7.91 18.71
C GLY A 173 -23.64 -8.59 19.67
N GLY A 174 -23.13 -9.55 20.45
CA GLY A 174 -23.96 -10.15 21.49
C GLY A 174 -24.38 -9.14 22.53
N ILE A 175 -23.46 -8.26 22.94
CA ILE A 175 -23.81 -7.21 23.88
C ILE A 175 -24.90 -6.31 23.30
N VAL A 176 -24.72 -5.91 22.05
CA VAL A 176 -25.71 -5.05 21.39
C VAL A 176 -27.06 -5.75 21.34
N GLY A 177 -27.06 -7.05 21.01
CA GLY A 177 -28.30 -7.77 20.90
C GLY A 177 -29.02 -7.89 22.24
N MET A 178 -28.28 -8.19 23.31
CA MET A 178 -28.94 -8.37 24.60
C MET A 178 -29.23 -7.05 25.29
N THR A 179 -28.75 -5.93 24.75
CA THR A 179 -29.09 -4.64 25.35
C THR A 179 -30.59 -4.49 25.54
N LEU A 180 -31.35 -4.52 24.45
CA LEU A 180 -32.79 -4.25 24.54
C LEU A 180 -33.53 -5.30 25.36
N PRO A 181 -33.33 -6.60 25.16
CA PRO A 181 -34.05 -7.59 25.98
C PRO A 181 -33.83 -7.38 27.47
N ILE A 182 -32.61 -7.04 27.89
CA ILE A 182 -32.37 -6.78 29.31
C ILE A 182 -33.07 -5.51 29.74
N ALA A 183 -33.06 -4.49 28.88
CA ALA A 183 -33.78 -3.26 29.20
C ALA A 183 -35.26 -3.55 29.45
N ARG A 184 -35.83 -4.46 28.68
CA ARG A 184 -37.23 -4.84 28.90
C ARG A 184 -37.39 -5.68 30.15
N ASP A 185 -36.40 -6.54 30.44
CA ASP A 185 -36.49 -7.38 31.64
C ASP A 185 -36.51 -6.53 32.90
N LEU A 186 -35.66 -5.51 32.96
CA LEU A 186 -35.53 -4.68 34.15
C LEU A 186 -36.41 -3.44 34.12
N ALA A 187 -37.16 -3.22 33.04
CA ALA A 187 -38.06 -2.07 32.99
C ALA A 187 -39.05 -2.05 34.15
N PRO A 188 -39.67 -3.15 34.54
CA PRO A 188 -40.63 -3.08 35.66
C PRO A 188 -40.00 -2.58 36.95
N ILE A 189 -38.74 -2.89 37.20
CA ILE A 189 -38.07 -2.48 38.44
C ILE A 189 -37.30 -1.19 38.27
N GLY A 190 -37.52 -0.46 37.17
CA GLY A 190 -36.96 0.86 37.00
C GLY A 190 -35.45 0.91 36.94
N ILE A 191 -34.84 0.02 36.16
CA ILE A 191 -33.40 0.05 35.90
C ILE A 191 -33.21 0.29 34.41
N ARG A 192 -32.49 1.36 34.07
CA ARG A 192 -32.24 1.71 32.68
C ARG A 192 -30.96 1.02 32.20
N VAL A 193 -31.01 0.47 30.99
CA VAL A 193 -29.89 -0.22 30.38
C VAL A 193 -29.56 0.49 29.08
N MET A 194 -28.30 0.87 28.92
CA MET A 194 -27.84 1.57 27.73
C MET A 194 -26.50 0.99 27.31
N THR A 195 -26.19 1.15 26.02
CA THR A 195 -24.95 0.67 25.45
C THR A 195 -24.26 1.79 24.69
N ILE A 196 -22.94 1.84 24.82
CA ILE A 196 -22.12 2.82 24.10
C ILE A 196 -21.17 2.04 23.19
N ALA A 197 -21.13 2.44 21.92
CA ALA A 197 -20.27 1.78 20.95
C ALA A 197 -19.15 2.73 20.53
N PRO A 198 -18.12 2.90 21.36
CA PRO A 198 -17.01 3.77 20.98
C PRO A 198 -16.35 3.31 19.69
N GLY A 199 -15.62 4.23 19.07
CA GLY A 199 -14.90 3.95 17.84
C GLY A 199 -13.47 3.58 18.15
N LEU A 200 -12.54 4.52 17.92
CA LEU A 200 -11.15 4.34 18.28
C LEU A 200 -10.77 5.37 19.33
N PHE A 201 -10.17 4.90 20.43
CA PHE A 201 -9.82 5.76 21.54
C PHE A 201 -8.38 5.49 21.95
N GLY A 202 -7.74 6.53 22.48
CA GLY A 202 -6.34 6.43 22.86
C GLY A 202 -6.16 5.77 24.21
N THR A 203 -6.31 4.45 24.25
CA THR A 203 -6.19 3.66 25.47
C THR A 203 -5.28 2.48 25.20
N PRO A 204 -4.78 1.83 26.27
CA PRO A 204 -3.83 0.73 26.07
C PRO A 204 -4.34 -0.39 25.17
N LEU A 205 -5.65 -0.47 24.94
CA LEU A 205 -6.17 -1.51 24.06
C LEU A 205 -5.55 -1.42 22.66
N LEU A 206 -5.22 -0.21 22.22
CA LEU A 206 -4.60 -0.02 20.91
C LEU A 206 -3.10 -0.30 20.92
N THR A 207 -2.51 -0.57 22.08
CA THR A 207 -1.08 -0.86 22.13
C THR A 207 -0.75 -2.08 21.28
N SER A 208 -1.69 -3.01 21.12
CA SER A 208 -1.42 -4.20 20.33
C SER A 208 -1.14 -3.84 18.87
N LEU A 209 -1.90 -2.90 18.32
CA LEU A 209 -1.73 -2.54 16.93
C LEU A 209 -0.43 -1.76 16.73
N PRO A 210 0.17 -1.83 15.54
CA PRO A 210 1.33 -0.98 15.26
C PRO A 210 0.97 0.49 15.29
N GLU A 211 1.96 1.32 15.63
CA GLU A 211 1.70 2.75 15.79
C GLU A 211 1.26 3.37 14.46
N LYS A 212 1.85 2.94 13.35
CA LYS A 212 1.47 3.49 12.06
C LYS A 212 0.02 3.16 11.73
N VAL A 213 -0.42 1.95 12.06
CA VAL A 213 -1.80 1.57 11.82
C VAL A 213 -2.74 2.48 12.62
N CYS A 214 -2.40 2.72 13.88
CA CYS A 214 -3.23 3.61 14.70
C CYS A 214 -3.26 5.01 14.13
N ASN A 215 -2.11 5.51 13.68
CA ASN A 215 -2.07 6.85 13.10
C ASN A 215 -2.94 6.93 11.86
N PHE A 216 -2.87 5.92 10.98
CA PHE A 216 -3.70 5.92 9.79
C PHE A 216 -5.17 5.89 10.13
N LEU A 217 -5.55 5.01 11.07
CA LEU A 217 -6.96 4.91 11.45
C LEU A 217 -7.45 6.22 12.04
N ALA A 218 -6.63 6.87 12.87
CA ALA A 218 -7.02 8.17 13.40
C ALA A 218 -7.18 9.18 12.28
N SER A 219 -6.28 9.18 11.30
CA SER A 219 -6.40 10.07 10.15
C SER A 219 -7.66 9.78 9.35
N GLN A 220 -8.20 8.57 9.44
CA GLN A 220 -9.38 8.20 8.67
C GLN A 220 -10.70 8.56 9.35
N VAL A 221 -10.65 9.13 10.55
CA VAL A 221 -11.89 9.58 11.20
C VAL A 221 -12.34 10.87 10.53
N PRO A 222 -13.60 10.94 10.04
CA PRO A 222 -14.04 12.16 9.34
C PRO A 222 -13.80 13.42 10.15
N PHE A 223 -14.35 13.50 11.35
CA PHE A 223 -14.11 14.65 12.22
C PHE A 223 -14.57 14.36 13.64
N PRO A 224 -13.75 14.67 14.66
CA PRO A 224 -12.38 15.19 14.59
C PRO A 224 -11.41 14.10 14.14
N SER A 225 -10.42 14.43 13.31
CA SER A 225 -9.52 13.44 12.74
C SER A 225 -8.43 13.13 13.77
N ARG A 226 -8.81 12.35 14.77
CA ARG A 226 -7.88 11.95 15.83
C ARG A 226 -8.52 10.85 16.65
N LEU A 227 -7.70 10.17 17.43
CA LEU A 227 -8.20 9.11 18.30
C LEU A 227 -9.11 9.70 19.37
N GLY A 228 -10.15 8.95 19.72
CA GLY A 228 -11.08 9.44 20.73
C GLY A 228 -10.40 9.63 22.07
N ASP A 229 -10.77 10.70 22.76
CA ASP A 229 -10.26 10.99 24.09
C ASP A 229 -11.13 10.31 25.14
N PRO A 230 -10.57 9.52 26.05
CA PRO A 230 -11.42 8.84 27.05
C PRO A 230 -12.30 9.78 27.84
N ALA A 231 -11.87 11.02 28.08
CA ALA A 231 -12.72 11.99 28.75
C ALA A 231 -14.03 12.17 27.99
N GLU A 232 -13.99 12.07 26.67
CA GLU A 232 -15.21 12.17 25.88
C GLU A 232 -16.17 11.02 26.19
N TYR A 233 -15.63 9.81 26.31
CA TYR A 233 -16.46 8.66 26.68
C TYR A 233 -17.04 8.86 28.08
N ALA A 234 -16.24 9.37 29.01
CA ALA A 234 -16.74 9.63 30.35
C ALA A 234 -17.86 10.66 30.34
N HIS A 235 -17.70 11.71 29.52
CA HIS A 235 -18.75 12.71 29.40
C HIS A 235 -20.03 12.11 28.84
N LEU A 236 -19.91 11.25 27.83
CA LEU A 236 -21.10 10.60 27.29
C LEU A 236 -21.76 9.72 28.35
N VAL A 237 -20.97 9.02 29.15
CA VAL A 237 -21.53 8.19 30.21
C VAL A 237 -22.28 9.04 31.22
N GLN A 238 -21.70 10.18 31.60
CA GLN A 238 -22.39 11.09 32.52
C GLN A 238 -23.68 11.60 31.91
N ALA A 239 -23.66 11.94 30.62
CA ALA A 239 -24.88 12.39 29.96
C ALA A 239 -25.95 11.32 29.98
N ILE A 240 -25.56 10.07 29.73
CA ILE A 240 -26.54 8.97 29.79
C ILE A 240 -27.10 8.85 31.21
N ILE A 241 -26.23 8.96 32.22
CA ILE A 241 -26.70 8.84 33.60
C ILE A 241 -27.71 9.94 33.91
N GLU A 242 -27.41 11.17 33.51
CA GLU A 242 -28.27 12.30 33.85
C GLU A 242 -29.62 12.19 33.17
N ASN A 243 -29.65 11.80 31.90
CA ASN A 243 -30.90 11.78 31.15
C ASN A 243 -31.80 10.65 31.65
N PRO A 244 -33.00 10.94 32.14
CA PRO A 244 -33.89 9.86 32.60
C PRO A 244 -34.65 9.14 31.51
N PHE A 245 -34.41 9.43 30.24
CA PHE A 245 -35.20 8.86 29.16
C PHE A 245 -34.40 8.06 28.15
N LEU A 246 -33.08 8.01 28.27
CA LEU A 246 -32.25 7.19 27.39
C LEU A 246 -32.24 5.76 27.93
N ASN A 247 -32.87 4.84 27.21
CA ASN A 247 -32.98 3.46 27.67
C ASN A 247 -32.98 2.52 26.47
N GLY A 248 -32.28 1.40 26.62
CA GLY A 248 -32.31 0.35 25.62
C GLY A 248 -31.86 0.81 24.24
N GLU A 249 -30.76 1.54 24.17
CA GLU A 249 -30.25 2.04 22.90
C GLU A 249 -28.73 1.91 22.86
N VAL A 250 -28.21 1.78 21.65
CA VAL A 250 -26.77 1.75 21.39
C VAL A 250 -26.39 3.08 20.76
N ILE A 251 -25.46 3.79 21.39
CA ILE A 251 -24.99 5.09 20.91
C ILE A 251 -23.59 4.89 20.35
N ARG A 252 -23.40 5.29 19.10
CA ARG A 252 -22.11 5.13 18.41
C ARG A 252 -21.27 6.37 18.66
N LEU A 253 -20.36 6.28 19.62
CA LEU A 253 -19.41 7.36 19.90
C LEU A 253 -18.12 7.10 19.14
N ASP A 254 -18.21 7.25 17.82
CA ASP A 254 -17.15 6.85 16.91
C ASP A 254 -16.61 7.96 16.03
N GLY A 255 -17.19 9.16 16.07
CA GLY A 255 -16.72 10.23 15.22
C GLY A 255 -17.06 10.05 13.76
N ALA A 256 -18.09 9.27 13.44
CA ALA A 256 -18.58 9.06 12.08
C ALA A 256 -17.65 8.19 11.24
N ILE A 257 -16.79 7.41 11.88
CA ILE A 257 -15.87 6.53 11.17
C ILE A 257 -16.59 5.24 10.81
N ARG A 258 -16.42 4.79 9.57
CA ARG A 258 -16.89 3.49 9.13
C ARG A 258 -15.68 2.65 8.72
N MET A 259 -15.58 1.45 9.29
CA MET A 259 -14.39 0.64 9.14
C MET A 259 -14.46 -0.16 7.84
N GLN A 260 -13.48 0.03 6.98
CA GLN A 260 -13.37 -0.75 5.76
C GLN A 260 -12.70 -2.09 6.06
N PRO A 261 -12.83 -3.08 5.16
CA PRO A 261 -12.25 -4.40 5.40
C PRO A 261 -10.77 -4.33 5.78
N SER B 7 -29.04 -23.64 -10.18
CA SER B 7 -29.06 -25.09 -10.03
C SER B 7 -28.20 -25.53 -8.85
N VAL B 8 -28.66 -26.58 -8.16
CA VAL B 8 -27.95 -27.10 -6.99
C VAL B 8 -27.69 -28.58 -7.19
N LYS B 9 -27.55 -29.00 -8.44
CA LYS B 9 -27.34 -30.42 -8.75
C LYS B 9 -25.88 -30.77 -8.53
N GLY B 10 -25.64 -31.72 -7.62
CA GLY B 10 -24.30 -32.15 -7.31
C GLY B 10 -23.65 -31.46 -6.14
N LEU B 11 -24.23 -30.37 -5.64
CA LEU B 11 -23.65 -29.67 -4.51
C LEU B 11 -23.71 -30.55 -3.26
N VAL B 12 -22.70 -30.39 -2.41
CA VAL B 12 -22.62 -31.10 -1.14
C VAL B 12 -22.83 -30.09 -0.02
N ALA B 13 -23.79 -30.37 0.86
CA ALA B 13 -24.16 -29.45 1.94
C ALA B 13 -24.01 -30.15 3.28
N VAL B 14 -23.42 -29.44 4.23
CA VAL B 14 -23.31 -29.89 5.61
C VAL B 14 -24.25 -29.03 6.44
N ILE B 15 -25.28 -29.66 7.00
CA ILE B 15 -26.32 -28.96 7.74
C ILE B 15 -26.22 -29.35 9.21
N THR B 16 -25.95 -28.37 10.06
CA THR B 16 -25.90 -28.62 11.49
C THR B 16 -27.31 -28.55 12.07
N GLY B 17 -27.62 -29.48 12.97
CA GLY B 17 -28.97 -29.57 13.47
C GLY B 17 -29.97 -29.92 12.38
N GLY B 18 -29.58 -30.79 11.46
CA GLY B 18 -30.40 -31.17 10.33
C GLY B 18 -31.37 -32.30 10.60
N ALA B 19 -31.49 -32.75 11.84
CA ALA B 19 -32.40 -33.83 12.18
C ALA B 19 -33.77 -33.35 12.62
N SER B 20 -34.04 -32.05 12.55
CA SER B 20 -35.33 -31.53 12.98
C SER B 20 -35.48 -30.08 12.55
N GLY B 21 -36.73 -29.67 12.37
CA GLY B 21 -37.04 -28.27 12.16
C GLY B 21 -36.44 -27.71 10.89
N LEU B 22 -35.86 -26.51 11.01
CA LEU B 22 -35.38 -25.79 9.83
C LEU B 22 -34.28 -26.56 9.11
N GLY B 23 -33.36 -27.15 9.86
CA GLY B 23 -32.31 -27.93 9.23
C GLY B 23 -32.86 -29.11 8.44
N LEU B 24 -33.82 -29.83 9.02
CA LEU B 24 -34.42 -30.95 8.32
C LEU B 24 -35.16 -30.49 7.07
N ALA B 25 -35.86 -29.35 7.16
CA ALA B 25 -36.55 -28.83 5.98
C ALA B 25 -35.56 -28.45 4.89
N THR B 26 -34.45 -27.82 5.25
CA THR B 26 -33.43 -27.46 4.28
C THR B 26 -32.85 -28.70 3.63
N ALA B 27 -32.56 -29.73 4.42
CA ALA B 27 -32.04 -30.97 3.87
C ALA B 27 -33.05 -31.61 2.92
N GLU B 28 -34.33 -31.61 3.31
CA GLU B 28 -35.36 -32.18 2.44
C GLU B 28 -35.42 -31.44 1.11
N ARG B 29 -35.38 -30.11 1.15
CA ARG B 29 -35.46 -29.36 -0.09
C ARG B 29 -34.24 -29.61 -0.97
N LEU B 30 -33.04 -29.54 -0.38
CA LEU B 30 -31.83 -29.69 -1.17
C LEU B 30 -31.70 -31.08 -1.74
N VAL B 31 -31.85 -32.11 -0.91
CA VAL B 31 -31.71 -33.48 -1.38
C VAL B 31 -32.74 -33.79 -2.46
N GLY B 32 -33.89 -33.13 -2.40
CA GLY B 32 -34.92 -33.34 -3.42
C GLY B 32 -34.57 -32.78 -4.78
N GLN B 33 -33.45 -32.05 -4.88
CA GLN B 33 -33.02 -31.44 -6.14
C GLN B 33 -31.64 -31.94 -6.54
N GLY B 34 -31.26 -33.14 -6.11
CA GLY B 34 -30.02 -33.76 -6.50
C GLY B 34 -28.83 -33.44 -5.63
N ALA B 35 -28.97 -32.54 -4.67
CA ALA B 35 -27.85 -32.20 -3.80
C ALA B 35 -27.58 -33.34 -2.82
N SER B 36 -26.43 -33.26 -2.15
CA SER B 36 -26.03 -34.21 -1.13
C SER B 36 -25.97 -33.51 0.21
N ALA B 37 -26.49 -34.16 1.25
CA ALA B 37 -26.64 -33.56 2.56
C ALA B 37 -25.97 -34.42 3.62
N VAL B 38 -25.36 -33.76 4.60
CA VAL B 38 -24.75 -34.43 5.74
C VAL B 38 -25.37 -33.81 6.99
N LEU B 39 -26.43 -34.45 7.50
CA LEU B 39 -27.12 -33.95 8.68
C LEU B 39 -26.20 -34.10 9.88
N LEU B 40 -25.59 -33.00 10.30
CA LEU B 40 -24.70 -32.99 11.46
C LEU B 40 -25.54 -32.68 12.70
N ASP B 41 -25.70 -33.66 13.57
CA ASP B 41 -26.59 -33.49 14.71
C ASP B 41 -26.10 -34.34 15.88
N LEU B 42 -26.80 -34.22 17.00
CA LEU B 42 -26.44 -34.97 18.19
C LEU B 42 -26.76 -36.45 18.02
N PRO B 43 -26.04 -37.33 18.72
CA PRO B 43 -26.32 -38.77 18.58
C PRO B 43 -27.73 -39.15 18.99
N ASN B 44 -28.30 -38.46 19.98
CA ASN B 44 -29.62 -38.79 20.49
C ASN B 44 -30.74 -38.04 19.77
N SER B 45 -30.40 -37.22 18.78
CA SER B 45 -31.43 -36.47 18.04
C SER B 45 -32.27 -37.37 17.14
N GLY B 46 -31.89 -38.62 16.96
CA GLY B 46 -32.62 -39.51 16.06
C GLY B 46 -32.54 -39.07 14.61
N GLY B 47 -31.39 -38.54 14.19
CA GLY B 47 -31.24 -38.11 12.82
C GLY B 47 -30.96 -39.23 11.83
N GLU B 48 -30.60 -40.42 12.33
CA GLU B 48 -30.35 -41.54 11.44
C GLU B 48 -31.62 -41.93 10.69
N ALA B 49 -32.78 -41.86 11.38
CA ALA B 49 -34.04 -42.16 10.71
C ALA B 49 -34.31 -41.18 9.58
N GLN B 50 -34.08 -39.89 9.83
CA GLN B 50 -34.29 -38.89 8.79
C GLN B 50 -33.33 -39.11 7.63
N ALA B 51 -32.07 -39.42 7.93
CA ALA B 51 -31.10 -39.68 6.87
C ALA B 51 -31.52 -40.87 6.02
N LYS B 52 -32.00 -41.95 6.67
CA LYS B 52 -32.48 -43.10 5.92
C LYS B 52 -33.68 -42.73 5.06
N LYS B 53 -34.58 -41.92 5.60
CA LYS B 53 -35.76 -41.51 4.83
C LYS B 53 -35.36 -40.71 3.60
N LEU B 54 -34.40 -39.79 3.74
CA LEU B 54 -34.08 -38.89 2.65
C LEU B 54 -33.55 -39.65 1.44
N GLY B 55 -32.68 -40.62 1.66
CA GLY B 55 -32.17 -41.46 0.60
C GLY B 55 -30.67 -41.64 0.69
N ASN B 56 -30.11 -42.29 -0.34
CA ASN B 56 -28.68 -42.55 -0.36
C ASN B 56 -27.85 -41.27 -0.50
N ASN B 57 -28.45 -40.19 -0.99
CA ASN B 57 -27.72 -38.95 -1.17
C ASN B 57 -27.54 -38.18 0.13
N CYS B 58 -28.13 -38.64 1.22
CA CYS B 58 -28.03 -37.98 2.52
C CYS B 58 -27.43 -38.94 3.53
N VAL B 59 -26.57 -38.41 4.40
CA VAL B 59 -25.92 -39.18 5.44
C VAL B 59 -26.07 -38.44 6.76
N PHE B 60 -25.88 -39.17 7.86
CA PHE B 60 -26.03 -38.64 9.21
C PHE B 60 -24.69 -38.64 9.92
N ALA B 61 -24.33 -37.50 10.50
CA ALA B 61 -23.08 -37.35 11.26
C ALA B 61 -23.41 -37.03 12.70
N PRO B 62 -23.24 -37.97 13.64
CA PRO B 62 -23.47 -37.67 15.05
C PRO B 62 -22.31 -36.86 15.62
N ALA B 63 -22.55 -35.58 15.84
CA ALA B 63 -21.49 -34.69 16.32
C ALA B 63 -22.10 -33.55 17.10
N ASP B 64 -21.35 -33.06 18.08
CA ASP B 64 -21.74 -31.90 18.88
C ASP B 64 -20.96 -30.70 18.40
N VAL B 65 -21.68 -29.65 17.97
CA VAL B 65 -21.03 -28.49 17.36
C VAL B 65 -20.06 -27.84 18.33
N THR B 66 -20.34 -27.92 19.63
CA THR B 66 -19.46 -27.30 20.62
C THR B 66 -18.15 -28.05 20.80
N SER B 67 -18.02 -29.25 20.22
CA SER B 67 -16.83 -30.07 20.36
C SER B 67 -16.04 -30.04 19.06
N GLU B 68 -14.78 -29.66 19.14
CA GLU B 68 -13.95 -29.60 17.94
C GLU B 68 -13.75 -30.98 17.33
N LYS B 69 -13.50 -31.99 18.17
CA LYS B 69 -13.22 -33.32 17.67
C LYS B 69 -14.43 -33.88 16.92
N ASP B 70 -15.63 -33.70 17.47
CA ASP B 70 -16.82 -34.23 16.82
C ASP B 70 -17.06 -33.57 15.47
N VAL B 71 -16.90 -32.25 15.40
CA VAL B 71 -17.10 -31.56 14.13
C VAL B 71 -16.04 -32.00 13.12
N GLN B 72 -14.80 -32.16 13.56
CA GLN B 72 -13.76 -32.64 12.65
C GLN B 72 -14.09 -34.03 12.11
N THR B 73 -14.58 -34.91 12.99
CA THR B 73 -14.95 -36.25 12.55
C THR B 73 -16.09 -36.19 11.55
N ALA B 74 -17.10 -35.35 11.82
CA ALA B 74 -18.22 -35.23 10.89
C ALA B 74 -17.77 -34.71 9.54
N LEU B 75 -16.91 -33.70 9.52
CA LEU B 75 -16.43 -33.17 8.25
C LEU B 75 -15.58 -34.20 7.50
N ALA B 76 -14.78 -34.97 8.23
CA ALA B 76 -13.99 -36.03 7.59
C ALA B 76 -14.91 -37.08 6.98
N LEU B 77 -15.98 -37.45 7.70
CA LEU B 77 -16.94 -38.40 7.15
C LEU B 77 -17.59 -37.84 5.90
N ALA B 78 -17.98 -36.57 5.92
CA ALA B 78 -18.59 -35.95 4.75
C ALA B 78 -17.64 -35.97 3.56
N LYS B 79 -16.37 -35.62 3.79
CA LYS B 79 -15.41 -35.64 2.70
C LYS B 79 -15.21 -37.05 2.16
N GLY B 80 -15.12 -38.04 3.05
CA GLY B 80 -14.96 -39.42 2.59
C GLY B 80 -16.14 -39.90 1.78
N LYS B 81 -17.36 -39.52 2.19
CA LYS B 81 -18.55 -39.99 1.49
C LYS B 81 -18.78 -39.27 0.17
N PHE B 82 -18.40 -37.99 0.07
CA PHE B 82 -18.72 -37.20 -1.10
C PHE B 82 -17.49 -36.57 -1.73
N GLY B 83 -16.48 -36.25 -0.92
CA GLY B 83 -15.26 -35.68 -1.42
C GLY B 83 -15.23 -34.17 -1.50
N ARG B 84 -16.35 -33.50 -1.26
CA ARG B 84 -16.40 -32.05 -1.33
C ARG B 84 -17.37 -31.53 -0.27
N VAL B 85 -17.21 -30.24 0.05
CA VAL B 85 -18.15 -29.53 0.90
C VAL B 85 -18.40 -28.16 0.28
N ASP B 86 -19.54 -28.02 -0.40
CA ASP B 86 -19.82 -26.79 -1.13
C ASP B 86 -20.65 -25.81 -0.34
N VAL B 87 -21.49 -26.28 0.58
CA VAL B 87 -22.39 -25.42 1.34
C VAL B 87 -22.39 -25.85 2.79
N ALA B 88 -22.48 -24.87 3.69
CA ALA B 88 -22.64 -25.13 5.12
C ALA B 88 -23.84 -24.34 5.61
N VAL B 89 -24.67 -24.98 6.43
CA VAL B 89 -25.90 -24.37 6.95
C VAL B 89 -25.92 -24.60 8.45
N ASN B 90 -25.71 -23.54 9.22
CA ASN B 90 -25.70 -23.61 10.68
C ASN B 90 -27.11 -23.36 11.18
N CYS B 91 -27.84 -24.45 11.43
CA CYS B 91 -29.18 -24.39 12.00
C CYS B 91 -29.25 -24.98 13.40
N ALA B 92 -28.18 -25.56 13.91
CA ALA B 92 -28.20 -26.12 15.25
C ALA B 92 -28.27 -25.01 16.28
N GLY B 93 -29.11 -25.20 17.30
CA GLY B 93 -29.24 -24.22 18.36
C GLY B 93 -30.30 -24.65 19.35
N ILE B 94 -30.30 -23.97 20.49
CA ILE B 94 -31.28 -24.19 21.54
C ILE B 94 -31.79 -22.84 22.03
N ALA B 95 -32.95 -22.88 22.69
CA ALA B 95 -33.58 -21.68 23.22
C ALA B 95 -33.86 -21.87 24.71
N VAL B 96 -33.60 -20.81 25.49
CA VAL B 96 -33.85 -20.81 26.92
C VAL B 96 -34.61 -19.54 27.26
N ALA B 97 -35.66 -19.67 28.06
CA ALA B 97 -36.47 -18.54 28.50
C ALA B 97 -36.23 -18.32 29.98
N SER B 98 -35.72 -17.14 30.33
CA SER B 98 -35.46 -16.81 31.73
C SER B 98 -35.21 -15.32 31.89
N LYS B 99 -35.90 -14.69 32.82
CA LYS B 99 -35.72 -13.26 33.05
C LYS B 99 -34.34 -13.00 33.66
N THR B 100 -33.77 -11.85 33.33
CA THR B 100 -32.47 -11.48 33.87
C THR B 100 -32.52 -11.39 35.39
N TYR B 101 -33.57 -10.76 35.92
CA TYR B 101 -33.76 -10.68 37.36
C TYR B 101 -35.24 -10.47 37.64
N ASN B 102 -35.78 -11.23 38.59
CA ASN B 102 -37.19 -11.15 38.97
C ASN B 102 -37.25 -10.63 40.40
N LEU B 103 -37.55 -9.33 40.55
CA LEU B 103 -37.54 -8.73 41.87
C LEU B 103 -38.58 -9.35 42.78
N LYS B 104 -39.80 -9.58 42.26
CA LYS B 104 -40.87 -10.09 43.10
C LYS B 104 -40.50 -11.45 43.67
N LYS B 105 -39.98 -12.34 42.82
CA LYS B 105 -39.58 -13.67 43.25
C LYS B 105 -38.16 -13.72 43.80
N GLY B 106 -37.39 -12.64 43.66
CA GLY B 106 -35.99 -12.68 44.07
C GLY B 106 -35.20 -13.71 43.28
N GLN B 107 -35.52 -13.89 42.01
CA GLN B 107 -34.91 -14.90 41.17
C GLN B 107 -33.93 -14.23 40.21
N THR B 108 -32.71 -14.76 40.15
CA THR B 108 -31.66 -14.23 39.30
C THR B 108 -31.32 -15.24 38.21
N HIS B 109 -31.12 -14.74 36.99
CA HIS B 109 -30.72 -15.60 35.89
C HIS B 109 -29.45 -16.36 36.26
N THR B 110 -29.48 -17.68 36.10
CA THR B 110 -28.31 -18.49 36.39
C THR B 110 -27.27 -18.32 35.28
N LEU B 111 -26.00 -18.28 35.67
CA LEU B 111 -24.94 -18.09 34.69
C LEU B 111 -24.73 -19.36 33.85
N GLU B 112 -25.02 -20.53 34.42
CA GLU B 112 -24.81 -21.76 33.67
C GLU B 112 -25.70 -21.83 32.44
N ASP B 113 -26.96 -21.43 32.58
CA ASP B 113 -27.87 -21.45 31.44
C ASP B 113 -27.38 -20.51 30.34
N PHE B 114 -26.97 -19.31 30.72
CA PHE B 114 -26.47 -18.34 29.75
C PHE B 114 -25.23 -18.87 29.04
N GLN B 115 -24.30 -19.45 29.81
CA GLN B 115 -23.08 -19.97 29.21
C GLN B 115 -23.38 -21.12 28.26
N ARG B 116 -24.31 -22.00 28.65
CA ARG B 116 -24.69 -23.11 27.76
C ARG B 116 -25.31 -22.59 26.47
N VAL B 117 -26.18 -21.59 26.58
CA VAL B 117 -26.84 -21.06 25.39
C VAL B 117 -25.81 -20.45 24.44
N LEU B 118 -24.87 -19.67 24.98
CA LEU B 118 -23.81 -19.13 24.12
C LEU B 118 -22.95 -20.23 23.54
N ASP B 119 -22.63 -21.26 24.34
CA ASP B 119 -21.77 -22.32 23.84
C ASP B 119 -22.41 -23.04 22.66
N VAL B 120 -23.71 -23.31 22.74
CA VAL B 120 -24.37 -24.05 21.67
C VAL B 120 -24.66 -23.14 20.48
N ASN B 121 -25.38 -22.03 20.73
CA ASN B 121 -25.85 -21.20 19.62
C ASN B 121 -24.71 -20.44 18.96
N LEU B 122 -23.84 -19.82 19.75
CA LEU B 122 -22.84 -18.91 19.21
C LEU B 122 -21.48 -19.61 19.03
N MET B 123 -20.94 -20.19 20.10
CA MET B 123 -19.62 -20.82 19.99
C MET B 123 -19.65 -21.96 19.00
N GLY B 124 -20.71 -22.77 19.02
CA GLY B 124 -20.81 -23.88 18.08
C GLY B 124 -20.86 -23.41 16.64
N THR B 125 -21.59 -22.33 16.37
CA THR B 125 -21.68 -21.82 15.02
C THR B 125 -20.31 -21.39 14.50
N PHE B 126 -19.56 -20.66 15.32
CA PHE B 126 -18.22 -20.23 14.90
C PHE B 126 -17.28 -21.42 14.75
N ASN B 127 -17.40 -22.41 15.64
CA ASN B 127 -16.58 -23.60 15.51
C ASN B 127 -16.84 -24.29 14.18
N VAL B 128 -18.11 -24.45 13.82
CA VAL B 128 -18.44 -25.09 12.56
C VAL B 128 -17.92 -24.25 11.40
N ILE B 129 -18.09 -22.93 11.48
CA ILE B 129 -17.63 -22.06 10.39
C ILE B 129 -16.14 -22.22 10.18
N ARG B 130 -15.36 -22.13 11.26
CA ARG B 130 -13.91 -22.17 11.13
C ARG B 130 -13.44 -23.54 10.67
N LEU B 131 -14.09 -24.61 11.13
CA LEU B 131 -13.67 -25.94 10.74
C LEU B 131 -14.04 -26.24 9.29
N VAL B 132 -15.21 -25.79 8.85
CA VAL B 132 -15.65 -26.11 7.50
C VAL B 132 -14.95 -25.23 6.47
N ALA B 133 -14.50 -24.03 6.86
CA ALA B 133 -13.72 -23.21 5.93
C ALA B 133 -12.46 -23.94 5.50
N GLY B 134 -11.94 -24.83 6.34
CA GLY B 134 -10.76 -25.58 5.96
C GLY B 134 -11.00 -26.49 4.78
N GLU B 135 -12.11 -27.24 4.81
CA GLU B 135 -12.43 -28.12 3.70
C GLU B 135 -12.91 -27.35 2.48
N MET B 136 -13.67 -26.27 2.71
CA MET B 136 -14.12 -25.45 1.59
C MET B 136 -12.95 -24.75 0.91
N GLY B 137 -11.82 -24.61 1.59
CA GLY B 137 -10.63 -24.05 0.95
C GLY B 137 -9.95 -24.99 -0.01
N GLN B 138 -10.18 -26.30 0.14
CA GLN B 138 -9.58 -27.26 -0.79
C GLN B 138 -10.23 -27.20 -2.15
N ASN B 139 -11.52 -26.87 -2.21
CA ASN B 139 -12.22 -26.83 -3.50
C ASN B 139 -11.57 -25.82 -4.42
N GLU B 140 -11.33 -26.23 -5.66
CA GLU B 140 -10.82 -25.30 -6.65
C GLU B 140 -11.90 -24.27 -6.98
N PRO B 141 -11.54 -23.00 -7.13
CA PRO B 141 -12.56 -21.98 -7.42
C PRO B 141 -13.27 -22.29 -8.72
N ASP B 142 -14.57 -22.05 -8.74
CA ASP B 142 -15.38 -22.24 -9.94
C ASP B 142 -15.42 -20.95 -10.74
N GLN B 143 -16.14 -20.97 -11.86
CA GLN B 143 -16.34 -19.76 -12.63
C GLN B 143 -16.93 -18.68 -11.75
N GLY B 144 -16.19 -17.59 -11.56
CA GLY B 144 -16.54 -16.56 -10.60
C GLY B 144 -15.73 -16.58 -9.33
N GLY B 145 -14.96 -17.64 -9.09
CA GLY B 145 -14.07 -17.68 -7.95
C GLY B 145 -14.69 -18.15 -6.65
N GLN B 146 -15.91 -18.65 -6.68
CA GLN B 146 -16.57 -19.09 -5.45
C GLN B 146 -16.11 -20.48 -5.06
N ARG B 147 -15.68 -20.63 -3.80
CA ARG B 147 -15.30 -21.93 -3.27
C ARG B 147 -16.39 -22.57 -2.43
N GLY B 148 -17.34 -21.78 -1.92
CA GLY B 148 -18.42 -22.33 -1.13
C GLY B 148 -19.26 -21.22 -0.54
N VAL B 149 -20.29 -21.65 0.18
CA VAL B 149 -21.24 -20.72 0.81
C VAL B 149 -21.50 -21.17 2.23
N ILE B 150 -21.63 -20.21 3.13
CA ILE B 150 -21.97 -20.47 4.53
C ILE B 150 -23.19 -19.64 4.89
N ILE B 151 -24.21 -20.30 5.44
CA ILE B 151 -25.41 -19.64 5.91
C ILE B 151 -25.56 -19.95 7.39
N ASN B 152 -25.93 -18.94 8.18
CA ASN B 152 -26.16 -19.09 9.60
C ASN B 152 -27.61 -18.74 9.92
N THR B 153 -28.15 -19.36 10.97
CA THR B 153 -29.51 -19.09 11.42
C THR B 153 -29.45 -18.23 12.67
N ALA B 154 -29.70 -16.93 12.49
CA ALA B 154 -29.86 -16.01 13.60
C ALA B 154 -31.35 -15.96 13.97
N SER B 155 -31.75 -14.96 14.75
CA SER B 155 -33.16 -14.77 15.06
C SER B 155 -33.47 -13.28 15.11
N VAL B 156 -34.75 -12.96 14.93
CA VAL B 156 -35.18 -11.57 15.10
C VAL B 156 -34.92 -11.10 16.52
N ALA B 157 -34.75 -12.02 17.46
CA ALA B 157 -34.36 -11.64 18.81
C ALA B 157 -33.05 -10.87 18.81
N ALA B 158 -32.20 -11.07 17.79
CA ALA B 158 -30.98 -10.29 17.69
C ALA B 158 -31.26 -8.81 17.49
N PHE B 159 -32.47 -8.45 17.10
CA PHE B 159 -32.86 -7.06 16.89
C PHE B 159 -33.90 -6.60 17.91
N GLU B 160 -35.00 -7.33 18.06
CA GLU B 160 -36.04 -7.02 19.03
C GLU B 160 -36.33 -8.29 19.82
N GLY B 161 -35.57 -8.50 20.89
CA GLY B 161 -35.80 -9.64 21.76
C GLY B 161 -36.85 -9.35 22.81
N GLN B 162 -37.52 -10.42 23.26
CA GLN B 162 -38.59 -10.29 24.23
C GLN B 162 -38.05 -10.36 25.66
N VAL B 163 -38.96 -10.21 26.62
CA VAL B 163 -38.61 -10.40 28.02
C VAL B 163 -38.21 -11.85 28.24
N GLY B 164 -37.24 -12.06 29.13
CA GLY B 164 -36.76 -13.41 29.37
C GLY B 164 -36.11 -14.05 28.16
N GLN B 165 -35.35 -13.25 27.40
CA GLN B 165 -34.69 -13.75 26.19
C GLN B 165 -33.28 -13.20 26.08
N ALA B 166 -32.62 -12.99 27.23
CA ALA B 166 -31.32 -12.34 27.23
C ALA B 166 -30.24 -13.21 26.58
N ALA B 167 -30.17 -14.49 26.97
CA ALA B 167 -29.12 -15.36 26.45
C ALA B 167 -29.33 -15.63 24.96
N TYR B 168 -30.55 -15.95 24.56
CA TYR B 168 -30.84 -16.21 23.16
C TYR B 168 -30.53 -14.99 22.31
N SER B 169 -30.97 -13.81 22.76
CA SER B 169 -30.71 -12.59 22.03
C SER B 169 -29.21 -12.30 21.96
N ALA B 170 -28.49 -12.57 23.04
CA ALA B 170 -27.04 -12.36 23.04
C ALA B 170 -26.37 -13.23 21.99
N SER B 171 -26.73 -14.52 21.96
CA SER B 171 -26.12 -15.42 20.99
C SER B 171 -26.44 -15.00 19.56
N LYS B 172 -27.70 -14.69 19.29
CA LYS B 172 -28.08 -14.34 17.93
C LYS B 172 -27.47 -13.00 17.51
N GLY B 173 -27.39 -12.04 18.43
CA GLY B 173 -26.72 -10.79 18.13
C GLY B 173 -25.24 -10.98 17.87
N GLY B 174 -24.62 -11.90 18.59
CA GLY B 174 -23.23 -12.22 18.29
C GLY B 174 -23.07 -12.81 16.90
N ILE B 175 -23.97 -13.70 16.51
CA ILE B 175 -23.94 -14.25 15.15
C ILE B 175 -24.08 -13.12 14.14
N VAL B 176 -25.03 -12.22 14.36
CA VAL B 176 -25.25 -11.11 13.43
C VAL B 176 -24.01 -10.25 13.34
N GLY B 177 -23.40 -9.94 14.49
CA GLY B 177 -22.22 -9.08 14.47
C GLY B 177 -21.05 -9.73 13.77
N MET B 178 -20.85 -11.03 13.97
CA MET B 178 -19.71 -11.71 13.36
C MET B 178 -19.98 -12.13 11.92
N THR B 179 -21.21 -11.95 11.43
CA THR B 179 -21.50 -12.27 10.03
C THR B 179 -20.56 -11.53 9.09
N LEU B 180 -20.42 -10.22 9.27
CA LEU B 180 -19.67 -9.41 8.32
C LEU B 180 -18.16 -9.58 8.48
N PRO B 181 -17.63 -9.58 9.70
CA PRO B 181 -16.19 -9.82 9.85
C PRO B 181 -15.74 -11.12 9.21
N ILE B 182 -16.52 -12.19 9.36
CA ILE B 182 -16.14 -13.46 8.75
C ILE B 182 -16.25 -13.38 7.24
N ALA B 183 -17.25 -12.66 6.73
CA ALA B 183 -17.37 -12.48 5.29
C ALA B 183 -16.14 -11.78 4.72
N ARG B 184 -15.65 -10.75 5.43
CA ARG B 184 -14.44 -10.07 4.99
C ARG B 184 -13.23 -10.99 5.12
N ASP B 185 -13.19 -11.79 6.18
CA ASP B 185 -12.06 -12.71 6.37
C ASP B 185 -11.96 -13.70 5.23
N LEU B 186 -13.09 -14.27 4.80
CA LEU B 186 -13.10 -15.31 3.78
C LEU B 186 -13.29 -14.78 2.38
N ALA B 187 -13.43 -13.47 2.20
CA ALA B 187 -13.58 -12.92 0.86
C ALA B 187 -12.42 -13.29 -0.05
N PRO B 188 -11.16 -13.15 0.37
CA PRO B 188 -10.05 -13.58 -0.51
C PRO B 188 -10.14 -15.05 -0.87
N ILE B 189 -10.58 -15.89 0.06
CA ILE B 189 -10.70 -17.32 -0.23
C ILE B 189 -11.78 -17.56 -1.27
N GLY B 190 -12.86 -16.78 -1.21
CA GLY B 190 -13.97 -16.95 -2.14
C GLY B 190 -15.12 -17.73 -1.54
N ILE B 191 -15.42 -17.46 -0.27
CA ILE B 191 -16.52 -18.10 0.43
C ILE B 191 -17.51 -17.03 0.84
N ARG B 192 -18.76 -17.20 0.45
CA ARG B 192 -19.81 -16.24 0.79
C ARG B 192 -20.46 -16.64 2.11
N VAL B 193 -20.61 -15.66 3.00
CA VAL B 193 -21.21 -15.86 4.31
C VAL B 193 -22.46 -15.01 4.40
N MET B 194 -23.58 -15.64 4.73
CA MET B 194 -24.86 -14.96 4.86
C MET B 194 -25.55 -15.43 6.12
N THR B 195 -26.48 -14.60 6.61
CA THR B 195 -27.23 -14.90 7.81
C THR B 195 -28.71 -14.69 7.54
N ILE B 196 -29.54 -15.60 8.06
CA ILE B 196 -30.99 -15.51 7.94
C ILE B 196 -31.56 -15.37 9.36
N ALA B 197 -32.41 -14.38 9.55
CA ALA B 197 -33.03 -14.15 10.84
C ALA B 197 -34.50 -14.54 10.78
N PRO B 198 -34.82 -15.82 10.93
CA PRO B 198 -36.23 -16.23 10.91
C PRO B 198 -37.01 -15.61 12.06
N GLY B 199 -38.32 -15.48 11.84
CA GLY B 199 -39.20 -14.90 12.85
C GLY B 199 -39.86 -15.98 13.69
N LEU B 200 -41.13 -16.24 13.42
CA LEU B 200 -41.88 -17.29 14.11
C LEU B 200 -42.18 -18.40 13.10
N PHE B 201 -41.43 -19.49 13.20
CA PHE B 201 -41.60 -20.63 12.32
C PHE B 201 -42.12 -21.83 13.10
N GLY B 202 -42.97 -22.63 12.46
CA GLY B 202 -43.58 -23.75 13.13
C GLY B 202 -42.67 -24.96 13.18
N THR B 203 -42.03 -25.15 14.32
CA THR B 203 -41.05 -26.22 14.50
C THR B 203 -41.11 -26.66 15.94
N PRO B 204 -40.39 -27.74 16.30
CA PRO B 204 -40.40 -28.17 17.70
C PRO B 204 -39.94 -27.09 18.66
N LEU B 205 -39.09 -26.15 18.22
CA LEU B 205 -38.60 -25.11 19.12
C LEU B 205 -39.75 -24.35 19.76
N LEU B 206 -40.89 -24.24 19.06
CA LEU B 206 -42.03 -23.50 19.62
C LEU B 206 -42.86 -24.35 20.58
N THR B 207 -42.83 -25.68 20.44
CA THR B 207 -43.74 -26.49 21.25
C THR B 207 -43.49 -26.30 22.75
N SER B 208 -42.29 -25.86 23.13
CA SER B 208 -42.04 -25.54 24.53
C SER B 208 -42.94 -24.41 25.00
N LEU B 209 -43.13 -23.39 24.17
CA LEU B 209 -44.06 -22.32 24.51
C LEU B 209 -45.49 -22.86 24.55
N PRO B 210 -46.33 -22.33 25.45
CA PRO B 210 -47.71 -22.82 25.52
C PRO B 210 -48.46 -22.58 24.22
N GLU B 211 -49.41 -23.48 23.94
CA GLU B 211 -50.09 -23.46 22.65
C GLU B 211 -50.80 -22.13 22.43
N LYS B 212 -51.46 -21.60 23.45
CA LYS B 212 -52.19 -20.34 23.29
C LYS B 212 -51.24 -19.21 22.92
N VAL B 213 -50.07 -19.16 23.54
CA VAL B 213 -49.10 -18.12 23.23
C VAL B 213 -48.64 -18.25 21.78
N CYS B 214 -48.38 -19.48 21.33
CA CYS B 214 -47.94 -19.67 19.95
C CYS B 214 -49.02 -19.23 18.98
N ASN B 215 -50.29 -19.58 19.26
CA ASN B 215 -51.38 -19.17 18.37
C ASN B 215 -51.51 -17.65 18.35
N PHE B 216 -51.40 -17.00 19.51
CA PHE B 216 -51.48 -15.55 19.54
C PHE B 216 -50.36 -14.92 18.73
N LEU B 217 -49.13 -15.43 18.89
CA LEU B 217 -48.02 -14.92 18.11
C LEU B 217 -48.26 -15.10 16.62
N ALA B 218 -48.78 -16.26 16.23
CA ALA B 218 -49.13 -16.47 14.83
C ALA B 218 -50.13 -15.42 14.36
N SER B 219 -51.10 -15.08 15.21
CA SER B 219 -52.08 -14.06 14.85
C SER B 219 -51.45 -12.68 14.71
N GLN B 220 -50.28 -12.44 15.31
CA GLN B 220 -49.67 -11.13 15.34
C GLN B 220 -48.74 -10.86 14.15
N VAL B 221 -48.46 -11.86 13.33
CA VAL B 221 -47.64 -11.60 12.14
C VAL B 221 -48.45 -10.80 11.14
N PRO B 222 -47.97 -9.64 10.67
CA PRO B 222 -48.78 -8.83 9.75
C PRO B 222 -49.31 -9.61 8.57
N PHE B 223 -48.42 -10.23 7.80
CA PHE B 223 -48.85 -11.08 6.69
C PHE B 223 -47.70 -11.95 6.21
N PRO B 224 -47.90 -13.27 6.05
CA PRO B 224 -49.12 -14.03 6.33
C PRO B 224 -49.34 -14.17 7.83
N SER B 225 -50.59 -14.10 8.29
CA SER B 225 -50.90 -14.18 9.72
C SER B 225 -50.91 -15.65 10.15
N ARG B 226 -49.73 -16.25 10.07
CA ARG B 226 -49.56 -17.65 10.45
C ARG B 226 -48.09 -17.89 10.76
N LEU B 227 -47.82 -19.02 11.40
CA LEU B 227 -46.45 -19.40 11.70
C LEU B 227 -45.70 -19.70 10.41
N GLY B 228 -44.42 -19.34 10.37
CA GLY B 228 -43.63 -19.59 9.19
C GLY B 228 -43.46 -21.08 8.93
N ASP B 229 -43.40 -21.42 7.65
CA ASP B 229 -43.24 -22.81 7.23
C ASP B 229 -41.77 -23.13 7.04
N PRO B 230 -41.25 -24.24 7.57
CA PRO B 230 -39.84 -24.56 7.36
C PRO B 230 -39.45 -24.64 5.88
N ALA B 231 -40.36 -25.13 5.03
CA ALA B 231 -40.07 -25.15 3.60
C ALA B 231 -39.76 -23.76 3.08
N GLU B 232 -40.37 -22.74 3.67
CA GLU B 232 -40.11 -21.36 3.25
C GLU B 232 -38.68 -20.95 3.59
N TYR B 233 -38.20 -21.32 4.78
CA TYR B 233 -36.81 -21.09 5.13
C TYR B 233 -35.88 -21.85 4.19
N ALA B 234 -36.22 -23.08 3.84
CA ALA B 234 -35.40 -23.85 2.91
C ALA B 234 -35.36 -23.15 1.55
N HIS B 235 -36.49 -22.63 1.10
CA HIS B 235 -36.51 -21.91 -0.18
C HIS B 235 -35.61 -20.69 -0.12
N LEU B 236 -35.65 -19.94 0.98
CA LEU B 236 -34.76 -18.79 1.10
C LEU B 236 -33.30 -19.23 1.09
N VAL B 237 -32.98 -20.33 1.76
CA VAL B 237 -31.60 -20.82 1.78
C VAL B 237 -31.15 -21.18 0.37
N GLN B 238 -32.00 -21.87 -0.39
CA GLN B 238 -31.65 -22.21 -1.76
C GLN B 238 -31.46 -20.96 -2.60
N ALA B 239 -32.32 -19.96 -2.42
CA ALA B 239 -32.17 -18.72 -3.15
C ALA B 239 -30.83 -18.05 -2.84
N ILE B 240 -30.43 -18.06 -1.56
CA ILE B 240 -29.14 -17.51 -1.20
C ILE B 240 -28.01 -18.28 -1.87
N ILE B 241 -28.12 -19.61 -1.87
CA ILE B 241 -27.07 -20.43 -2.47
C ILE B 241 -26.94 -20.11 -3.96
N GLU B 242 -28.08 -20.03 -4.66
CA GLU B 242 -28.04 -19.82 -6.10
C GLU B 242 -27.48 -18.44 -6.45
N ASN B 243 -27.86 -17.42 -5.71
CA ASN B 243 -27.42 -16.06 -6.02
C ASN B 243 -25.95 -15.89 -5.67
N PRO B 244 -25.08 -15.54 -6.63
CA PRO B 244 -23.65 -15.45 -6.32
C PRO B 244 -23.21 -14.10 -5.79
N PHE B 245 -24.16 -13.26 -5.37
CA PHE B 245 -23.84 -11.89 -4.95
C PHE B 245 -24.29 -11.53 -3.55
N LEU B 246 -25.09 -12.36 -2.90
CA LEU B 246 -25.50 -12.11 -1.53
C LEU B 246 -24.38 -12.52 -0.58
N ASN B 247 -23.83 -11.56 0.16
CA ASN B 247 -22.69 -11.83 1.01
C ASN B 247 -22.70 -10.87 2.19
N GLY B 248 -22.44 -11.40 3.38
CA GLY B 248 -22.33 -10.57 4.57
C GLY B 248 -23.54 -9.72 4.85
N GLU B 249 -24.73 -10.30 4.74
CA GLU B 249 -25.98 -9.58 4.93
C GLU B 249 -26.93 -10.44 5.74
N VAL B 250 -27.72 -9.80 6.59
CA VAL B 250 -28.72 -10.47 7.42
C VAL B 250 -30.09 -10.25 6.77
N ILE B 251 -30.79 -11.33 6.50
CA ILE B 251 -32.13 -11.28 5.91
C ILE B 251 -33.12 -11.68 6.98
N ARG B 252 -34.09 -10.80 7.25
CA ARG B 252 -35.11 -11.06 8.27
C ARG B 252 -36.28 -11.77 7.59
N LEU B 253 -36.25 -13.09 7.62
CA LEU B 253 -37.36 -13.91 7.10
C LEU B 253 -38.39 -14.05 8.22
N ASP B 254 -39.01 -12.92 8.56
CA ASP B 254 -39.88 -12.82 9.72
C ASP B 254 -41.35 -12.57 9.41
N GLY B 255 -41.68 -12.19 8.18
CA GLY B 255 -43.06 -11.87 7.85
C GLY B 255 -43.52 -10.52 8.30
N ALA B 256 -42.60 -9.58 8.54
CA ALA B 256 -42.86 -8.20 8.93
C ALA B 256 -43.22 -8.07 10.41
N ILE B 257 -43.06 -9.12 11.20
CA ILE B 257 -43.36 -9.05 12.62
C ILE B 257 -42.24 -8.29 13.34
N ARG B 258 -42.63 -7.48 14.32
CA ARG B 258 -41.69 -6.79 15.20
C ARG B 258 -42.08 -7.14 16.63
N MET B 259 -41.26 -7.94 17.29
CA MET B 259 -41.65 -8.53 18.56
C MET B 259 -41.80 -7.45 19.63
N GLN B 260 -42.93 -7.46 20.33
CA GLN B 260 -43.18 -6.53 21.41
C GLN B 260 -42.59 -7.07 22.71
N PRO B 261 -42.42 -6.20 23.73
CA PRO B 261 -41.81 -6.62 24.99
C PRO B 261 -42.42 -7.90 25.56
N SER C 7 -43.30 -21.50 -9.60
CA SER C 7 -42.90 -20.74 -10.77
C SER C 7 -43.62 -19.40 -10.81
N VAL C 8 -43.39 -18.64 -11.89
CA VAL C 8 -43.97 -17.32 -12.07
C VAL C 8 -44.84 -17.26 -13.32
N LYS C 9 -45.15 -18.40 -13.93
CA LYS C 9 -45.95 -18.40 -15.15
C LYS C 9 -47.31 -17.77 -14.89
N GLY C 10 -47.71 -16.84 -15.75
CA GLY C 10 -49.00 -16.20 -15.67
C GLY C 10 -49.02 -14.91 -14.88
N LEU C 11 -48.02 -14.66 -14.05
CA LEU C 11 -48.00 -13.44 -13.26
C LEU C 11 -47.80 -12.23 -14.16
N VAL C 12 -48.46 -11.13 -13.81
CA VAL C 12 -48.34 -9.86 -14.53
C VAL C 12 -47.55 -8.91 -13.64
N ALA C 13 -46.48 -8.35 -14.21
CA ALA C 13 -45.58 -7.48 -13.47
C ALA C 13 -45.52 -6.11 -14.12
N VAL C 14 -45.57 -5.08 -13.29
CA VAL C 14 -45.40 -3.69 -13.71
C VAL C 14 -44.03 -3.24 -13.21
N ILE C 15 -43.11 -2.99 -14.13
CA ILE C 15 -41.74 -2.63 -13.79
C ILE C 15 -41.54 -1.18 -14.19
N THR C 16 -41.29 -0.33 -13.21
CA THR C 16 -41.00 1.07 -13.47
C THR C 16 -39.54 1.23 -13.86
N GLY C 17 -39.28 2.07 -14.86
CA GLY C 17 -37.94 2.19 -15.37
C GLY C 17 -37.41 0.88 -15.94
N GLY C 18 -38.27 0.13 -16.60
CA GLY C 18 -37.89 -1.16 -17.15
C GLY C 18 -37.21 -1.12 -18.49
N ALA C 19 -36.94 0.07 -19.03
CA ALA C 19 -36.30 0.20 -20.33
C ALA C 19 -34.78 0.14 -20.24
N SER C 20 -34.21 0.02 -19.05
CA SER C 20 -32.76 0.00 -18.91
C SER C 20 -32.38 -0.59 -17.56
N GLY C 21 -31.15 -1.11 -17.51
CA GLY C 21 -30.55 -1.50 -16.24
C GLY C 21 -31.34 -2.57 -15.51
N LEU C 22 -31.50 -2.36 -14.21
CA LEU C 22 -32.07 -3.38 -13.35
C LEU C 22 -33.51 -3.71 -13.74
N GLY C 23 -34.30 -2.68 -14.05
CA GLY C 23 -35.67 -2.93 -14.46
C GLY C 23 -35.74 -3.77 -15.74
N LEU C 24 -34.90 -3.43 -16.72
CA LEU C 24 -34.89 -4.21 -17.95
C LEU C 24 -34.46 -5.65 -17.68
N ALA C 25 -33.44 -5.84 -16.85
CA ALA C 25 -32.98 -7.21 -16.56
C ALA C 25 -34.08 -8.01 -15.87
N THR C 26 -34.79 -7.39 -14.91
CA THR C 26 -35.90 -8.06 -14.27
C THR C 26 -36.98 -8.43 -15.28
N ALA C 27 -37.25 -7.52 -16.22
CA ALA C 27 -38.24 -7.80 -17.25
C ALA C 27 -37.82 -9.00 -18.09
N GLU C 28 -36.55 -9.03 -18.50
CA GLU C 28 -36.07 -10.17 -19.29
C GLU C 28 -36.23 -11.48 -18.51
N ARG C 29 -35.80 -11.49 -17.24
CA ARG C 29 -35.88 -12.73 -16.48
C ARG C 29 -37.33 -13.17 -16.30
N LEU C 30 -38.23 -12.25 -15.96
CA LEU C 30 -39.61 -12.63 -15.72
C LEU C 30 -40.29 -13.08 -17.00
N VAL C 31 -40.08 -12.37 -18.11
CA VAL C 31 -40.71 -12.78 -19.36
C VAL C 31 -40.18 -14.12 -19.82
N GLY C 32 -38.87 -14.33 -19.71
CA GLY C 32 -38.31 -15.62 -20.09
C GLY C 32 -38.89 -16.77 -19.29
N GLN C 33 -39.35 -16.50 -18.08
CA GLN C 33 -39.96 -17.52 -17.24
C GLN C 33 -41.44 -17.71 -17.54
N GLY C 34 -42.01 -16.95 -18.47
CA GLY C 34 -43.40 -17.10 -18.85
C GLY C 34 -44.34 -16.06 -18.27
N ALA C 35 -43.83 -15.06 -17.56
CA ALA C 35 -44.66 -14.04 -16.95
C ALA C 35 -45.02 -13.00 -18.02
N SER C 36 -45.69 -11.93 -17.58
CA SER C 36 -46.02 -10.81 -18.45
C SER C 36 -45.53 -9.53 -17.80
N ALA C 37 -45.03 -8.60 -18.61
CA ALA C 37 -44.36 -7.41 -18.10
C ALA C 37 -44.91 -6.16 -18.77
N VAL C 38 -44.94 -5.07 -18.00
CA VAL C 38 -45.36 -3.76 -18.48
C VAL C 38 -44.25 -2.79 -18.12
N LEU C 39 -43.34 -2.56 -19.06
CA LEU C 39 -42.22 -1.65 -18.85
C LEU C 39 -42.74 -0.22 -18.78
N LEU C 40 -42.88 0.29 -17.57
CA LEU C 40 -43.34 1.66 -17.36
C LEU C 40 -42.12 2.57 -17.32
N ASP C 41 -42.02 3.48 -18.29
CA ASP C 41 -40.83 4.30 -18.41
C ASP C 41 -41.18 5.61 -19.12
N LEU C 42 -40.16 6.46 -19.28
CA LEU C 42 -40.37 7.76 -19.88
C LEU C 42 -40.63 7.61 -21.38
N PRO C 43 -41.32 8.60 -21.98
CA PRO C 43 -41.65 8.48 -23.41
C PRO C 43 -40.43 8.35 -24.31
N ASN C 44 -39.31 9.00 -23.97
CA ASN C 44 -38.14 9.04 -24.83
C ASN C 44 -36.99 8.20 -24.26
N SER C 45 -37.31 7.14 -23.53
CA SER C 45 -36.30 6.27 -22.94
C SER C 45 -35.95 5.08 -23.83
N GLY C 46 -36.54 4.99 -25.02
CA GLY C 46 -36.26 3.87 -25.89
C GLY C 46 -36.80 2.55 -25.40
N GLY C 47 -37.83 2.57 -24.55
CA GLY C 47 -38.39 1.34 -24.02
C GLY C 47 -39.23 0.57 -25.02
N GLU C 48 -39.72 1.23 -26.07
CA GLU C 48 -40.51 0.53 -27.06
C GLU C 48 -39.70 -0.55 -27.77
N ALA C 49 -38.43 -0.27 -28.05
CA ALA C 49 -37.57 -1.27 -28.68
C ALA C 49 -37.40 -2.48 -27.76
N GLN C 50 -37.18 -2.24 -26.47
CA GLN C 50 -37.05 -3.35 -25.53
C GLN C 50 -38.33 -4.16 -25.45
N ALA C 51 -39.48 -3.47 -25.40
CA ALA C 51 -40.75 -4.18 -25.34
C ALA C 51 -40.97 -5.03 -26.59
N LYS C 52 -40.63 -4.50 -27.76
CA LYS C 52 -40.75 -5.28 -28.99
C LYS C 52 -39.81 -6.48 -28.96
N LYS C 53 -38.60 -6.29 -28.44
CA LYS C 53 -37.62 -7.37 -28.39
C LYS C 53 -38.03 -8.48 -27.44
N LEU C 54 -38.84 -8.18 -26.43
CA LEU C 54 -39.18 -9.16 -25.40
C LEU C 54 -40.39 -10.01 -25.75
N GLY C 55 -41.04 -9.77 -26.88
CA GLY C 55 -42.14 -10.60 -27.33
C GLY C 55 -43.49 -9.99 -27.03
N ASN C 56 -44.52 -10.80 -27.27
CA ASN C 56 -45.90 -10.35 -27.12
C ASN C 56 -46.32 -10.24 -25.66
N ASN C 57 -45.61 -10.90 -24.74
CA ASN C 57 -45.97 -10.87 -23.33
C ASN C 57 -45.45 -9.62 -22.63
N CYS C 58 -44.70 -8.78 -23.32
CA CYS C 58 -44.17 -7.54 -22.75
C CYS C 58 -44.75 -6.36 -23.51
N VAL C 59 -45.19 -5.35 -22.77
CA VAL C 59 -45.74 -4.13 -23.36
C VAL C 59 -45.03 -2.94 -22.75
N PHE C 60 -45.12 -1.80 -23.44
CA PHE C 60 -44.45 -0.57 -23.02
C PHE C 60 -45.48 0.48 -22.63
N ALA C 61 -45.22 1.16 -21.51
CA ALA C 61 -46.10 2.22 -21.02
C ALA C 61 -45.29 3.49 -20.84
N PRO C 62 -45.44 4.48 -21.74
CA PRO C 62 -44.74 5.76 -21.56
C PRO C 62 -45.41 6.60 -20.48
N ALA C 63 -44.78 6.68 -19.33
CA ALA C 63 -45.35 7.40 -18.19
C ALA C 63 -44.23 7.90 -17.29
N ASP C 64 -44.50 9.02 -16.63
CA ASP C 64 -43.59 9.59 -15.65
C ASP C 64 -44.12 9.29 -14.27
N VAL C 65 -43.33 8.57 -13.47
CA VAL C 65 -43.79 8.14 -12.15
C VAL C 65 -44.15 9.34 -11.29
N THR C 66 -43.49 10.48 -11.50
CA THR C 66 -43.77 11.66 -10.70
C THR C 66 -45.16 12.24 -10.96
N SER C 67 -45.82 11.85 -12.03
CA SER C 67 -47.12 12.38 -12.41
C SER C 67 -48.20 11.33 -12.19
N GLU C 68 -49.24 11.70 -11.45
CA GLU C 68 -50.31 10.76 -11.15
C GLU C 68 -51.04 10.31 -12.40
N LYS C 69 -51.33 11.25 -13.30
CA LYS C 69 -52.15 10.92 -14.47
C LYS C 69 -51.46 9.89 -15.35
N ASP C 70 -50.16 10.05 -15.58
CA ASP C 70 -49.44 9.14 -16.46
C ASP C 70 -49.38 7.74 -15.86
N VAL C 71 -49.14 7.64 -14.55
CA VAL C 71 -49.11 6.34 -13.90
C VAL C 71 -50.48 5.68 -13.96
N GLN C 72 -51.55 6.46 -13.75
CA GLN C 72 -52.89 5.91 -13.86
C GLN C 72 -53.16 5.39 -15.27
N THR C 73 -52.74 6.15 -16.28
CA THR C 73 -52.92 5.71 -17.66
C THR C 73 -52.15 4.42 -17.92
N ALA C 74 -50.92 4.34 -17.42
CA ALA C 74 -50.12 3.13 -17.63
C ALA C 74 -50.76 1.93 -16.97
N LEU C 75 -51.25 2.09 -15.74
CA LEU C 75 -51.91 0.98 -15.06
C LEU C 75 -53.19 0.57 -15.78
N ALA C 76 -53.95 1.54 -16.28
CA ALA C 76 -55.15 1.21 -17.05
C ALA C 76 -54.79 0.42 -18.30
N LEU C 77 -53.73 0.85 -18.99
CA LEU C 77 -53.28 0.11 -20.18
C LEU C 77 -52.87 -1.31 -19.81
N ALA C 78 -52.15 -1.47 -18.69
CA ALA C 78 -51.73 -2.79 -18.26
C ALA C 78 -52.93 -3.68 -17.97
N LYS C 79 -53.93 -3.14 -17.27
CA LYS C 79 -55.13 -3.92 -16.98
C LYS C 79 -55.84 -4.30 -18.28
N GLY C 80 -55.96 -3.35 -19.21
CA GLY C 80 -56.63 -3.66 -20.47
C GLY C 80 -55.91 -4.75 -21.24
N LYS C 81 -54.58 -4.71 -21.26
CA LYS C 81 -53.82 -5.68 -22.05
C LYS C 81 -53.83 -7.06 -21.39
N PHE C 82 -53.65 -7.11 -20.07
CA PHE C 82 -53.48 -8.38 -19.37
C PHE C 82 -54.60 -8.72 -18.41
N GLY C 83 -55.31 -7.71 -17.89
CA GLY C 83 -56.46 -7.95 -17.05
C GLY C 83 -56.20 -7.89 -15.56
N ARG C 84 -54.94 -8.00 -15.13
CA ARG C 84 -54.63 -7.99 -13.71
C ARG C 84 -53.18 -7.59 -13.52
N VAL C 85 -52.87 -7.18 -12.28
CA VAL C 85 -51.51 -6.86 -11.87
C VAL C 85 -51.17 -7.70 -10.66
N ASP C 86 -50.07 -8.44 -10.73
CA ASP C 86 -49.67 -9.32 -9.65
C ASP C 86 -48.39 -8.89 -8.94
N VAL C 87 -47.48 -8.20 -9.63
CA VAL C 87 -46.21 -7.79 -9.06
C VAL C 87 -45.90 -6.37 -9.52
N ALA C 88 -45.25 -5.62 -8.65
CA ALA C 88 -44.75 -4.28 -8.98
C ALA C 88 -43.30 -4.20 -8.59
N VAL C 89 -42.48 -3.60 -9.46
CA VAL C 89 -41.05 -3.47 -9.24
C VAL C 89 -40.67 -2.02 -9.53
N ASN C 90 -40.38 -1.26 -8.46
CA ASN C 90 -40.00 0.14 -8.58
C ASN C 90 -38.49 0.21 -8.76
N CYS C 91 -38.07 0.28 -10.02
CA CYS C 91 -36.67 0.44 -10.37
C CYS C 91 -36.35 1.80 -10.97
N ALA C 92 -37.36 2.61 -11.27
CA ALA C 92 -37.10 3.94 -11.81
C ALA C 92 -36.42 4.82 -10.78
N GLY C 93 -35.50 5.65 -11.25
CA GLY C 93 -34.79 6.55 -10.37
C GLY C 93 -33.65 7.24 -11.09
N ILE C 94 -33.16 8.29 -10.46
CA ILE C 94 -32.03 9.07 -10.97
C ILE C 94 -31.04 9.30 -9.84
N ALA C 95 -29.82 9.62 -10.22
CA ALA C 95 -28.74 9.88 -9.27
C ALA C 95 -28.14 11.25 -9.53
N VAL C 96 -27.89 11.98 -8.45
CA VAL C 96 -27.24 13.29 -8.52
C VAL C 96 -26.18 13.34 -7.44
N ALA C 97 -24.97 13.78 -7.82
CA ALA C 97 -23.86 13.90 -6.90
C ALA C 97 -23.51 15.39 -6.75
N SER C 98 -23.51 15.87 -5.50
CA SER C 98 -23.18 17.25 -5.23
C SER C 98 -22.92 17.46 -3.74
N LYS C 99 -21.80 18.09 -3.41
CA LYS C 99 -21.46 18.31 -2.01
C LYS C 99 -22.46 19.28 -1.38
N THR C 100 -22.75 19.06 -0.10
CA THR C 100 -23.69 19.93 0.60
C THR C 100 -23.19 21.37 0.61
N TYR C 101 -21.91 21.57 0.89
CA TYR C 101 -21.32 22.90 0.85
C TYR C 101 -19.82 22.76 0.65
N ASN C 102 -19.26 23.57 -0.24
CA ASN C 102 -17.84 23.57 -0.54
C ASN C 102 -17.26 24.90 -0.06
N LEU C 103 -16.51 24.85 1.05
CA LEU C 103 -15.98 26.08 1.62
C LEU C 103 -14.99 26.75 0.68
N LYS C 104 -14.11 25.97 0.05
CA LYS C 104 -13.09 26.56 -0.80
C LYS C 104 -13.70 27.32 -1.97
N LYS C 105 -14.69 26.72 -2.63
CA LYS C 105 -15.35 27.35 -3.76
C LYS C 105 -16.54 28.20 -3.36
N GLY C 106 -16.96 28.15 -2.10
CA GLY C 106 -18.14 28.89 -1.68
C GLY C 106 -19.38 28.50 -2.45
N GLN C 107 -19.53 27.21 -2.76
CA GLN C 107 -20.62 26.70 -3.55
C GLN C 107 -21.57 25.91 -2.67
N THR C 108 -22.85 26.27 -2.70
CA THR C 108 -23.86 25.61 -1.88
C THR C 108 -24.68 24.65 -2.74
N HIS C 109 -25.09 23.54 -2.12
CA HIS C 109 -25.90 22.56 -2.82
C HIS C 109 -27.17 23.20 -3.35
N THR C 110 -27.46 22.96 -4.62
CA THR C 110 -28.66 23.52 -5.23
C THR C 110 -29.90 22.84 -4.65
N LEU C 111 -30.93 23.65 -4.38
CA LEU C 111 -32.16 23.10 -3.82
C LEU C 111 -32.99 22.38 -4.87
N GLU C 112 -32.96 22.86 -6.12
CA GLU C 112 -33.73 22.20 -7.17
C GLU C 112 -33.23 20.78 -7.41
N ASP C 113 -31.92 20.55 -7.29
CA ASP C 113 -31.39 19.20 -7.45
C ASP C 113 -31.98 18.28 -6.38
N PHE C 114 -31.98 18.73 -5.13
CA PHE C 114 -32.56 17.94 -4.05
C PHE C 114 -34.04 17.68 -4.31
N GLN C 115 -34.77 18.72 -4.73
CA GLN C 115 -36.20 18.58 -4.95
C GLN C 115 -36.49 17.56 -6.05
N ARG C 116 -35.77 17.64 -7.16
CA ARG C 116 -36.05 16.73 -8.27
C ARG C 116 -35.62 15.31 -7.93
N VAL C 117 -34.51 15.15 -7.21
CA VAL C 117 -34.10 13.81 -6.79
C VAL C 117 -35.16 13.19 -5.90
N LEU C 118 -35.69 13.97 -4.94
CA LEU C 118 -36.79 13.44 -4.12
C LEU C 118 -38.00 13.10 -4.98
N ASP C 119 -38.35 13.99 -5.91
CA ASP C 119 -39.56 13.78 -6.70
C ASP C 119 -39.47 12.48 -7.50
N VAL C 120 -38.31 12.22 -8.10
CA VAL C 120 -38.18 11.02 -8.93
C VAL C 120 -38.00 9.78 -8.07
N ASN C 121 -37.00 9.79 -7.18
CA ASN C 121 -36.62 8.57 -6.47
C ASN C 121 -37.66 8.20 -5.42
N LEU C 122 -38.11 9.17 -4.62
CA LEU C 122 -38.96 8.89 -3.47
C LEU C 122 -40.44 9.12 -3.76
N MET C 123 -40.80 10.33 -4.18
CA MET C 123 -42.21 10.63 -4.42
C MET C 123 -42.79 9.74 -5.51
N GLY C 124 -42.05 9.54 -6.59
CA GLY C 124 -42.53 8.69 -7.66
C GLY C 124 -42.74 7.26 -7.20
N THR C 125 -41.82 6.75 -6.38
CA THR C 125 -41.96 5.38 -5.89
C THR C 125 -43.23 5.23 -5.05
N PHE C 126 -43.50 6.19 -4.17
CA PHE C 126 -44.71 6.11 -3.35
C PHE C 126 -45.97 6.26 -4.21
N ASN C 127 -45.92 7.14 -5.21
CA ASN C 127 -47.06 7.29 -6.12
C ASN C 127 -47.37 5.96 -6.81
N VAL C 128 -46.34 5.33 -7.36
CA VAL C 128 -46.53 4.03 -8.01
C VAL C 128 -47.04 3.01 -7.01
N ILE C 129 -46.49 3.03 -5.79
CA ILE C 129 -46.90 2.05 -4.79
C ILE C 129 -48.38 2.18 -4.49
N ARG C 130 -48.84 3.40 -4.24
CA ARG C 130 -50.25 3.59 -3.87
C ARG C 130 -51.16 3.22 -5.04
N LEU C 131 -50.83 3.68 -6.26
CA LEU C 131 -51.70 3.39 -7.39
C LEU C 131 -51.74 1.90 -7.69
N VAL C 132 -50.58 1.23 -7.66
CA VAL C 132 -50.55 -0.19 -7.98
C VAL C 132 -51.20 -1.00 -6.86
N ALA C 133 -51.11 -0.53 -5.61
CA ALA C 133 -51.82 -1.21 -4.54
C ALA C 133 -53.33 -1.10 -4.73
N GLY C 134 -53.80 0.08 -5.13
CA GLY C 134 -55.20 0.21 -5.48
C GLY C 134 -55.60 -0.74 -6.59
N GLU C 135 -54.74 -0.88 -7.60
CA GLU C 135 -55.01 -1.82 -8.68
C GLU C 135 -55.06 -3.26 -8.18
N MET C 136 -54.10 -3.65 -7.34
CA MET C 136 -54.02 -5.03 -6.86
C MET C 136 -55.16 -5.36 -5.91
N GLY C 137 -55.73 -4.36 -5.24
CA GLY C 137 -56.79 -4.65 -4.29
C GLY C 137 -57.93 -5.44 -4.88
N GLN C 138 -58.15 -5.34 -6.19
CA GLN C 138 -59.22 -6.05 -6.85
C GLN C 138 -58.89 -7.51 -7.12
N ASN C 139 -57.63 -7.92 -6.99
CA ASN C 139 -57.26 -9.30 -7.24
C ASN C 139 -57.90 -10.22 -6.21
N GLU C 140 -58.32 -11.40 -6.67
CA GLU C 140 -58.83 -12.41 -5.75
C GLU C 140 -57.68 -13.05 -5.00
N PRO C 141 -57.71 -13.08 -3.67
CA PRO C 141 -56.59 -13.66 -2.93
C PRO C 141 -56.41 -15.13 -3.29
N ASP C 142 -55.15 -15.55 -3.36
CA ASP C 142 -54.82 -16.93 -3.68
C ASP C 142 -55.05 -17.80 -2.45
N GLN C 143 -54.64 -19.08 -2.53
CA GLN C 143 -54.81 -19.97 -1.39
C GLN C 143 -54.10 -19.45 -0.15
N GLY C 144 -52.99 -18.74 -0.34
CA GLY C 144 -52.26 -18.17 0.77
C GLY C 144 -52.76 -16.82 1.24
N GLY C 145 -53.80 -16.27 0.61
CA GLY C 145 -54.32 -14.98 0.99
C GLY C 145 -53.57 -13.80 0.42
N GLN C 146 -52.64 -14.03 -0.51
CA GLN C 146 -51.83 -12.97 -1.08
C GLN C 146 -52.51 -12.41 -2.33
N ARG C 147 -52.50 -11.08 -2.44
CA ARG C 147 -53.05 -10.40 -3.60
C ARG C 147 -51.98 -9.86 -4.55
N GLY C 148 -50.77 -9.61 -4.05
CA GLY C 148 -49.72 -9.09 -4.89
C GLY C 148 -48.46 -8.87 -4.09
N VAL C 149 -47.41 -8.45 -4.79
CA VAL C 149 -46.12 -8.18 -4.20
C VAL C 149 -45.58 -6.88 -4.77
N ILE C 150 -44.95 -6.07 -3.92
CA ILE C 150 -44.35 -4.81 -4.31
C ILE C 150 -42.89 -4.82 -3.86
N ILE C 151 -41.98 -4.55 -4.77
CA ILE C 151 -40.55 -4.51 -4.50
C ILE C 151 -40.04 -3.14 -4.90
N ASN C 152 -39.17 -2.57 -4.08
CA ASN C 152 -38.59 -1.25 -4.32
C ASN C 152 -37.08 -1.37 -4.44
N THR C 153 -36.49 -0.47 -5.21
CA THR C 153 -35.04 -0.43 -5.38
C THR C 153 -34.48 0.70 -4.53
N ALA C 154 -33.99 0.36 -3.35
CA ALA C 154 -33.25 1.28 -2.50
C ALA C 154 -31.77 1.23 -2.91
N SER C 155 -30.88 1.76 -2.09
CA SER C 155 -29.45 1.67 -2.35
C SER C 155 -28.71 1.52 -1.03
N VAL C 156 -27.51 0.94 -1.12
CA VAL C 156 -26.64 0.87 0.04
C VAL C 156 -26.30 2.25 0.55
N ALA C 157 -26.38 3.27 -0.31
CA ALA C 157 -26.16 4.65 0.13
C ALA C 157 -27.05 4.97 1.33
N ALA C 158 -28.31 4.56 1.27
CA ALA C 158 -29.24 4.83 2.37
C ALA C 158 -28.63 4.51 3.73
N PHE C 159 -27.65 3.60 3.76
CA PHE C 159 -26.96 3.27 5.00
C PHE C 159 -25.59 3.92 5.11
N GLU C 160 -24.82 3.98 4.03
CA GLU C 160 -23.46 4.53 4.07
C GLU C 160 -23.18 5.38 2.85
N GLY C 161 -24.11 6.26 2.50
CA GLY C 161 -23.90 7.17 1.38
C GLY C 161 -22.61 7.95 1.52
N GLN C 162 -21.88 8.10 0.42
CA GLN C 162 -20.57 8.74 0.44
C GLN C 162 -20.72 10.26 0.36
N VAL C 163 -19.60 10.95 0.15
CA VAL C 163 -19.61 12.39 -0.01
C VAL C 163 -20.35 12.75 -1.30
N GLY C 164 -21.17 13.80 -1.23
CA GLY C 164 -21.90 14.27 -2.39
C GLY C 164 -23.17 13.52 -2.68
N GLN C 165 -23.54 12.52 -1.87
CA GLN C 165 -24.75 11.74 -2.07
C GLN C 165 -25.85 12.14 -1.10
N ALA C 166 -25.95 13.43 -0.78
CA ALA C 166 -26.95 13.87 0.19
C ALA C 166 -28.36 13.60 -0.31
N ALA C 167 -28.68 14.04 -1.52
CA ALA C 167 -30.03 13.88 -2.04
C ALA C 167 -30.34 12.42 -2.33
N TYR C 168 -29.42 11.71 -2.98
CA TYR C 168 -29.64 10.31 -3.28
C TYR C 168 -29.82 9.51 -2.00
N SER C 169 -28.96 9.76 -1.01
CA SER C 169 -29.08 9.06 0.26
C SER C 169 -30.40 9.40 0.95
N ALA C 170 -30.81 10.66 0.89
CA ALA C 170 -32.08 11.04 1.49
C ALA C 170 -33.24 10.26 0.87
N SER C 171 -33.28 10.21 -0.47
CA SER C 171 -34.36 9.51 -1.14
C SER C 171 -34.36 8.03 -0.81
N LYS C 172 -33.19 7.39 -0.85
CA LYS C 172 -33.13 5.96 -0.59
C LYS C 172 -33.45 5.65 0.86
N GLY C 173 -32.99 6.49 1.79
CA GLY C 173 -33.35 6.30 3.18
C GLY C 173 -34.82 6.49 3.42
N GLY C 174 -35.45 7.42 2.70
CA GLY C 174 -36.89 7.54 2.77
C GLY C 174 -37.60 6.30 2.30
N ILE C 175 -37.13 5.71 1.21
CA ILE C 175 -37.72 4.46 0.73
C ILE C 175 -37.58 3.38 1.80
N VAL C 176 -36.38 3.26 2.38
CA VAL C 176 -36.14 2.24 3.39
C VAL C 176 -37.07 2.46 4.59
N GLY C 177 -37.19 3.69 5.04
CA GLY C 177 -38.04 3.97 6.19
C GLY C 177 -39.50 3.69 5.93
N MET C 178 -39.98 4.04 4.73
CA MET C 178 -41.38 3.84 4.41
C MET C 178 -41.69 2.42 3.99
N THR C 179 -40.67 1.57 3.82
CA THR C 179 -40.92 0.17 3.52
C THR C 179 -41.86 -0.47 4.55
N LEU C 180 -41.42 -0.53 5.81
CA LEU C 180 -42.20 -1.25 6.83
C LEU C 180 -43.57 -0.63 7.05
N PRO C 181 -43.72 0.69 7.20
CA PRO C 181 -45.07 1.24 7.40
C PRO C 181 -46.03 0.85 6.29
N ILE C 182 -45.58 0.85 5.04
CA ILE C 182 -46.45 0.44 3.94
C ILE C 182 -46.74 -1.05 4.02
N ALA C 183 -45.76 -1.85 4.42
CA ALA C 183 -45.99 -3.28 4.59
C ALA C 183 -47.09 -3.53 5.62
N ARG C 184 -47.08 -2.77 6.72
CA ARG C 184 -48.14 -2.91 7.70
C ARG C 184 -49.46 -2.35 7.17
N ASP C 185 -49.41 -1.31 6.34
CA ASP C 185 -50.63 -0.74 5.79
C ASP C 185 -51.38 -1.77 4.94
N LEU C 186 -50.67 -2.49 4.09
CA LEU C 186 -51.27 -3.39 3.12
C LEU C 186 -51.37 -4.82 3.63
N ALA C 187 -50.92 -5.11 4.85
CA ALA C 187 -51.03 -6.47 5.37
C ALA C 187 -52.47 -6.95 5.38
N PRO C 188 -53.46 -6.18 5.86
CA PRO C 188 -54.85 -6.67 5.78
C PRO C 188 -55.29 -6.98 4.37
N ILE C 189 -54.85 -6.17 3.39
CA ILE C 189 -55.21 -6.45 2.00
C ILE C 189 -54.56 -7.73 1.52
N GLY C 190 -53.35 -8.01 1.99
CA GLY C 190 -52.64 -9.19 1.57
C GLY C 190 -51.63 -8.91 0.48
N ILE C 191 -50.90 -7.81 0.62
CA ILE C 191 -49.87 -7.40 -0.34
C ILE C 191 -48.54 -7.33 0.41
N ARG C 192 -47.55 -8.08 -0.06
CA ARG C 192 -46.23 -8.07 0.54
C ARG C 192 -45.39 -6.96 -0.07
N VAL C 193 -44.67 -6.24 0.78
CA VAL C 193 -43.81 -5.15 0.37
C VAL C 193 -42.39 -5.47 0.81
N MET C 194 -41.46 -5.41 -0.14
CA MET C 194 -40.06 -5.70 0.13
C MET C 194 -39.20 -4.63 -0.55
N THR C 195 -37.96 -4.52 -0.08
CA THR C 195 -37.02 -3.56 -0.63
C THR C 195 -35.68 -4.23 -0.83
N ILE C 196 -35.01 -3.89 -1.94
CA ILE C 196 -33.70 -4.41 -2.27
C ILE C 196 -32.73 -3.24 -2.33
N ALA C 197 -31.61 -3.38 -1.63
CA ALA C 197 -30.59 -2.34 -1.61
C ALA C 197 -29.38 -2.80 -2.40
N PRO C 198 -29.40 -2.64 -3.72
CA PRO C 198 -28.23 -3.06 -4.52
C PRO C 198 -27.00 -2.25 -4.18
N GLY C 199 -25.84 -2.84 -4.44
CA GLY C 199 -24.57 -2.19 -4.19
C GLY C 199 -24.06 -1.50 -5.44
N LEU C 200 -23.08 -2.10 -6.10
CA LEU C 200 -22.57 -1.62 -7.37
C LEU C 200 -22.91 -2.63 -8.46
N PHE C 201 -23.59 -2.17 -9.51
CA PHE C 201 -24.05 -3.04 -10.57
C PHE C 201 -23.67 -2.46 -11.92
N GLY C 202 -23.38 -3.36 -12.87
CA GLY C 202 -22.93 -2.95 -14.18
C GLY C 202 -24.05 -2.50 -15.09
N THR C 203 -24.73 -1.43 -14.71
CA THR C 203 -25.78 -0.82 -15.50
C THR C 203 -25.27 0.45 -16.15
N PRO C 204 -26.04 1.04 -17.08
CA PRO C 204 -25.60 2.29 -17.70
C PRO C 204 -25.28 3.38 -16.69
N LEU C 205 -25.85 3.33 -15.48
CA LEU C 205 -25.52 4.30 -14.46
C LEU C 205 -24.04 4.30 -14.13
N LEU C 206 -23.37 3.17 -14.32
CA LEU C 206 -21.95 3.03 -13.98
C LEU C 206 -21.07 2.67 -15.17
N THR C 207 -21.57 1.85 -16.10
CA THR C 207 -20.73 1.40 -17.22
C THR C 207 -20.23 2.57 -18.05
N SER C 208 -20.91 3.72 -18.00
CA SER C 208 -20.46 4.89 -18.74
C SER C 208 -19.20 5.51 -18.14
N LEU C 209 -18.79 5.09 -16.95
CA LEU C 209 -17.62 5.66 -16.31
C LEU C 209 -16.35 5.18 -17.01
N PRO C 210 -15.24 5.88 -16.81
CA PRO C 210 -13.97 5.45 -17.42
C PRO C 210 -13.58 4.05 -16.96
N GLU C 211 -12.67 3.44 -17.73
CA GLU C 211 -12.27 2.07 -17.44
C GLU C 211 -11.57 1.97 -16.09
N LYS C 212 -10.72 2.95 -15.76
CA LYS C 212 -10.01 2.89 -14.48
C LYS C 212 -10.99 2.96 -13.31
N VAL C 213 -12.01 3.81 -13.41
CA VAL C 213 -13.00 3.90 -12.35
C VAL C 213 -13.73 2.58 -12.18
N CYS C 214 -14.11 1.94 -13.29
CA CYS C 214 -14.80 0.67 -13.21
C CYS C 214 -13.90 -0.39 -12.58
N ASN C 215 -12.63 -0.41 -12.95
CA ASN C 215 -11.71 -1.37 -12.35
C ASN C 215 -11.57 -1.15 -10.85
N PHE C 216 -11.45 0.11 -10.44
CA PHE C 216 -11.34 0.41 -9.01
C PHE C 216 -12.60 -0.03 -8.27
N LEU C 217 -13.77 0.27 -8.82
CA LEU C 217 -15.02 -0.13 -8.16
C LEU C 217 -15.12 -1.64 -8.08
N ALA C 218 -14.74 -2.35 -9.14
CA ALA C 218 -14.75 -3.80 -9.08
C ALA C 218 -13.81 -4.31 -7.99
N SER C 219 -12.62 -3.72 -7.89
CA SER C 219 -11.69 -4.13 -6.83
C SER C 219 -12.25 -3.83 -5.45
N GLN C 220 -13.11 -2.80 -5.34
CA GLN C 220 -13.63 -2.43 -4.03
C GLN C 220 -14.48 -3.54 -3.42
N VAL C 221 -15.30 -4.19 -4.23
CA VAL C 221 -16.22 -5.20 -3.68
C VAL C 221 -15.41 -6.34 -3.06
N PRO C 222 -15.68 -6.74 -1.81
CA PRO C 222 -14.90 -7.84 -1.21
C PRO C 222 -14.98 -9.12 -2.02
N PHE C 223 -16.19 -9.63 -2.25
CA PHE C 223 -16.36 -10.81 -3.07
C PHE C 223 -17.81 -10.96 -3.51
N PRO C 224 -18.07 -11.22 -4.79
CA PRO C 224 -17.11 -11.35 -5.90
C PRO C 224 -16.56 -9.99 -6.29
N SER C 225 -15.27 -9.90 -6.62
CA SER C 225 -14.63 -8.62 -6.90
C SER C 225 -14.96 -8.18 -8.32
N ARG C 226 -16.25 -7.88 -8.52
CA ARG C 226 -16.72 -7.39 -9.80
C ARG C 226 -18.04 -6.67 -9.58
N LEU C 227 -18.39 -5.82 -10.53
CA LEU C 227 -19.67 -5.12 -10.46
C LEU C 227 -20.82 -6.12 -10.59
N GLY C 228 -21.86 -5.90 -9.81
CA GLY C 228 -22.98 -6.83 -9.83
C GLY C 228 -23.63 -6.90 -11.20
N ASP C 229 -24.05 -8.10 -11.57
CA ASP C 229 -24.75 -8.31 -12.84
C ASP C 229 -26.23 -8.05 -12.66
N PRO C 230 -26.89 -7.33 -13.57
CA PRO C 230 -28.34 -7.12 -13.42
C PRO C 230 -29.13 -8.40 -13.35
N ALA C 231 -28.69 -9.47 -14.03
CA ALA C 231 -29.38 -10.74 -13.94
C ALA C 231 -29.42 -11.24 -12.49
N GLU C 232 -28.40 -10.91 -11.70
CA GLU C 232 -28.40 -11.29 -10.29
C GLU C 232 -29.51 -10.59 -9.53
N TYR C 233 -29.70 -9.30 -9.80
CA TYR C 233 -30.80 -8.56 -9.20
C TYR C 233 -32.14 -9.14 -9.63
N ALA C 234 -32.27 -9.51 -10.91
CA ALA C 234 -33.50 -10.12 -11.38
C ALA C 234 -33.77 -11.44 -10.67
N HIS C 235 -32.72 -12.25 -10.46
CA HIS C 235 -32.89 -13.50 -9.74
C HIS C 235 -33.34 -13.26 -8.31
N LEU C 236 -32.76 -12.25 -7.65
CA LEU C 236 -33.20 -11.93 -6.29
C LEU C 236 -34.66 -11.49 -6.27
N VAL C 237 -35.06 -10.70 -7.27
CA VAL C 237 -36.46 -10.27 -7.35
C VAL C 237 -37.38 -11.47 -7.50
N GLN C 238 -37.01 -12.41 -8.38
CA GLN C 238 -37.82 -13.61 -8.55
C GLN C 238 -37.89 -14.40 -7.26
N ALA C 239 -36.77 -14.53 -6.55
CA ALA C 239 -36.77 -15.25 -5.28
C ALA C 239 -37.70 -14.59 -4.28
N ILE C 240 -37.68 -13.26 -4.21
CA ILE C 240 -38.59 -12.55 -3.33
C ILE C 240 -40.03 -12.83 -3.71
N ILE C 241 -40.32 -12.83 -5.02
CA ILE C 241 -41.69 -13.09 -5.47
C ILE C 241 -42.14 -14.48 -5.03
N GLU C 242 -41.27 -15.48 -5.23
CA GLU C 242 -41.67 -16.85 -4.92
C GLU C 242 -41.88 -17.05 -3.42
N ASN C 243 -41.02 -16.48 -2.60
CA ASN C 243 -41.11 -16.71 -1.15
C ASN C 243 -42.34 -16.00 -0.60
N PRO C 244 -43.29 -16.71 0.01
CA PRO C 244 -44.49 -16.03 0.53
C PRO C 244 -44.32 -15.46 1.92
N PHE C 245 -43.07 -15.32 2.40
CA PHE C 245 -42.85 -14.89 3.78
C PHE C 245 -41.91 -13.70 3.90
N LEU C 246 -41.26 -13.27 2.81
CA LEU C 246 -40.39 -12.10 2.86
C LEU C 246 -41.25 -10.86 2.77
N ASN C 247 -41.34 -10.11 3.86
CA ASN C 247 -42.22 -8.95 3.92
C ASN C 247 -41.61 -7.88 4.80
N GLY C 248 -41.68 -6.63 4.34
CA GLY C 248 -41.25 -5.50 5.13
C GLY C 248 -39.79 -5.58 5.56
N GLU C 249 -38.91 -5.94 4.63
CA GLU C 249 -37.48 -6.04 4.93
C GLU C 249 -36.66 -5.48 3.79
N VAL C 250 -35.48 -4.97 4.14
CA VAL C 250 -34.52 -4.46 3.18
C VAL C 250 -33.40 -5.49 3.05
N ILE C 251 -33.12 -5.93 1.83
CA ILE C 251 -32.08 -6.91 1.55
C ILE C 251 -30.96 -6.20 0.81
N ARG C 252 -29.75 -6.27 1.36
CA ARG C 252 -28.59 -5.62 0.76
C ARG C 252 -27.94 -6.59 -0.22
N LEU C 253 -28.21 -6.39 -1.51
CA LEU C 253 -27.57 -7.19 -2.56
C LEU C 253 -26.36 -6.42 -3.08
N ASP C 254 -25.33 -6.39 -2.26
CA ASP C 254 -24.16 -5.55 -2.50
C ASP C 254 -22.83 -6.29 -2.46
N GLY C 255 -22.84 -7.60 -2.22
CA GLY C 255 -21.59 -8.34 -2.16
C GLY C 255 -20.71 -7.95 -1.00
N ALA C 256 -21.31 -7.65 0.16
CA ALA C 256 -20.58 -7.36 1.40
C ALA C 256 -19.78 -6.08 1.33
N ILE C 257 -20.12 -5.17 0.43
CA ILE C 257 -19.39 -3.91 0.32
C ILE C 257 -19.91 -2.92 1.35
N ARG C 258 -19.02 -2.03 1.78
CA ARG C 258 -19.36 -0.91 2.65
C ARG C 258 -18.71 0.33 2.05
N MET C 259 -19.50 1.16 1.39
CA MET C 259 -18.97 2.26 0.60
C MET C 259 -18.09 3.16 1.46
N GLN C 260 -16.95 3.56 0.90
CA GLN C 260 -16.00 4.38 1.63
C GLN C 260 -16.51 5.81 1.80
N PRO C 261 -15.95 6.56 2.74
CA PRO C 261 -16.33 7.97 2.93
C PRO C 261 -16.17 8.79 1.66
N SER D 7 -19.06 24.21 29.06
CA SER D 7 -20.39 24.85 29.08
C SER D 7 -20.76 25.34 27.70
N VAL D 8 -21.92 25.99 27.59
CA VAL D 8 -22.42 26.53 26.34
C VAL D 8 -22.56 28.04 26.36
N LYS D 9 -21.97 28.70 27.36
CA LYS D 9 -22.06 30.14 27.44
C LYS D 9 -21.45 30.80 26.22
N GLY D 10 -22.16 31.79 25.66
CA GLY D 10 -21.69 32.53 24.52
C GLY D 10 -22.02 31.92 23.17
N LEU D 11 -22.59 30.72 23.14
CA LEU D 11 -22.94 30.09 21.88
C LEU D 11 -24.16 30.77 21.27
N VAL D 12 -24.29 30.66 19.95
CA VAL D 12 -25.44 31.15 19.21
C VAL D 12 -26.07 29.95 18.51
N ALA D 13 -27.36 29.74 18.75
CA ALA D 13 -28.08 28.59 18.22
C ALA D 13 -29.27 29.05 17.40
N VAL D 14 -29.45 28.47 16.23
CA VAL D 14 -30.62 28.69 15.39
C VAL D 14 -31.50 27.45 15.53
N ILE D 15 -32.69 27.63 16.10
CA ILE D 15 -33.60 26.52 16.38
C ILE D 15 -34.81 26.68 15.49
N THR D 16 -34.94 25.80 14.50
CA THR D 16 -36.10 25.83 13.63
C THR D 16 -37.31 25.23 14.35
N GLY D 17 -38.46 25.84 14.14
CA GLY D 17 -39.65 25.42 14.87
C GLY D 17 -39.49 25.56 16.37
N GLY D 18 -38.80 26.61 16.81
CA GLY D 18 -38.52 26.82 18.21
C GLY D 18 -39.63 27.49 18.99
N ALA D 19 -40.76 27.78 18.36
CA ALA D 19 -41.86 28.45 19.04
C ALA D 19 -42.76 27.47 19.79
N SER D 20 -42.49 26.17 19.74
CA SER D 20 -43.35 25.21 20.42
C SER D 20 -42.63 23.88 20.52
N GLY D 21 -43.08 23.07 21.48
CA GLY D 21 -42.63 21.69 21.57
C GLY D 21 -41.14 21.58 21.82
N LEU D 22 -40.51 20.60 21.16
CA LEU D 22 -39.12 20.27 21.44
C LEU D 22 -38.21 21.45 21.17
N GLY D 23 -38.42 22.17 20.08
CA GLY D 23 -37.58 23.33 19.78
C GLY D 23 -37.65 24.37 20.88
N LEU D 24 -38.86 24.64 21.39
CA LEU D 24 -38.99 25.63 22.45
C LEU D 24 -38.27 25.17 23.71
N ALA D 25 -38.39 23.88 24.06
CA ALA D 25 -37.69 23.39 25.23
C ALA D 25 -36.19 23.51 25.08
N THR D 26 -35.67 23.17 23.91
CA THR D 26 -34.24 23.33 23.66
C THR D 26 -33.82 24.78 23.79
N ALA D 27 -34.61 25.70 23.22
CA ALA D 27 -34.29 27.12 23.33
C ALA D 27 -34.27 27.56 24.78
N GLU D 28 -35.27 27.14 25.57
CA GLU D 28 -35.32 27.51 26.97
C GLU D 28 -34.09 27.01 27.72
N ARG D 29 -33.73 25.74 27.51
CA ARG D 29 -32.57 25.20 28.21
C ARG D 29 -31.30 25.93 27.82
N LEU D 30 -31.09 26.13 26.52
CA LEU D 30 -29.86 26.78 26.08
C LEU D 30 -29.77 28.21 26.59
N VAL D 31 -30.88 28.95 26.53
CA VAL D 31 -30.86 30.33 27.02
C VAL D 31 -30.62 30.36 28.53
N GLY D 32 -31.25 29.45 29.27
CA GLY D 32 -30.98 29.37 30.69
C GLY D 32 -29.51 29.12 30.98
N GLN D 33 -28.87 28.26 30.18
CA GLN D 33 -27.44 28.05 30.34
C GLN D 33 -26.67 29.34 30.07
N GLY D 34 -27.08 30.09 29.05
CA GLY D 34 -26.45 31.37 28.75
C GLY D 34 -26.30 31.65 27.28
N ALA D 35 -26.55 30.65 26.44
CA ALA D 35 -26.39 30.80 25.02
C ALA D 35 -27.41 31.79 24.46
N SER D 36 -27.28 32.08 23.16
CA SER D 36 -28.20 32.95 22.44
C SER D 36 -28.96 32.11 21.42
N ALA D 37 -30.27 32.35 21.33
CA ALA D 37 -31.16 31.52 20.53
C ALA D 37 -31.89 32.36 19.50
N VAL D 38 -32.07 31.78 18.31
CA VAL D 38 -32.85 32.38 17.24
C VAL D 38 -33.94 31.38 16.88
N LEU D 39 -35.15 31.63 17.35
CA LEU D 39 -36.29 30.74 17.09
C LEU D 39 -36.80 31.03 15.70
N LEU D 40 -36.44 30.18 14.74
CA LEU D 40 -36.89 30.31 13.37
C LEU D 40 -38.21 29.54 13.23
N ASP D 41 -39.29 30.26 12.92
CA ASP D 41 -40.60 29.63 12.90
C ASP D 41 -41.53 30.39 11.96
N LEU D 42 -42.72 29.82 11.77
CA LEU D 42 -43.71 30.44 10.90
C LEU D 42 -44.23 31.73 11.53
N PRO D 43 -44.61 32.71 10.69
CA PRO D 43 -45.10 33.99 11.26
C PRO D 43 -46.31 33.83 12.17
N ASN D 44 -47.23 32.94 11.81
CA ASN D 44 -48.46 32.74 12.61
C ASN D 44 -48.30 31.59 13.62
N SER D 45 -47.18 31.62 14.35
CA SER D 45 -46.86 30.56 15.29
C SER D 45 -46.85 31.01 16.75
N GLY D 46 -47.04 32.29 17.02
CA GLY D 46 -46.93 32.77 18.38
C GLY D 46 -45.53 32.79 18.93
N GLY D 47 -44.52 32.65 18.07
CA GLY D 47 -43.15 32.63 18.52
C GLY D 47 -42.65 33.97 19.04
N GLU D 48 -43.29 35.06 18.64
CA GLU D 48 -42.89 36.37 19.15
C GLU D 48 -43.06 36.44 20.66
N ALA D 49 -44.18 35.93 21.16
CA ALA D 49 -44.40 35.94 22.61
C ALA D 49 -43.34 35.11 23.32
N GLN D 50 -43.03 33.94 22.79
CA GLN D 50 -42.00 33.10 23.40
C GLN D 50 -40.66 33.80 23.41
N ALA D 51 -40.26 34.39 22.29
CA ALA D 51 -38.99 35.09 22.22
C ALA D 51 -38.93 36.24 23.21
N LYS D 52 -40.04 36.97 23.35
CA LYS D 52 -40.09 38.03 24.35
C LYS D 52 -39.94 37.45 25.75
N LYS D 53 -40.57 36.31 26.00
CA LYS D 53 -40.50 35.70 27.33
C LYS D 53 -39.09 35.25 27.68
N LEU D 54 -38.37 34.67 26.72
CA LEU D 54 -37.05 34.13 27.02
C LEU D 54 -36.10 35.23 27.50
N GLY D 55 -36.10 36.37 26.84
CA GLY D 55 -35.26 37.49 27.24
C GLY D 55 -34.59 38.10 26.02
N ASN D 56 -33.56 38.90 26.30
CA ASN D 56 -32.87 39.59 25.21
C ASN D 56 -31.98 38.63 24.42
N ASN D 57 -31.50 37.56 25.05
CA ASN D 57 -30.64 36.60 24.37
C ASN D 57 -31.38 35.80 23.30
N CYS D 58 -32.70 35.85 23.27
CA CYS D 58 -33.51 35.09 22.33
C CYS D 58 -34.22 36.04 21.37
N VAL D 59 -34.22 35.68 20.09
CA VAL D 59 -34.84 36.49 19.05
C VAL D 59 -35.68 35.59 18.15
N PHE D 60 -36.83 36.08 17.74
CA PHE D 60 -37.74 35.34 16.88
C PHE D 60 -37.53 35.72 15.41
N ALA D 61 -37.49 34.72 14.55
CA ALA D 61 -37.32 34.92 13.12
C ALA D 61 -38.49 34.31 12.37
N PRO D 62 -39.39 35.10 11.79
CA PRO D 62 -40.50 34.53 11.01
C PRO D 62 -40.00 34.05 9.65
N ALA D 63 -39.94 32.74 9.48
CA ALA D 63 -39.44 32.16 8.24
C ALA D 63 -40.05 30.78 8.04
N ASP D 64 -40.19 30.40 6.77
CA ASP D 64 -40.65 29.07 6.40
C ASP D 64 -39.45 28.28 5.90
N VAL D 65 -39.18 27.15 6.54
CA VAL D 65 -38.00 26.36 6.18
C VAL D 65 -38.07 25.92 4.73
N THR D 66 -39.27 25.72 4.20
CA THR D 66 -39.43 25.30 2.81
C THR D 66 -39.06 26.39 1.83
N SER D 67 -38.88 27.63 2.27
CA SER D 67 -38.59 28.75 1.39
C SER D 67 -37.14 29.17 1.58
N GLU D 68 -36.38 29.17 0.49
CA GLU D 68 -34.97 29.56 0.57
C GLU D 68 -34.81 31.00 1.01
N LYS D 69 -35.62 31.90 0.46
CA LYS D 69 -35.48 33.32 0.79
C LYS D 69 -35.77 33.57 2.26
N ASP D 70 -36.79 32.91 2.80
CA ASP D 70 -37.14 33.11 4.21
C ASP D 70 -36.01 32.67 5.12
N VAL D 71 -35.41 31.50 4.85
CA VAL D 71 -34.33 31.02 5.68
C VAL D 71 -33.11 31.91 5.54
N GLN D 72 -32.83 32.39 4.32
CA GLN D 72 -31.72 33.31 4.14
C GLN D 72 -31.92 34.59 4.95
N THR D 73 -33.14 35.13 4.93
CA THR D 73 -33.42 36.33 5.72
C THR D 73 -33.27 36.05 7.21
N ALA D 74 -33.74 34.89 7.66
CA ALA D 74 -33.62 34.55 9.07
C ALA D 74 -32.15 34.46 9.49
N LEU D 75 -31.33 33.81 8.66
CA LEU D 75 -29.91 33.70 8.98
C LEU D 75 -29.24 35.07 8.95
N ALA D 76 -29.62 35.93 8.01
CA ALA D 76 -29.06 37.29 7.98
C ALA D 76 -29.42 38.04 9.26
N LEU D 77 -30.68 37.91 9.71
CA LEU D 77 -31.08 38.56 10.95
C LEU D 77 -30.30 38.02 12.13
N ALA D 78 -30.11 36.70 12.18
CA ALA D 78 -29.33 36.10 13.27
C ALA D 78 -27.91 36.63 13.27
N LYS D 79 -27.27 36.69 12.10
CA LYS D 79 -25.91 37.21 12.02
C LYS D 79 -25.85 38.67 12.45
N GLY D 80 -26.83 39.47 12.01
CA GLY D 80 -26.84 40.88 12.42
C GLY D 80 -27.01 41.05 13.90
N LYS D 81 -27.85 40.21 14.52
CA LYS D 81 -28.11 40.36 15.95
C LYS D 81 -26.94 39.87 16.78
N PHE D 82 -26.35 38.73 16.42
CA PHE D 82 -25.33 38.09 17.24
C PHE D 82 -23.97 37.97 16.57
N GLY D 83 -23.88 38.07 15.25
CA GLY D 83 -22.62 38.08 14.56
C GLY D 83 -22.06 36.72 14.18
N ARG D 84 -22.70 35.64 14.60
CA ARG D 84 -22.22 34.30 14.25
C ARG D 84 -23.31 33.28 14.57
N VAL D 85 -23.13 32.09 14.02
CA VAL D 85 -24.00 30.94 14.30
C VAL D 85 -23.11 29.78 14.68
N ASP D 86 -23.39 29.17 15.83
CA ASP D 86 -22.59 28.07 16.35
C ASP D 86 -23.30 26.73 16.33
N VAL D 87 -24.61 26.71 16.57
CA VAL D 87 -25.38 25.47 16.58
C VAL D 87 -26.66 25.68 15.78
N ALA D 88 -27.19 24.59 15.24
CA ALA D 88 -28.45 24.63 14.51
C ALA D 88 -29.25 23.39 14.81
N VAL D 89 -30.43 23.56 15.39
CA VAL D 89 -31.30 22.45 15.78
C VAL D 89 -32.52 22.48 14.87
N ASN D 90 -32.66 21.46 14.02
CA ASN D 90 -33.78 21.32 13.10
C ASN D 90 -34.87 20.54 13.82
N CYS D 91 -35.83 21.28 14.39
CA CYS D 91 -36.97 20.68 15.07
C CYS D 91 -38.30 21.00 14.39
N ALA D 92 -38.27 21.71 13.26
CA ALA D 92 -39.50 22.01 12.55
C ALA D 92 -39.98 20.79 11.78
N GLY D 93 -41.29 20.53 11.85
CA GLY D 93 -41.85 19.40 11.14
C GLY D 93 -43.33 19.29 11.42
N ILE D 94 -44.00 18.52 10.57
CA ILE D 94 -45.43 18.26 10.69
C ILE D 94 -45.67 16.77 10.52
N ALA D 95 -46.85 16.33 10.94
CA ALA D 95 -47.24 14.92 10.87
C ALA D 95 -48.62 14.80 10.25
N VAL D 96 -48.80 13.79 9.41
CA VAL D 96 -50.08 13.46 8.83
C VAL D 96 -50.29 11.96 8.96
N ALA D 97 -51.49 11.56 9.35
CA ALA D 97 -51.86 10.16 9.47
C ALA D 97 -52.81 9.80 8.34
N SER D 98 -52.42 8.83 7.51
CA SER D 98 -53.24 8.42 6.39
C SER D 98 -52.73 7.08 5.88
N LYS D 99 -53.63 6.10 5.79
CA LYS D 99 -53.26 4.79 5.28
C LYS D 99 -52.90 4.89 3.81
N THR D 100 -51.95 4.04 3.39
CA THR D 100 -51.53 4.04 1.99
C THR D 100 -52.71 3.73 1.07
N TYR D 101 -53.51 2.73 1.43
CA TYR D 101 -54.70 2.40 0.66
C TYR D 101 -55.62 1.56 1.54
N ASN D 102 -56.84 2.03 1.75
CA ASN D 102 -57.83 1.32 2.56
C ASN D 102 -58.83 0.67 1.62
N LEU D 103 -58.75 -0.65 1.48
CA LEU D 103 -59.62 -1.35 0.53
C LEU D 103 -61.08 -1.22 0.91
N LYS D 104 -61.39 -1.31 2.21
CA LYS D 104 -62.78 -1.30 2.65
C LYS D 104 -63.48 -0.01 2.22
N LYS D 105 -62.82 1.12 2.43
CA LYS D 105 -63.37 2.41 2.02
C LYS D 105 -63.06 2.75 0.56
N GLY D 106 -62.22 1.97 -0.10
CA GLY D 106 -61.81 2.31 -1.45
C GLY D 106 -61.13 3.66 -1.52
N GLN D 107 -60.31 3.98 -0.53
CA GLN D 107 -59.65 5.27 -0.42
C GLN D 107 -58.15 5.10 -0.60
N THR D 108 -57.53 6.04 -1.29
CA THR D 108 -56.11 6.00 -1.60
C THR D 108 -55.42 7.23 -1.03
N HIS D 109 -54.21 7.03 -0.51
CA HIS D 109 -53.42 8.13 0.00
C HIS D 109 -53.24 9.20 -1.07
N THR D 110 -53.55 10.45 -0.72
CA THR D 110 -53.40 11.54 -1.67
C THR D 110 -51.92 11.89 -1.83
N LEU D 111 -51.53 12.24 -3.06
CA LEU D 111 -50.16 12.62 -3.31
C LEU D 111 -49.82 13.97 -2.68
N GLU D 112 -50.82 14.85 -2.53
CA GLU D 112 -50.56 16.16 -1.97
C GLU D 112 -50.07 16.06 -0.53
N ASP D 113 -50.67 15.18 0.27
CA ASP D 113 -50.24 15.02 1.65
C ASP D 113 -48.80 14.54 1.74
N PHE D 114 -48.46 13.53 0.93
CA PHE D 114 -47.09 13.04 0.92
C PHE D 114 -46.12 14.13 0.49
N GLN D 115 -46.48 14.88 -0.55
CA GLN D 115 -45.60 15.94 -1.02
C GLN D 115 -45.40 17.01 0.04
N ARG D 116 -46.47 17.39 0.74
CA ARG D 116 -46.37 18.42 1.77
C ARG D 116 -45.49 17.94 2.92
N VAL D 117 -45.69 16.69 3.35
CA VAL D 117 -44.88 16.16 4.45
C VAL D 117 -43.41 16.11 4.05
N LEU D 118 -43.12 15.65 2.84
CA LEU D 118 -41.73 15.63 2.39
C LEU D 118 -41.16 17.04 2.32
N ASP D 119 -41.94 17.99 1.83
CA ASP D 119 -41.46 19.36 1.70
C ASP D 119 -41.09 19.95 3.05
N VAL D 120 -41.95 19.73 4.06
CA VAL D 120 -41.71 20.35 5.36
C VAL D 120 -40.65 19.58 6.14
N ASN D 121 -40.84 18.29 6.33
CA ASN D 121 -39.98 17.52 7.22
C ASN D 121 -38.58 17.34 6.62
N LEU D 122 -38.51 16.93 5.35
CA LEU D 122 -37.25 16.53 4.75
C LEU D 122 -36.60 17.65 3.95
N MET D 123 -37.31 18.20 2.96
CA MET D 123 -36.73 19.22 2.11
C MET D 123 -36.37 20.46 2.93
N GLY D 124 -37.24 20.88 3.84
CA GLY D 124 -36.94 22.03 4.67
C GLY D 124 -35.73 21.81 5.55
N THR D 125 -35.60 20.60 6.10
CA THR D 125 -34.44 20.29 6.93
C THR D 125 -33.15 20.41 6.13
N PHE D 126 -33.13 19.87 4.90
CA PHE D 126 -31.93 19.97 4.08
C PHE D 126 -31.65 21.42 3.70
N ASN D 127 -32.69 22.19 3.38
CA ASN D 127 -32.50 23.60 3.06
C ASN D 127 -31.83 24.32 4.22
N VAL D 128 -32.36 24.12 5.43
CA VAL D 128 -31.76 24.74 6.61
C VAL D 128 -30.32 24.25 6.79
N ILE D 129 -30.09 22.96 6.59
CA ILE D 129 -28.75 22.41 6.81
C ILE D 129 -27.75 23.08 5.89
N ARG D 130 -28.08 23.18 4.60
CA ARG D 130 -27.14 23.76 3.65
C ARG D 130 -26.92 25.24 3.92
N LEU D 131 -27.99 26.00 4.17
CA LEU D 131 -27.82 27.42 4.41
C LEU D 131 -27.03 27.68 5.68
N VAL D 132 -27.29 26.90 6.73
CA VAL D 132 -26.56 27.07 7.98
C VAL D 132 -25.11 26.64 7.83
N ALA D 133 -24.84 25.61 7.02
CA ALA D 133 -23.46 25.25 6.77
C ALA D 133 -22.73 26.37 6.07
N GLY D 134 -23.38 26.99 5.08
CA GLY D 134 -22.78 28.16 4.45
C GLY D 134 -22.51 29.27 5.44
N GLU D 135 -23.45 29.51 6.36
CA GLU D 135 -23.26 30.56 7.37
C GLU D 135 -22.12 30.22 8.31
N MET D 136 -22.03 28.97 8.76
CA MET D 136 -21.05 28.56 9.76
C MET D 136 -19.66 28.37 9.17
N GLY D 137 -19.54 28.25 7.85
CA GLY D 137 -18.23 28.15 7.25
C GLY D 137 -17.35 29.35 7.52
N GLN D 138 -17.95 30.49 7.90
CA GLN D 138 -17.18 31.69 8.19
C GLN D 138 -16.60 31.70 9.60
N ASN D 139 -17.05 30.81 10.47
CA ASN D 139 -16.58 30.82 11.85
C ASN D 139 -15.12 30.39 11.92
N GLU D 140 -14.38 31.02 12.82
CA GLU D 140 -12.99 30.62 13.04
C GLU D 140 -12.95 29.31 13.82
N PRO D 141 -12.22 28.30 13.35
CA PRO D 141 -12.19 27.03 14.09
C PRO D 141 -11.67 27.21 15.50
N ASP D 142 -12.25 26.44 16.42
CA ASP D 142 -11.83 26.48 17.82
C ASP D 142 -10.57 25.63 17.99
N GLN D 143 -10.20 25.35 19.24
CA GLN D 143 -8.98 24.58 19.49
C GLN D 143 -9.08 23.20 18.84
N GLY D 144 -10.24 22.58 18.89
CA GLY D 144 -10.45 21.29 18.28
C GLY D 144 -10.73 21.32 16.80
N GLY D 145 -10.74 22.49 16.18
CA GLY D 145 -11.02 22.60 14.77
C GLY D 145 -12.49 22.59 14.41
N GLN D 146 -13.38 22.61 15.40
CA GLN D 146 -14.81 22.58 15.15
C GLN D 146 -15.32 23.98 14.83
N ARG D 147 -16.20 24.07 13.83
CA ARG D 147 -16.81 25.33 13.46
C ARG D 147 -18.26 25.45 13.91
N GLY D 148 -18.97 24.34 14.02
CA GLY D 148 -20.36 24.37 14.44
C GLY D 148 -20.92 22.97 14.55
N VAL D 149 -22.17 22.90 15.00
CA VAL D 149 -22.87 21.64 15.18
C VAL D 149 -24.26 21.75 14.60
N ILE D 150 -24.68 20.72 13.88
CA ILE D 150 -26.01 20.63 13.31
C ILE D 150 -26.68 19.39 13.88
N ILE D 151 -27.82 19.57 14.53
CA ILE D 151 -28.61 18.49 15.09
C ILE D 151 -29.95 18.47 14.37
N ASN D 152 -30.40 17.29 13.98
CA ASN D 152 -31.68 17.12 13.29
C ASN D 152 -32.60 16.27 14.15
N THR D 153 -33.90 16.52 14.03
CA THR D 153 -34.90 15.73 14.73
C THR D 153 -35.53 14.73 13.77
N ALA D 154 -35.48 13.47 14.13
CA ALA D 154 -36.12 12.38 13.39
C ALA D 154 -37.16 11.73 14.31
N SER D 155 -37.68 10.59 13.87
CA SER D 155 -38.63 9.85 14.69
C SER D 155 -38.26 8.38 14.66
N VAL D 156 -38.66 7.66 15.72
CA VAL D 156 -38.54 6.21 15.71
C VAL D 156 -39.34 5.62 14.57
N ALA D 157 -40.27 6.39 13.99
CA ALA D 157 -40.97 5.92 12.80
C ALA D 157 -40.01 5.61 11.68
N ALA D 158 -38.83 6.25 11.67
CA ALA D 158 -37.84 5.93 10.64
C ALA D 158 -37.40 4.48 10.72
N PHE D 159 -37.48 3.88 11.90
CA PHE D 159 -37.11 2.48 12.10
C PHE D 159 -38.31 1.59 12.31
N GLU D 160 -39.26 1.99 13.15
CA GLU D 160 -40.47 1.22 13.45
C GLU D 160 -41.66 2.14 13.24
N GLY D 161 -42.14 2.23 12.00
CA GLY D 161 -43.30 3.02 11.72
C GLY D 161 -44.59 2.26 11.93
N GLN D 162 -45.68 3.01 12.09
CA GLN D 162 -47.00 2.45 12.36
C GLN D 162 -47.86 2.56 11.12
N VAL D 163 -49.07 1.98 11.22
CA VAL D 163 -50.02 2.07 10.13
C VAL D 163 -50.41 3.52 9.92
N GLY D 164 -50.38 3.97 8.67
CA GLY D 164 -50.74 5.33 8.34
C GLY D 164 -49.62 6.34 8.49
N GLN D 165 -48.40 5.88 8.78
CA GLN D 165 -47.25 6.77 8.93
C GLN D 165 -46.32 6.68 7.71
N ALA D 166 -46.90 6.47 6.52
CA ALA D 166 -46.08 6.28 5.34
C ALA D 166 -45.26 7.53 5.02
N ALA D 167 -45.92 8.69 4.94
CA ALA D 167 -45.21 9.92 4.59
C ALA D 167 -44.28 10.36 5.71
N TYR D 168 -44.77 10.32 6.95
CA TYR D 168 -43.93 10.69 8.09
C TYR D 168 -42.71 9.80 8.17
N SER D 169 -42.90 8.49 8.05
CA SER D 169 -41.79 7.55 8.11
C SER D 169 -40.84 7.78 6.93
N ALA D 170 -41.37 8.08 5.75
CA ALA D 170 -40.51 8.35 4.61
C ALA D 170 -39.61 9.56 4.88
N SER D 171 -40.20 10.65 5.38
CA SER D 171 -39.40 11.83 5.64
C SER D 171 -38.35 11.57 6.72
N LYS D 172 -38.73 10.90 7.80
CA LYS D 172 -37.77 10.66 8.87
C LYS D 172 -36.68 9.70 8.43
N GLY D 173 -37.03 8.67 7.64
CA GLY D 173 -36.01 7.79 7.11
C GLY D 173 -35.07 8.51 6.15
N GLY D 174 -35.61 9.46 5.39
CA GLY D 174 -34.74 10.28 4.56
C GLY D 174 -33.76 11.09 5.39
N ILE D 175 -34.24 11.68 6.49
CA ILE D 175 -33.34 12.42 7.37
C ILE D 175 -32.26 11.50 7.92
N VAL D 176 -32.66 10.30 8.36
CA VAL D 176 -31.69 9.36 8.92
C VAL D 176 -30.66 8.97 7.87
N GLY D 177 -31.10 8.72 6.64
CA GLY D 177 -30.17 8.35 5.60
C GLY D 177 -29.19 9.46 5.25
N MET D 178 -29.69 10.70 5.21
CA MET D 178 -28.85 11.84 4.83
C MET D 178 -27.97 12.32 5.98
N THR D 179 -28.20 11.84 7.20
CA THR D 179 -27.38 12.31 8.32
C THR D 179 -25.90 12.03 8.10
N LEU D 180 -25.55 10.83 7.63
CA LEU D 180 -24.15 10.43 7.54
C LEU D 180 -23.46 11.04 6.32
N PRO D 181 -24.07 10.98 5.13
CA PRO D 181 -23.41 11.62 3.98
C PRO D 181 -23.09 13.08 4.20
N ILE D 182 -23.97 13.82 4.88
CA ILE D 182 -23.67 15.21 5.17
C ILE D 182 -22.54 15.31 6.18
N ALA D 183 -22.56 14.46 7.21
CA ALA D 183 -21.47 14.45 8.19
C ALA D 183 -20.14 14.26 7.49
N ARG D 184 -20.11 13.43 6.45
CA ARG D 184 -18.88 13.29 5.67
C ARG D 184 -18.63 14.51 4.80
N ASP D 185 -19.69 15.14 4.29
CA ASP D 185 -19.52 16.32 3.44
C ASP D 185 -18.87 17.46 4.21
N LEU D 186 -19.32 17.71 5.43
CA LEU D 186 -18.87 18.85 6.22
C LEU D 186 -17.70 18.51 7.14
N ALA D 187 -17.19 17.29 7.08
CA ALA D 187 -16.04 16.94 7.91
C ALA D 187 -14.84 17.86 7.64
N PRO D 188 -14.42 18.09 6.40
CA PRO D 188 -13.29 19.02 6.19
C PRO D 188 -13.59 20.42 6.70
N ILE D 189 -14.83 20.88 6.61
CA ILE D 189 -15.18 22.20 7.12
C ILE D 189 -15.04 22.23 8.63
N GLY D 190 -15.38 21.12 9.30
CA GLY D 190 -15.31 21.06 10.75
C GLY D 190 -16.66 21.27 11.40
N ILE D 191 -17.70 20.70 10.81
CA ILE D 191 -19.06 20.81 11.32
C ILE D 191 -19.56 19.41 11.64
N ARG D 192 -20.03 19.22 12.86
CA ARG D 192 -20.56 17.93 13.29
C ARG D 192 -22.05 17.85 13.02
N VAL D 193 -22.49 16.70 12.52
CA VAL D 193 -23.90 16.45 12.21
C VAL D 193 -24.37 15.27 13.04
N MET D 194 -25.45 15.47 13.79
CA MET D 194 -26.02 14.42 14.62
C MET D 194 -27.53 14.43 14.45
N THR D 195 -28.15 13.30 14.73
CA THR D 195 -29.59 13.14 14.60
C THR D 195 -30.14 12.51 15.87
N ILE D 196 -31.28 13.02 16.33
CA ILE D 196 -31.98 12.50 17.49
C ILE D 196 -33.32 11.95 17.04
N ALA D 197 -33.61 10.71 17.43
CA ALA D 197 -34.87 10.08 17.07
C ALA D 197 -35.76 9.95 18.29
N PRO D 198 -36.46 11.02 18.69
CA PRO D 198 -37.33 10.92 19.85
C PRO D 198 -38.44 9.90 19.65
N GLY D 199 -38.99 9.43 20.77
CA GLY D 199 -40.08 8.47 20.75
C GLY D 199 -41.41 9.16 20.86
N LEU D 200 -42.02 9.11 22.04
CA LEU D 200 -43.27 9.82 22.31
C LEU D 200 -43.01 10.89 23.37
N PHE D 201 -43.38 12.13 23.06
CA PHE D 201 -43.13 13.25 23.95
C PHE D 201 -44.41 14.05 24.14
N GLY D 202 -44.55 14.62 25.34
CA GLY D 202 -45.75 15.36 25.67
C GLY D 202 -45.74 16.77 25.11
N THR D 203 -45.79 16.90 23.80
CA THR D 203 -45.81 18.16 23.09
C THR D 203 -47.20 18.41 22.51
N PRO D 204 -47.43 19.61 21.97
CA PRO D 204 -48.76 19.88 21.37
C PRO D 204 -49.12 18.91 20.26
N LEU D 205 -48.12 18.33 19.59
CA LEU D 205 -48.41 17.35 18.55
C LEU D 205 -49.11 16.13 19.12
N LEU D 206 -48.87 15.80 20.38
CA LEU D 206 -49.47 14.65 21.03
C LEU D 206 -50.44 15.01 22.14
N THR D 207 -50.16 16.05 22.93
CA THR D 207 -51.03 16.39 24.05
C THR D 207 -52.44 16.72 23.58
N SER D 208 -52.60 17.17 22.34
CA SER D 208 -53.92 17.48 21.81
C SER D 208 -54.81 16.25 21.75
N LEU D 209 -54.23 15.05 21.74
CA LEU D 209 -55.01 13.83 21.65
C LEU D 209 -55.77 13.58 22.93
N PRO D 210 -56.85 12.80 22.88
CA PRO D 210 -57.64 12.55 24.10
C PRO D 210 -56.82 11.86 25.16
N GLU D 211 -57.19 12.11 26.42
CA GLU D 211 -56.40 11.60 27.54
C GLU D 211 -56.32 10.08 27.53
N LYS D 212 -57.31 9.40 26.94
CA LYS D 212 -57.28 7.93 26.92
C LYS D 212 -56.08 7.42 26.15
N VAL D 213 -55.91 7.88 24.92
CA VAL D 213 -54.78 7.42 24.10
C VAL D 213 -53.46 7.87 24.70
N CYS D 214 -53.43 9.06 25.30
CA CYS D 214 -52.21 9.52 25.95
C CYS D 214 -51.83 8.59 27.10
N ASN D 215 -52.81 8.19 27.91
CA ASN D 215 -52.53 7.26 28.99
C ASN D 215 -52.07 5.91 28.45
N PHE D 216 -52.70 5.43 27.37
CA PHE D 216 -52.27 4.17 26.78
C PHE D 216 -50.83 4.25 26.30
N LEU D 217 -50.48 5.35 25.62
CA LEU D 217 -49.11 5.51 25.13
C LEU D 217 -48.13 5.58 26.29
N ALA D 218 -48.48 6.32 27.35
CA ALA D 218 -47.62 6.36 28.52
C ALA D 218 -47.40 4.97 29.09
N SER D 219 -48.46 4.15 29.09
CA SER D 219 -48.31 2.77 29.56
C SER D 219 -47.43 1.95 28.63
N GLN D 220 -47.46 2.24 27.34
CA GLN D 220 -46.70 1.43 26.37
C GLN D 220 -45.20 1.53 26.62
N VAL D 221 -44.70 2.71 26.95
CA VAL D 221 -43.26 2.88 27.10
C VAL D 221 -42.75 1.94 28.19
N PRO D 222 -41.73 1.12 27.93
CA PRO D 222 -41.25 0.21 28.98
C PRO D 222 -40.83 0.93 30.25
N PHE D 223 -39.92 1.89 30.13
CA PHE D 223 -39.52 2.69 31.27
C PHE D 223 -38.78 3.95 30.82
N PRO D 224 -39.13 5.12 31.34
CA PRO D 224 -40.21 5.42 32.28
C PRO D 224 -41.57 5.30 31.62
N SER D 225 -42.58 4.79 32.33
CA SER D 225 -43.91 4.57 31.75
C SER D 225 -44.65 5.91 31.71
N ARG D 226 -44.12 6.82 30.88
CA ARG D 226 -44.71 8.13 30.72
C ARG D 226 -44.25 8.72 29.40
N LEU D 227 -44.99 9.72 28.92
CA LEU D 227 -44.60 10.42 27.72
C LEU D 227 -43.30 11.18 27.95
N GLY D 228 -42.48 11.28 26.91
CA GLY D 228 -41.21 11.96 27.05
C GLY D 228 -41.40 13.42 27.43
N ASP D 229 -40.50 13.91 28.27
CA ASP D 229 -40.49 15.30 28.68
C ASP D 229 -39.59 16.11 27.75
N PRO D 230 -40.07 17.20 27.15
CA PRO D 230 -39.19 17.97 26.25
C PRO D 230 -37.89 18.41 26.89
N ALA D 231 -37.88 18.64 28.20
CA ALA D 231 -36.63 18.98 28.88
C ALA D 231 -35.59 17.89 28.68
N GLU D 232 -36.01 16.63 28.61
CA GLU D 232 -35.07 15.54 28.37
C GLU D 232 -34.45 15.67 26.97
N TYR D 233 -35.26 16.00 25.98
CA TYR D 233 -34.74 16.22 24.64
C TYR D 233 -33.76 17.38 24.61
N ALA D 234 -34.09 18.46 25.32
CA ALA D 234 -33.17 19.59 25.39
C ALA D 234 -31.86 19.19 26.05
N HIS D 235 -31.93 18.38 27.11
CA HIS D 235 -30.71 17.93 27.77
C HIS D 235 -29.87 17.08 26.84
N LEU D 236 -30.51 16.19 26.08
CA LEU D 236 -29.75 15.38 25.12
C LEU D 236 -29.10 16.26 24.06
N VAL D 237 -29.82 17.28 23.59
CA VAL D 237 -29.25 18.20 22.60
C VAL D 237 -28.03 18.90 23.18
N GLN D 238 -28.13 19.37 24.43
CA GLN D 238 -26.99 20.02 25.07
C GLN D 238 -25.82 19.06 25.21
N ALA D 239 -26.10 17.81 25.57
CA ALA D 239 -25.03 16.83 25.69
C ALA D 239 -24.34 16.61 24.35
N ILE D 240 -25.13 16.52 23.28
CA ILE D 240 -24.54 16.36 21.94
C ILE D 240 -23.67 17.57 21.61
N ILE D 241 -24.14 18.77 21.93
CA ILE D 241 -23.36 19.97 21.66
C ILE D 241 -22.04 19.92 22.42
N GLU D 242 -22.09 19.55 23.70
CA GLU D 242 -20.89 19.59 24.53
C GLU D 242 -19.87 18.54 24.08
N ASN D 243 -20.32 17.34 23.80
CA ASN D 243 -19.38 16.27 23.44
C ASN D 243 -18.80 16.52 22.06
N PRO D 244 -17.48 16.60 21.91
CA PRO D 244 -16.88 16.91 20.61
C PRO D 244 -16.61 15.71 19.71
N PHE D 245 -17.20 14.55 20.00
CA PHE D 245 -16.89 13.33 19.27
C PHE D 245 -18.11 12.62 18.72
N LEU D 246 -19.31 13.11 19.00
CA LEU D 246 -20.53 12.51 18.46
C LEU D 246 -20.80 13.10 17.08
N ASN D 247 -20.74 12.26 16.05
CA ASN D 247 -20.88 12.73 14.68
C ASN D 247 -21.49 11.64 13.82
N GLY D 248 -22.41 12.03 12.95
CA GLY D 248 -22.99 11.10 12.00
C GLY D 248 -23.64 9.89 12.64
N GLU D 249 -24.40 10.10 13.72
CA GLU D 249 -25.05 9.01 14.43
C GLU D 249 -26.48 9.40 14.74
N VAL D 250 -27.36 8.41 14.78
CA VAL D 250 -28.76 8.58 15.14
C VAL D 250 -28.94 8.04 16.55
N ILE D 251 -29.42 8.88 17.45
CA ILE D 251 -29.64 8.51 18.85
C ILE D 251 -31.14 8.39 19.06
N ARG D 252 -31.58 7.22 19.54
CA ARG D 252 -33.00 6.96 19.77
C ARG D 252 -33.33 7.37 21.20
N LEU D 253 -33.90 8.56 21.36
CA LEU D 253 -34.38 9.03 22.65
C LEU D 253 -35.85 8.63 22.81
N ASP D 254 -36.06 7.31 22.92
CA ASP D 254 -37.39 6.74 22.88
C ASP D 254 -37.83 6.08 24.18
N GLY D 255 -36.93 5.86 25.13
CA GLY D 255 -37.32 5.18 26.34
C GLY D 255 -37.51 3.69 26.19
N ALA D 256 -36.91 3.08 25.17
CA ALA D 256 -36.93 1.65 24.89
C ALA D 256 -38.24 1.20 24.24
N ILE D 257 -39.09 2.12 23.82
CA ILE D 257 -40.35 1.75 23.19
C ILE D 257 -40.10 1.36 21.74
N ARG D 258 -40.66 0.22 21.32
CA ARG D 258 -40.68 -0.21 19.93
C ARG D 258 -42.13 -0.15 19.46
N MET D 259 -42.41 0.76 18.54
CA MET D 259 -43.78 1.03 18.17
C MET D 259 -44.43 -0.19 17.53
N GLN D 260 -45.51 -0.66 18.14
CA GLN D 260 -46.25 -1.79 17.61
C GLN D 260 -46.98 -1.40 16.33
N PRO D 261 -47.37 -2.37 15.50
CA PRO D 261 -48.07 -2.08 14.24
C PRO D 261 -49.23 -1.10 14.41
N ILE E 62 36.19 21.76 -51.96
CA ILE E 62 37.09 22.30 -50.95
C ILE E 62 37.98 23.37 -51.55
N GLN E 63 37.36 24.36 -52.20
CA GLN E 63 38.10 25.45 -52.81
C GLN E 63 38.60 26.39 -51.72
N LEU E 64 39.86 26.19 -51.30
CA LEU E 64 40.42 26.89 -50.14
C LEU E 64 41.62 27.71 -50.56
N PRO E 65 41.47 29.02 -50.78
CA PRO E 65 42.62 29.86 -51.13
C PRO E 65 43.39 30.34 -49.91
N THR E 66 44.67 30.61 -50.14
CA THR E 66 45.57 31.10 -49.10
C THR E 66 45.78 32.62 -49.17
N GLN E 67 45.00 33.31 -49.99
CA GLN E 67 45.14 34.74 -50.18
C GLN E 67 44.21 35.48 -49.23
N PRO E 68 44.41 36.78 -49.03
CA PRO E 68 43.54 37.53 -48.12
C PRO E 68 42.09 37.46 -48.56
N LEU E 69 41.20 37.43 -47.57
CA LEU E 69 39.77 37.23 -47.81
C LEU E 69 39.11 38.61 -47.86
N ASN E 70 39.35 39.31 -48.96
CA ASN E 70 38.77 40.64 -49.14
C ASN E 70 37.25 40.56 -49.00
N SER E 71 36.66 41.53 -48.30
CA SER E 71 35.31 41.40 -47.78
C SER E 71 34.36 40.73 -48.76
N GLU E 72 34.21 41.30 -49.96
CA GLU E 72 33.14 40.85 -50.86
C GLU E 72 33.18 39.33 -51.04
N GLU E 73 34.38 38.75 -51.15
CA GLU E 73 34.46 37.33 -51.46
C GLU E 73 33.69 36.50 -50.44
N TRP E 74 33.87 36.80 -49.14
CA TRP E 74 33.30 35.89 -48.16
C TRP E 74 31.80 35.81 -48.30
N ASP E 75 31.17 36.83 -48.91
CA ASP E 75 29.74 36.75 -49.18
C ASP E 75 29.47 35.41 -49.85
N LYS E 76 30.02 35.22 -51.06
CA LYS E 76 29.75 33.98 -51.78
C LYS E 76 30.25 32.77 -50.99
N LEU E 77 31.29 32.95 -50.18
CA LEU E 77 31.81 31.82 -49.40
C LEU E 77 30.69 31.16 -48.63
N LYS E 78 29.71 31.94 -48.19
CA LYS E 78 28.56 31.36 -47.50
C LYS E 78 27.62 30.66 -48.46
N GLU E 79 27.20 31.35 -49.52
CA GLU E 79 26.15 30.79 -50.38
C GLU E 79 26.58 29.45 -50.95
N ASP E 80 25.64 28.50 -50.93
CA ASP E 80 25.89 27.15 -51.45
C ASP E 80 27.01 26.45 -50.69
N LEU E 81 27.21 26.80 -49.42
CA LEU E 81 28.25 26.15 -48.63
C LEU E 81 27.68 25.67 -47.29
N LYS E 82 26.68 26.36 -46.76
CA LYS E 82 26.11 25.96 -45.48
C LYS E 82 25.70 24.50 -45.51
N GLU E 83 24.91 24.11 -46.52
CA GLU E 83 24.45 22.73 -46.64
C GLU E 83 25.54 21.78 -47.09
N ASN E 84 26.65 22.30 -47.64
CA ASN E 84 27.70 21.42 -48.15
C ASN E 84 28.30 20.57 -47.04
N THR E 85 28.56 21.16 -45.89
CA THR E 85 29.19 20.48 -44.76
C THR E 85 28.28 20.55 -43.55
N GLY E 86 28.22 19.44 -42.80
CA GLY E 86 27.41 19.41 -41.60
C GLY E 86 27.99 20.24 -40.48
N LYS E 87 27.16 20.48 -39.46
CA LYS E 87 27.56 21.26 -38.29
C LYS E 87 28.02 22.66 -38.70
N THR E 88 27.11 23.39 -39.34
CA THR E 88 27.25 24.79 -39.73
C THR E 88 28.51 25.08 -40.53
N SER E 89 29.18 24.04 -41.06
CA SER E 89 30.30 24.22 -41.98
C SER E 89 31.29 25.28 -41.51
N PHE E 90 31.41 26.38 -42.24
CA PHE E 90 32.36 27.43 -41.92
C PHE E 90 32.17 27.94 -40.50
N GLU E 91 33.22 28.60 -39.99
CA GLU E 91 33.43 28.92 -38.57
C GLU E 91 33.68 27.68 -37.72
N SER E 92 33.52 26.49 -38.30
CA SER E 92 33.70 25.26 -37.54
C SER E 92 34.60 24.28 -38.26
N TRP E 93 34.59 24.32 -39.59
CA TRP E 93 35.27 23.33 -40.41
C TRP E 93 36.36 23.92 -41.29
N ILE E 94 36.23 25.17 -41.73
CA ILE E 94 37.28 25.77 -42.55
C ILE E 94 38.58 25.88 -41.75
N ILE E 95 38.47 26.20 -40.47
CA ILE E 95 39.66 26.30 -39.64
C ILE E 95 40.37 24.95 -39.56
N SER E 96 39.59 23.87 -39.41
CA SER E 96 40.17 22.53 -39.44
C SER E 96 40.82 22.24 -40.79
N GLN E 97 40.16 22.62 -41.87
CA GLN E 97 40.75 22.42 -43.20
C GLN E 97 42.05 23.18 -43.33
N MET E 98 42.22 24.27 -42.59
CA MET E 98 43.45 25.04 -42.63
C MET E 98 44.55 24.25 -41.93
N ALA E 99 45.69 24.91 -41.70
CA ALA E 99 46.90 24.35 -41.10
C ALA E 99 47.73 23.54 -42.08
N GLY E 100 47.45 23.62 -43.38
CA GLY E 100 48.21 22.91 -44.39
C GLY E 100 49.23 23.82 -45.05
N CYS E 101 50.47 23.37 -45.08
CA CYS E 101 51.60 24.01 -45.76
C CYS E 101 52.11 25.24 -45.01
N HIS E 102 51.53 25.60 -43.86
CA HIS E 102 51.89 26.73 -43.03
C HIS E 102 51.58 28.08 -43.67
N SER E 103 51.08 28.10 -44.91
CA SER E 103 50.58 29.32 -45.51
C SER E 103 49.13 29.60 -45.11
N SER E 104 48.45 28.60 -44.55
CA SER E 104 47.06 28.80 -44.11
C SER E 104 46.96 29.77 -42.95
N ILE E 105 48.03 29.98 -42.19
CA ILE E 105 47.98 30.87 -41.05
C ILE E 105 47.71 32.30 -41.50
N ASP E 106 48.50 32.77 -42.48
CA ASP E 106 48.40 34.15 -42.94
C ASP E 106 47.04 34.48 -43.51
N VAL E 107 46.29 33.48 -43.97
CA VAL E 107 44.96 33.68 -44.51
C VAL E 107 43.88 33.49 -43.44
N ALA E 108 44.04 32.53 -42.53
CA ALA E 108 43.15 32.42 -41.39
C ALA E 108 43.14 33.69 -40.55
N LYS E 109 44.25 34.44 -40.56
CA LYS E 109 44.23 35.73 -39.87
C LYS E 109 43.14 36.64 -40.43
N SER E 110 43.08 36.75 -41.76
CA SER E 110 42.04 37.58 -42.37
C SER E 110 40.66 36.97 -42.19
N LEU E 111 40.58 35.63 -42.20
CA LEU E 111 39.32 34.97 -41.86
C LEU E 111 38.79 35.51 -40.54
N LEU E 112 39.58 35.36 -39.48
CA LEU E 112 39.19 35.86 -38.17
C LEU E 112 38.96 37.37 -38.20
N ALA E 113 39.71 38.09 -39.04
CA ALA E 113 39.55 39.54 -39.12
C ALA E 113 38.13 39.91 -39.52
N TRP E 114 37.64 39.33 -40.62
CA TRP E 114 36.29 39.69 -41.05
C TRP E 114 35.24 39.03 -40.17
N VAL E 115 35.57 37.90 -39.54
CA VAL E 115 34.65 37.34 -38.55
C VAL E 115 34.39 38.33 -37.43
N ALA E 116 35.46 38.91 -36.89
CA ALA E 116 35.31 39.93 -35.86
C ALA E 116 34.63 41.17 -36.41
N ALA E 117 34.95 41.56 -37.65
CA ALA E 117 34.28 42.68 -38.28
C ALA E 117 32.76 42.50 -38.22
N LYS E 118 32.28 41.33 -38.62
CA LYS E 118 30.86 41.03 -38.47
C LYS E 118 30.44 41.08 -37.01
N ASN E 119 31.27 40.53 -36.12
CA ASN E 119 30.99 40.60 -34.69
C ASN E 119 31.11 42.04 -34.21
N ASN E 120 30.61 42.29 -33.01
CA ASN E 120 30.68 43.61 -32.38
C ASN E 120 32.04 43.79 -31.70
N GLY E 121 33.09 43.68 -32.51
CA GLY E 121 34.44 43.83 -32.00
C GLY E 121 34.81 42.80 -30.95
N ILE E 122 34.41 41.55 -31.16
CA ILE E 122 34.72 40.46 -30.24
C ILE E 122 34.83 39.17 -31.04
N VAL E 123 35.70 38.28 -30.60
CA VAL E 123 36.00 37.04 -31.31
C VAL E 123 35.55 35.87 -30.46
N SER E 124 34.92 34.89 -31.11
CA SER E 124 34.51 33.68 -30.41
C SER E 124 35.71 32.99 -29.79
N TYR E 125 35.54 32.55 -28.54
CA TYR E 125 36.64 31.88 -27.85
C TYR E 125 37.03 30.59 -28.55
N ASP E 126 36.05 29.87 -29.10
CA ASP E 126 36.35 28.64 -29.83
C ASP E 126 37.22 28.95 -31.05
N LEU E 127 36.87 29.99 -31.80
CA LEU E 127 37.70 30.39 -32.93
C LEU E 127 39.09 30.80 -32.46
N LEU E 128 39.18 31.51 -31.33
CA LEU E 128 40.46 31.93 -30.82
C LEU E 128 41.35 30.73 -30.48
N VAL E 129 40.78 29.73 -29.82
CA VAL E 129 41.56 28.55 -29.43
C VAL E 129 41.95 27.75 -30.66
N LYS E 130 41.07 27.67 -31.65
CA LYS E 130 41.44 26.99 -32.89
C LYS E 130 42.59 27.70 -33.58
N TYR E 131 42.57 29.03 -33.60
CA TYR E 131 43.69 29.79 -34.16
C TYR E 131 44.96 29.53 -33.36
N LEU E 132 44.84 29.46 -32.04
CA LEU E 132 45.98 29.07 -31.21
C LEU E 132 46.55 27.74 -31.68
N TYR E 133 45.68 26.75 -31.86
CA TYR E 133 46.13 25.44 -32.31
C TYR E 133 46.87 25.54 -33.63
N LEU E 134 46.29 26.26 -34.59
CA LEU E 134 46.91 26.37 -35.91
C LEU E 134 48.29 27.01 -35.82
N CYS E 135 48.38 28.18 -35.19
CA CYS E 135 49.66 28.89 -35.17
C CYS E 135 50.71 28.11 -34.41
N VAL E 136 50.34 27.50 -33.28
CA VAL E 136 51.32 26.72 -32.52
C VAL E 136 51.76 25.50 -33.33
N PHE E 137 50.83 24.86 -34.05
CA PHE E 137 51.22 23.76 -34.92
C PHE E 137 52.19 24.24 -35.99
N HIS E 138 52.11 25.51 -36.39
CA HIS E 138 53.03 26.06 -37.36
C HIS E 138 54.11 26.94 -36.74
N MET E 139 54.20 26.97 -35.41
CA MET E 139 55.37 27.49 -34.69
C MET E 139 55.65 28.94 -35.08
N GLN E 140 54.73 29.81 -34.71
CA GLN E 140 54.86 31.25 -34.91
C GLN E 140 54.98 31.90 -33.52
N THR E 141 56.22 32.04 -33.05
CA THR E 141 56.46 32.44 -31.66
C THR E 141 55.92 33.84 -31.39
N SER E 142 56.08 34.77 -32.33
CA SER E 142 55.50 36.10 -32.14
C SER E 142 53.99 36.02 -32.00
N GLU E 143 53.36 35.15 -32.79
CA GLU E 143 51.93 34.94 -32.65
C GLU E 143 51.59 34.37 -31.28
N VAL E 144 52.44 33.47 -30.77
CA VAL E 144 52.20 32.94 -29.42
C VAL E 144 52.26 34.06 -28.40
N ILE E 145 53.23 34.95 -28.53
CA ILE E 145 53.35 36.05 -27.58
C ILE E 145 52.10 36.93 -27.63
N ASP E 146 51.67 37.28 -28.85
CA ASP E 146 50.51 38.15 -28.97
C ASP E 146 49.25 37.47 -28.44
N VAL E 147 49.08 36.17 -28.70
CA VAL E 147 47.89 35.49 -28.22
C VAL E 147 47.95 35.30 -26.70
N PHE E 148 49.14 35.16 -26.12
CA PHE E 148 49.23 35.15 -24.67
C PHE E 148 48.74 36.48 -24.11
N GLU E 149 49.17 37.59 -24.72
CA GLU E 149 48.63 38.88 -24.32
C GLU E 149 47.12 38.93 -24.52
N ILE E 150 46.63 38.32 -25.59
CA ILE E 150 45.20 38.27 -25.86
C ILE E 150 44.46 37.56 -24.73
N MET E 151 44.96 36.40 -24.32
CA MET E 151 44.33 35.69 -23.20
C MET E 151 44.35 36.56 -21.95
N LYS E 152 45.50 37.16 -21.65
CA LYS E 152 45.61 37.99 -20.47
C LYS E 152 44.56 39.11 -20.47
N ALA E 153 44.41 39.78 -21.60
CA ALA E 153 43.54 40.95 -21.69
C ALA E 153 42.09 40.60 -22.00
N ARG E 154 41.79 39.34 -22.30
CA ARG E 154 40.42 38.92 -22.61
C ARG E 154 39.77 38.15 -21.48
N TYR E 155 40.42 37.09 -20.99
CA TYR E 155 39.83 36.24 -19.96
C TYR E 155 40.78 36.14 -18.77
N LYS E 156 40.19 36.16 -17.57
CA LYS E 156 40.99 35.93 -16.37
C LYS E 156 41.50 34.49 -16.31
N THR E 157 40.78 33.55 -16.90
CA THR E 157 41.13 32.14 -16.88
C THR E 157 41.05 31.58 -18.29
N LEU E 158 42.02 30.74 -18.65
CA LEU E 158 42.03 30.07 -19.93
C LEU E 158 41.24 28.78 -19.84
N GLU E 159 41.35 27.92 -20.85
CA GLU E 159 40.53 26.72 -20.95
C GLU E 159 41.42 25.50 -21.18
N PRO E 160 41.00 24.33 -20.67
CA PRO E 160 41.79 23.11 -20.89
C PRO E 160 42.08 22.86 -22.36
N ARG E 161 43.34 22.52 -22.63
CA ARG E 161 43.91 22.41 -23.97
C ARG E 161 44.15 23.78 -24.59
N GLY E 162 43.51 24.82 -24.05
CA GLY E 162 43.96 26.16 -24.33
C GLY E 162 45.26 26.44 -23.62
N TYR E 163 45.35 26.04 -22.36
CA TYR E 163 46.64 26.05 -21.66
C TYR E 163 47.67 25.24 -22.42
N SER E 164 47.27 24.08 -22.94
CA SER E 164 48.21 23.21 -23.64
C SER E 164 48.78 23.90 -24.88
N LEU E 165 47.91 24.46 -25.71
CA LEU E 165 48.40 25.16 -26.90
C LEU E 165 49.25 26.36 -26.51
N LEU E 166 48.84 27.09 -25.47
CA LEU E 166 49.61 28.25 -25.03
C LEU E 166 51.01 27.85 -24.65
N ILE E 167 51.16 26.79 -23.85
CA ILE E 167 52.50 26.37 -23.42
C ILE E 167 53.29 25.82 -24.60
N ARG E 168 52.63 25.08 -25.50
CA ARG E 168 53.33 24.52 -26.65
C ARG E 168 53.93 25.62 -27.50
N GLY E 169 53.20 26.72 -27.67
CA GLY E 169 53.80 27.88 -28.31
C GLY E 169 54.86 28.53 -27.44
N LEU E 170 54.62 28.59 -26.14
CA LEU E 170 55.44 29.39 -25.24
C LEU E 170 56.81 28.78 -24.97
N ILE E 171 57.00 27.50 -25.31
CA ILE E 171 58.29 26.86 -25.06
C ILE E 171 59.42 27.62 -25.76
N HIS E 172 59.17 28.08 -26.99
CA HIS E 172 60.23 28.72 -27.76
C HIS E 172 60.60 30.09 -27.24
N SER E 173 59.69 30.76 -26.54
CA SER E 173 59.99 32.08 -25.99
C SER E 173 60.89 31.96 -24.76
N ASP E 174 61.28 33.11 -24.23
CA ASP E 174 62.09 33.14 -23.01
C ASP E 174 61.26 33.05 -21.74
N ARG E 175 59.94 33.15 -21.85
CA ARG E 175 59.06 33.19 -20.68
C ARG E 175 58.66 31.78 -20.25
N TRP E 176 59.68 30.98 -19.94
CA TRP E 176 59.43 29.63 -19.42
C TRP E 176 58.73 29.69 -18.07
N ARG E 177 59.15 30.61 -17.20
CA ARG E 177 58.53 30.72 -15.90
C ARG E 177 57.04 31.03 -16.03
N GLU E 178 56.64 31.74 -17.08
CA GLU E 178 55.22 31.93 -17.34
C GLU E 178 54.55 30.61 -17.62
N ALA E 179 55.24 29.72 -18.35
CA ALA E 179 54.71 28.37 -18.55
C ALA E 179 54.54 27.65 -17.22
N LEU E 180 55.51 27.81 -16.32
CA LEU E 180 55.41 27.17 -15.01
C LEU E 180 54.21 27.71 -14.23
N LEU E 181 54.01 29.03 -14.24
CA LEU E 181 52.84 29.61 -13.58
C LEU E 181 51.55 29.10 -14.20
N LEU E 182 51.50 28.99 -15.53
CA LEU E 182 50.29 28.49 -16.17
C LEU E 182 50.03 27.03 -15.80
N LEU E 183 51.09 26.24 -15.70
CA LEU E 183 50.94 24.85 -15.25
C LEU E 183 50.37 24.81 -13.84
N GLU E 184 50.92 25.61 -12.94
CA GLU E 184 50.36 25.68 -11.58
C GLU E 184 48.91 26.12 -11.63
N ASP E 185 48.58 27.03 -12.54
CA ASP E 185 47.22 27.54 -12.65
C ASP E 185 46.26 26.43 -13.02
N ILE E 186 46.56 25.69 -14.09
CA ILE E 186 45.71 24.57 -14.46
C ILE E 186 45.68 23.55 -13.33
N LYS E 187 46.76 23.47 -12.55
CA LYS E 187 46.80 22.55 -11.42
C LYS E 187 45.81 22.93 -10.33
N LYS E 188 45.64 24.23 -10.06
CA LYS E 188 44.83 24.60 -8.90
C LYS E 188 43.44 23.99 -8.95
N VAL E 189 42.89 23.78 -10.15
CA VAL E 189 41.50 23.39 -10.32
C VAL E 189 41.38 21.95 -10.80
N ILE E 190 42.21 21.56 -11.78
CA ILE E 190 42.12 20.25 -12.40
C ILE E 190 43.53 19.66 -12.54
N THR E 191 43.58 18.36 -12.71
CA THR E 191 44.84 17.67 -12.90
C THR E 191 45.33 17.87 -14.32
N PRO E 192 46.51 18.46 -14.55
CA PRO E 192 47.00 18.62 -15.92
C PRO E 192 47.33 17.27 -16.54
N SER E 193 47.62 17.30 -17.84
CA SER E 193 47.75 16.09 -18.65
C SER E 193 49.21 15.74 -18.87
N LYS E 194 49.41 14.48 -19.28
CA LYS E 194 50.75 14.00 -19.59
C LYS E 194 51.38 14.81 -20.72
N LYS E 195 50.60 15.15 -21.74
CA LYS E 195 51.10 15.98 -22.82
C LYS E 195 51.52 17.35 -22.30
N ASN E 196 50.72 17.93 -21.41
CA ASN E 196 51.10 19.20 -20.79
C ASN E 196 52.43 19.07 -20.08
N TYR E 197 52.59 18.00 -19.29
CA TYR E 197 53.83 17.79 -18.56
C TYR E 197 55.02 17.69 -19.52
N ASN E 198 54.88 16.86 -20.56
CA ASN E 198 55.95 16.71 -21.54
C ASN E 198 56.31 18.05 -22.17
N ASP E 199 55.29 18.79 -22.60
CA ASP E 199 55.52 20.07 -23.26
C ASP E 199 56.29 21.03 -22.35
N CYS E 200 55.81 21.18 -21.11
CA CYS E 200 56.44 22.15 -20.22
C CYS E 200 57.83 21.72 -19.80
N ILE E 201 58.07 20.42 -19.59
CA ILE E 201 59.42 20.00 -19.24
C ILE E 201 60.36 20.22 -20.41
N GLN E 202 59.88 19.97 -21.64
CA GLN E 202 60.73 20.22 -22.80
C GLN E 202 61.10 21.68 -22.88
N GLY E 203 60.13 22.58 -22.68
CA GLY E 203 60.45 24.00 -22.66
C GLY E 203 61.44 24.34 -21.58
N ALA E 204 61.21 23.84 -20.36
CA ALA E 204 62.08 24.18 -19.24
C ALA E 204 63.51 23.72 -19.49
N LEU E 205 63.68 22.48 -19.94
CA LEU E 205 65.03 21.99 -20.22
C LEU E 205 65.66 22.80 -21.35
N LEU E 206 64.89 23.12 -22.40
CA LEU E 206 65.41 23.99 -23.44
C LEU E 206 65.88 25.32 -22.86
N HIS E 207 65.30 25.73 -21.73
CA HIS E 207 65.69 26.97 -21.06
C HIS E 207 66.79 26.76 -20.03
N GLN E 208 67.48 25.61 -20.07
CA GLN E 208 68.67 25.37 -19.27
C GLN E 208 68.39 25.33 -17.77
N ASP E 209 67.12 25.13 -17.37
CA ASP E 209 66.75 25.13 -15.96
C ASP E 209 66.65 23.68 -15.49
N VAL E 210 67.81 23.08 -15.28
CA VAL E 210 67.88 21.66 -14.94
C VAL E 210 67.20 21.39 -13.60
N ASN E 211 67.43 22.25 -12.61
CA ASN E 211 66.85 22.03 -11.29
C ASN E 211 65.33 22.02 -11.35
N THR E 212 64.75 23.02 -12.01
CA THR E 212 63.29 23.09 -12.11
C THR E 212 62.75 21.92 -12.94
N ALA E 213 63.46 21.54 -14.00
CA ALA E 213 63.03 20.40 -14.79
C ALA E 213 62.97 19.14 -13.93
N TRP E 214 64.00 18.91 -13.11
CA TRP E 214 63.99 17.75 -12.24
C TRP E 214 62.88 17.84 -11.20
N ASN E 215 62.66 19.04 -10.64
CA ASN E 215 61.59 19.20 -9.67
C ASN E 215 60.23 18.87 -10.30
N LEU E 216 60.01 19.31 -11.53
CA LEU E 216 58.73 19.05 -12.17
C LEU E 216 58.60 17.59 -12.57
N TYR E 217 59.71 16.93 -12.90
CA TYR E 217 59.67 15.49 -13.12
C TYR E 217 59.26 14.76 -11.85
N GLN E 218 59.83 15.17 -10.71
CA GLN E 218 59.43 14.59 -9.43
C GLN E 218 57.96 14.87 -9.14
N GLU E 219 57.49 16.06 -9.52
CA GLU E 219 56.07 16.36 -9.36
C GLU E 219 55.22 15.41 -10.18
N LEU E 220 55.60 15.19 -11.44
CA LEU E 220 54.91 14.23 -12.28
C LEU E 220 54.83 12.88 -11.59
N LEU E 221 55.97 12.40 -11.10
CA LEU E 221 55.98 11.10 -10.42
C LEU E 221 55.04 11.11 -9.21
N GLY E 222 55.05 12.21 -8.46
CA GLY E 222 54.14 12.31 -7.33
C GLY E 222 52.69 12.18 -7.74
N HIS E 223 52.30 12.82 -8.84
CA HIS E 223 50.94 12.67 -9.34
C HIS E 223 50.65 11.28 -9.90
N ASP E 224 51.68 10.44 -10.09
CA ASP E 224 51.50 9.04 -10.44
C ASP E 224 50.96 8.87 -11.87
N ILE E 225 51.43 9.70 -12.79
CA ILE E 225 51.14 9.55 -14.21
C ILE E 225 52.36 8.96 -14.89
N VAL E 226 52.13 7.93 -15.71
CA VAL E 226 53.23 7.29 -16.44
C VAL E 226 53.82 8.32 -17.40
N PRO E 227 55.12 8.59 -17.36
CA PRO E 227 55.69 9.59 -18.26
C PRO E 227 55.81 9.06 -19.68
N MET E 228 55.89 9.99 -20.63
CA MET E 228 56.07 9.64 -22.03
C MET E 228 57.55 9.46 -22.32
N LEU E 229 57.87 8.41 -23.09
CA LEU E 229 59.26 8.13 -23.40
C LEU E 229 59.95 9.32 -24.06
N GLU E 230 59.19 10.11 -24.82
CA GLU E 230 59.77 11.30 -25.44
C GLU E 230 60.27 12.28 -24.38
N THR E 231 59.62 12.24 -23.25
CA THR E 231 60.15 13.13 -22.23
C THR E 231 61.59 12.78 -21.99
N LEU E 232 61.80 11.59 -21.51
CA LEU E 232 63.14 11.20 -21.07
C LEU E 232 64.13 11.28 -22.23
N LYS E 233 63.67 10.99 -23.45
CA LYS E 233 64.52 11.12 -24.61
C LYS E 233 65.01 12.55 -24.77
N ALA E 234 64.09 13.52 -24.69
CA ALA E 234 64.47 14.93 -24.77
C ALA E 234 65.32 15.34 -23.58
N PHE E 235 65.02 14.81 -22.40
CA PHE E 235 65.87 15.05 -21.23
C PHE E 235 67.31 14.69 -21.54
N PHE E 236 67.53 13.47 -22.05
CA PHE E 236 68.88 13.03 -22.37
C PHE E 236 69.49 13.90 -23.47
N ASP E 237 68.70 14.20 -24.49
CA ASP E 237 69.20 14.98 -25.62
C ASP E 237 69.71 16.33 -25.16
N PHE E 238 68.93 17.05 -24.36
CA PHE E 238 69.39 18.33 -23.86
C PHE E 238 70.58 18.17 -22.94
N GLY E 239 70.55 17.15 -22.07
CA GLY E 239 71.68 16.92 -21.18
C GLY E 239 72.98 16.71 -21.93
N LYS E 240 72.89 16.19 -23.16
CA LYS E 240 74.08 15.92 -23.98
C LYS E 240 75.15 16.99 -23.81
N ASP E 241 74.77 18.27 -23.93
CA ASP E 241 75.77 19.33 -23.93
C ASP E 241 76.51 19.41 -22.59
N ILE E 242 75.78 19.34 -21.48
CA ILE E 242 76.32 19.59 -20.15
C ILE E 242 76.47 18.28 -19.40
N LYS E 243 77.61 18.11 -18.74
CA LYS E 243 77.92 16.92 -17.96
C LYS E 243 78.06 17.32 -16.50
N ASP E 244 77.42 16.54 -15.62
CA ASP E 244 77.47 16.81 -14.19
C ASP E 244 77.26 15.50 -13.45
N ASP E 245 77.85 15.39 -12.26
CA ASP E 245 77.70 14.18 -11.45
C ASP E 245 76.26 14.02 -10.97
N ASN E 246 75.64 15.10 -10.49
CA ASN E 246 74.25 15.04 -10.08
C ASN E 246 73.36 14.70 -11.27
N TYR E 247 73.66 15.27 -12.43
CA TYR E 247 72.90 14.95 -13.63
C TYR E 247 73.02 13.47 -13.97
N SER E 248 74.23 12.92 -13.86
CA SER E 248 74.41 11.51 -14.14
C SER E 248 73.65 10.65 -13.13
N ASN E 249 73.62 11.07 -11.87
CA ASN E 249 72.83 10.34 -10.88
C ASN E 249 71.35 10.36 -11.24
N LYS E 250 70.86 11.51 -11.70
CA LYS E 250 69.48 11.60 -12.14
C LYS E 250 69.22 10.65 -13.30
N LEU E 251 70.17 10.58 -14.25
CA LEU E 251 70.00 9.70 -15.39
C LEU E 251 69.99 8.24 -14.96
N LEU E 252 70.85 7.87 -14.02
CA LEU E 252 70.84 6.51 -13.48
C LEU E 252 69.50 6.21 -12.83
N ASP E 253 68.96 7.17 -12.08
CA ASP E 253 67.65 6.98 -11.48
C ASP E 253 66.59 6.78 -12.55
N ILE E 254 66.67 7.54 -13.64
CA ILE E 254 65.74 7.39 -14.74
C ILE E 254 65.81 5.98 -15.32
N LEU E 255 67.03 5.49 -15.54
CA LEU E 255 67.20 4.17 -16.12
C LEU E 255 66.67 3.09 -15.18
N SER E 256 66.91 3.25 -13.87
CA SER E 256 66.36 2.30 -12.90
C SER E 256 64.84 2.32 -12.93
N TYR E 257 64.24 3.51 -13.04
CA TYR E 257 62.79 3.59 -13.13
C TYR E 257 62.28 2.90 -14.39
N LEU E 258 63.00 3.06 -15.50
CA LEU E 258 62.61 2.36 -16.73
C LEU E 258 62.68 0.86 -16.54
N ARG E 259 63.73 0.37 -15.88
CA ARG E 259 63.81 -1.05 -15.57
C ARG E 259 62.63 -1.49 -14.73
N ASN E 260 62.27 -0.69 -13.72
CA ASN E 260 61.16 -1.05 -12.84
C ASN E 260 59.84 -1.10 -13.61
N ASN E 261 59.60 -0.12 -14.48
CA ASN E 261 58.33 -0.03 -15.17
C ASN E 261 58.23 -0.94 -16.38
N GLN E 262 59.36 -1.49 -16.85
CA GLN E 262 59.44 -2.53 -17.88
C GLN E 262 59.25 -1.95 -19.29
N LEU E 263 58.92 -0.67 -19.45
CA LEU E 263 58.71 -0.12 -20.77
C LEU E 263 59.99 -0.19 -21.60
N TYR E 264 59.84 -0.40 -22.90
CA TYR E 264 61.03 -0.47 -23.79
C TYR E 264 61.10 0.78 -24.65
N PRO E 265 62.30 1.32 -24.87
CA PRO E 265 62.50 2.54 -25.65
C PRO E 265 62.67 2.27 -27.13
N GLY E 266 62.61 3.35 -27.92
CA GLY E 266 62.71 3.28 -29.36
C GLY E 266 64.12 3.55 -29.87
N GLU E 267 64.23 3.61 -31.21
CA GLU E 267 65.53 3.83 -31.84
C GLU E 267 66.09 5.21 -31.51
N SER E 268 65.24 6.24 -31.53
CA SER E 268 65.71 7.58 -31.18
C SER E 268 66.20 7.63 -29.75
N PHE E 269 65.46 6.99 -28.85
CA PHE E 269 65.88 6.94 -27.45
C PHE E 269 67.21 6.19 -27.32
N ALA E 270 67.37 5.11 -28.06
CA ALA E 270 68.63 4.36 -28.01
C ALA E 270 69.79 5.21 -28.54
N HIS E 271 69.53 5.98 -29.60
CA HIS E 271 70.56 6.87 -30.12
C HIS E 271 70.95 7.92 -29.08
N SER E 272 69.95 8.48 -28.39
CA SER E 272 70.26 9.40 -27.30
C SER E 272 71.08 8.72 -26.21
N ILE E 273 70.72 7.48 -25.88
CA ILE E 273 71.44 6.74 -24.86
C ILE E 273 72.91 6.59 -25.26
N LYS E 274 73.16 6.14 -26.49
CA LYS E 274 74.53 5.92 -26.92
C LYS E 274 75.29 7.25 -26.96
N THR E 275 74.66 8.30 -27.49
CA THR E 275 75.33 9.60 -27.57
C THR E 275 75.76 10.06 -26.17
N TRP E 276 74.84 10.04 -25.21
CA TRP E 276 75.20 10.46 -23.87
C TRP E 276 76.27 9.56 -23.26
N PHE E 277 76.05 8.26 -23.29
CA PHE E 277 76.92 7.34 -22.56
C PHE E 277 78.33 7.38 -23.12
N GLU E 278 78.47 7.43 -24.44
CA GLU E 278 79.80 7.63 -25.04
C GLU E 278 80.35 9.00 -24.70
N SER E 279 79.49 10.03 -24.67
CA SER E 279 79.93 11.38 -24.40
C SER E 279 80.45 11.56 -22.97
N VAL E 280 80.20 10.60 -22.09
CA VAL E 280 80.69 10.69 -20.71
C VAL E 280 82.21 10.74 -20.77
N PRO E 281 82.86 11.77 -20.22
CA PRO E 281 84.32 11.89 -20.36
C PRO E 281 85.09 11.03 -19.37
N GLY E 282 84.49 10.76 -18.21
CA GLY E 282 85.21 10.04 -17.17
C GLY E 282 85.67 8.66 -17.63
N LYS E 283 84.79 7.92 -18.30
CA LYS E 283 85.09 6.58 -18.75
C LYS E 283 84.78 6.46 -20.24
N GLN E 284 85.74 5.93 -20.99
CA GLN E 284 85.49 5.60 -22.38
C GLN E 284 84.64 4.34 -22.47
N TRP E 285 83.61 4.38 -23.32
CA TRP E 285 82.66 3.29 -23.44
C TRP E 285 82.55 2.84 -24.90
N LYS E 286 82.26 1.56 -25.08
CA LYS E 286 82.05 0.98 -26.39
C LYS E 286 80.60 0.56 -26.53
N GLY E 287 79.94 1.05 -27.59
CA GLY E 287 78.53 0.78 -27.82
C GLY E 287 78.32 0.07 -29.14
N GLN E 288 77.40 -0.88 -29.15
CA GLN E 288 77.10 -1.64 -30.35
C GLN E 288 75.74 -2.31 -30.20
N PHE E 289 74.99 -2.37 -31.30
CA PHE E 289 73.73 -3.10 -31.31
C PHE E 289 74.02 -4.60 -31.34
N THR E 290 73.27 -5.30 -30.51
CA THR E 290 73.59 -6.74 -30.40
C THR E 290 72.33 -7.58 -30.56
N THR E 291 72.54 -8.86 -30.79
CA THR E 291 71.47 -9.84 -30.94
C THR E 291 71.30 -10.64 -29.66
N VAL E 292 70.15 -11.31 -29.55
CA VAL E 292 69.90 -12.17 -28.40
C VAL E 292 70.77 -13.41 -28.47
N ARG E 293 70.90 -14.01 -29.66
CA ARG E 293 71.80 -15.14 -29.89
C ARG E 293 71.43 -16.34 -29.01
N LYS E 294 70.21 -16.86 -29.24
CA LYS E 294 69.79 -18.11 -28.63
C LYS E 294 69.67 -17.99 -27.13
N SER E 295 69.68 -16.76 -26.61
CA SER E 295 69.87 -16.49 -25.18
C SER E 295 71.34 -16.57 -24.84
N GLY E 296 72.19 -16.78 -25.85
CA GLY E 296 73.61 -16.62 -25.68
C GLY E 296 73.90 -15.35 -24.92
N GLN E 297 74.96 -15.36 -24.12
CA GLN E 297 75.18 -14.27 -23.17
C GLN E 297 75.06 -12.91 -23.84
N CYS E 298 75.75 -12.70 -24.95
CA CYS E 298 75.72 -11.42 -25.66
C CYS E 298 76.38 -11.60 -27.02
N SER E 299 75.71 -11.12 -28.06
CA SER E 299 76.26 -11.26 -29.41
C SER E 299 77.64 -10.63 -29.51
N GLY E 300 77.79 -9.43 -28.94
CA GLY E 300 79.08 -8.76 -28.87
C GLY E 300 79.49 -8.54 -27.43
N CYS E 301 80.72 -8.92 -27.11
CA CYS E 301 81.39 -8.81 -25.80
C CYS E 301 80.92 -9.88 -24.81
N GLY E 302 79.87 -10.65 -25.13
CA GLY E 302 79.58 -11.85 -24.36
C GLY E 302 79.34 -11.65 -22.89
N LYS E 303 78.49 -10.69 -22.52
CA LYS E 303 78.08 -10.54 -21.13
C LYS E 303 76.81 -11.35 -20.86
N THR E 304 76.80 -12.09 -19.76
CA THR E 304 75.65 -12.93 -19.42
C THR E 304 74.38 -12.10 -19.38
N ILE E 305 73.32 -12.63 -20.00
CA ILE E 305 72.11 -11.87 -20.29
C ILE E 305 71.01 -12.26 -19.31
N GLU E 306 70.81 -11.42 -18.30
CA GLU E 306 69.72 -11.48 -17.32
C GLU E 306 69.36 -12.90 -16.85
N SER E 307 68.07 -13.26 -16.90
CA SER E 307 67.64 -14.52 -16.31
C SER E 307 66.13 -14.70 -16.39
N ILE E 308 65.66 -15.95 -16.28
CA ILE E 308 64.24 -16.20 -16.05
C ILE E 308 64.00 -16.28 -14.55
N GLN E 309 64.92 -16.93 -13.83
CA GLN E 309 64.79 -17.10 -12.39
C GLN E 309 65.06 -15.79 -11.65
N LEU E 310 64.49 -15.68 -10.45
CA LEU E 310 64.65 -14.52 -9.60
C LEU E 310 65.66 -14.79 -8.50
N SER E 311 66.32 -13.73 -8.05
CA SER E 311 67.34 -13.86 -7.02
C SER E 311 66.70 -14.18 -5.67
N PRO E 312 67.43 -14.85 -4.77
CA PRO E 312 66.83 -15.22 -3.48
C PRO E 312 66.32 -14.04 -2.66
N GLU E 313 67.04 -12.92 -2.64
CA GLU E 313 66.60 -11.79 -1.81
C GLU E 313 65.27 -11.24 -2.32
N GLU E 314 65.12 -11.09 -3.63
CA GLU E 314 63.85 -10.62 -4.16
C GLU E 314 62.76 -11.67 -3.95
N TYR E 315 63.10 -12.95 -4.07
CA TYR E 315 62.14 -13.98 -3.74
C TYR E 315 61.63 -13.83 -2.31
N GLU E 316 62.55 -13.56 -1.37
CA GLU E 316 62.17 -13.39 0.02
C GLU E 316 61.33 -12.13 0.24
N CYS E 317 61.64 -11.03 -0.47
CA CYS E 317 60.82 -9.84 -0.30
C CYS E 317 59.41 -10.10 -0.83
N LEU E 318 59.28 -10.85 -1.93
CA LEU E 318 57.95 -11.26 -2.37
C LEU E 318 57.25 -12.12 -1.33
N LYS E 319 57.99 -13.02 -0.68
CA LYS E 319 57.39 -13.81 0.39
C LYS E 319 56.84 -12.90 1.49
N GLY E 320 57.64 -11.92 1.90
CA GLY E 320 57.17 -10.98 2.92
C GLY E 320 55.96 -10.19 2.48
N LYS E 321 55.95 -9.76 1.21
CA LYS E 321 54.81 -9.02 0.69
C LYS E 321 53.54 -9.87 0.72
N ILE E 322 53.64 -11.13 0.28
CA ILE E 322 52.46 -11.98 0.29
C ILE E 322 52.01 -12.27 1.71
N MET E 323 52.95 -12.39 2.66
CA MET E 323 52.54 -12.59 4.05
C MET E 323 51.77 -11.38 4.56
N ARG E 324 52.34 -10.18 4.40
CA ARG E 324 51.67 -8.98 4.89
C ARG E 324 50.37 -8.70 4.12
N ASP E 325 50.21 -9.28 2.93
CA ASP E 325 48.96 -9.14 2.20
C ASP E 325 47.91 -10.13 2.67
N VAL E 326 48.28 -11.39 2.88
CA VAL E 326 47.33 -12.36 3.42
C VAL E 326 46.88 -11.94 4.81
N ILE E 327 47.71 -11.18 5.52
CA ILE E 327 47.27 -10.52 6.74
C ILE E 327 46.63 -9.19 6.37
N ASP E 328 45.40 -8.97 6.83
CA ASP E 328 44.65 -7.73 6.59
C ASP E 328 44.16 -7.62 5.16
N GLY E 329 43.87 -8.75 4.51
CA GLY E 329 43.30 -8.71 3.18
C GLY E 329 41.81 -9.01 3.15
N GLY E 330 40.98 -7.97 3.05
CA GLY E 330 39.54 -8.18 3.04
C GLY E 330 39.07 -8.95 1.82
N ASP E 331 39.52 -8.53 0.64
CA ASP E 331 39.18 -9.27 -0.58
C ASP E 331 39.79 -10.65 -0.56
N GLN E 332 41.00 -10.78 -0.03
CA GLN E 332 41.61 -12.09 0.14
C GLN E 332 40.78 -12.96 1.07
N TYR E 333 40.27 -12.37 2.15
CA TYR E 333 39.38 -13.12 3.04
C TYR E 333 38.13 -13.59 2.30
N ARG E 334 37.53 -12.70 1.50
CA ARG E 334 36.30 -13.05 0.79
C ARG E 334 36.55 -14.19 -0.19
N LYS E 335 37.56 -14.03 -1.06
CA LYS E 335 37.87 -15.09 -2.01
C LYS E 335 38.38 -16.33 -1.30
N THR E 336 39.25 -16.15 -0.31
CA THR E 336 39.83 -17.26 0.45
C THR E 336 39.57 -16.99 1.92
N THR E 337 38.75 -17.84 2.53
CA THR E 337 38.37 -17.62 3.92
C THR E 337 39.62 -17.66 4.81
N PRO E 338 39.72 -16.78 5.81
CA PRO E 338 40.94 -16.77 6.64
C PRO E 338 41.21 -18.10 7.33
N GLN E 339 40.15 -18.80 7.75
CA GLN E 339 40.33 -20.11 8.37
C GLN E 339 41.00 -21.09 7.42
N GLU E 340 40.53 -21.13 6.16
CA GLU E 340 41.17 -21.98 5.17
C GLU E 340 42.59 -21.53 4.88
N LEU E 341 42.83 -20.22 4.84
CA LEU E 341 44.18 -19.72 4.63
C LEU E 341 45.13 -20.22 5.71
N LYS E 342 44.73 -20.08 6.97
CA LYS E 342 45.59 -20.53 8.07
C LYS E 342 45.72 -22.03 8.07
N ARG E 343 44.67 -22.75 7.71
CA ARG E 343 44.76 -24.21 7.63
C ARG E 343 45.78 -24.64 6.59
N PHE E 344 45.76 -24.00 5.42
CA PHE E 344 46.74 -24.29 4.38
C PHE E 344 48.15 -23.94 4.85
N GLU E 345 48.29 -22.81 5.53
CA GLU E 345 49.61 -22.41 6.03
C GLU E 345 50.14 -23.45 7.01
N ASN E 346 49.29 -23.91 7.93
CA ASN E 346 49.71 -24.94 8.87
C ASN E 346 50.04 -26.23 8.16
N PHE E 347 49.26 -26.58 7.14
CA PHE E 347 49.54 -27.77 6.35
C PHE E 347 50.93 -27.72 5.75
N ILE E 348 51.25 -26.62 5.06
CA ILE E 348 52.55 -26.51 4.42
C ILE E 348 53.66 -26.51 5.46
N LYS E 349 53.44 -25.82 6.58
CA LYS E 349 54.46 -25.80 7.63
C LYS E 349 54.72 -27.20 8.18
N SER E 350 53.65 -27.97 8.43
CA SER E 350 53.82 -29.31 8.94
C SER E 350 54.56 -30.19 7.94
N ARG E 351 54.16 -30.12 6.67
CA ARG E 351 54.85 -30.91 5.67
C ARG E 351 56.18 -30.26 5.28
N PRO E 352 57.15 -31.03 4.83
CA PRO E 352 58.44 -30.45 4.44
C PRO E 352 58.29 -29.65 3.16
N PRO E 353 59.34 -28.93 2.74
CA PRO E 353 59.28 -28.25 1.45
C PRO E 353 59.09 -29.25 0.32
N PHE E 354 58.29 -28.86 -0.68
CA PHE E 354 57.96 -29.74 -1.80
C PHE E 354 58.57 -29.18 -3.08
N ASP E 355 59.13 -30.10 -3.88
CA ASP E 355 59.88 -29.68 -5.07
C ASP E 355 58.98 -28.99 -6.08
N VAL E 356 57.77 -29.51 -6.29
CA VAL E 356 56.88 -29.01 -7.33
C VAL E 356 55.47 -28.85 -6.75
N VAL E 357 54.69 -28.00 -7.43
CA VAL E 357 53.29 -27.76 -7.08
C VAL E 357 52.45 -27.99 -8.32
N ILE E 358 51.37 -28.76 -8.12
CA ILE E 358 50.55 -29.18 -9.27
C ILE E 358 49.23 -28.42 -9.28
N ASP E 359 48.85 -27.92 -10.44
CA ASP E 359 47.61 -27.11 -10.58
C ASP E 359 46.32 -27.89 -10.34
N GLY E 360 45.35 -27.22 -9.72
CA GLY E 360 44.06 -27.87 -9.48
C GLY E 360 43.24 -28.00 -10.73
N LEU E 361 42.81 -29.22 -11.01
CA LEU E 361 41.89 -29.49 -12.11
C LEU E 361 42.34 -28.87 -13.43
N ASN E 362 43.38 -28.03 -13.40
CA ASN E 362 43.87 -27.44 -14.64
C ASN E 362 44.35 -28.53 -15.59
N VAL E 363 45.15 -29.46 -15.08
CA VAL E 363 45.57 -30.61 -15.88
C VAL E 363 44.39 -31.51 -16.18
N ALA E 364 43.54 -31.76 -15.18
CA ALA E 364 42.48 -32.75 -15.34
C ALA E 364 41.53 -32.37 -16.47
N LYS E 365 41.14 -31.10 -16.54
CA LYS E 365 40.17 -30.68 -17.54
C LYS E 365 40.80 -30.43 -18.90
N MET E 366 42.13 -30.51 -19.01
CA MET E 366 42.76 -30.61 -20.32
C MET E 366 42.44 -31.96 -20.93
N PHE E 367 42.31 -31.99 -22.26
CA PHE E 367 41.96 -33.23 -22.95
C PHE E 367 40.61 -33.71 -22.41
N PRO E 368 39.52 -33.02 -22.75
CA PRO E 368 38.23 -33.32 -22.10
C PRO E 368 37.80 -34.77 -22.18
N LYS E 369 38.05 -35.45 -23.30
CA LYS E 369 37.64 -36.84 -23.41
C LYS E 369 38.27 -37.70 -22.32
N VAL E 370 39.57 -37.51 -22.08
CA VAL E 370 40.26 -38.32 -21.08
C VAL E 370 39.60 -38.11 -19.73
N ARG E 371 39.33 -39.21 -19.03
CA ARG E 371 38.75 -39.12 -17.70
C ARG E 371 39.67 -38.30 -16.81
N GLU E 372 39.07 -37.45 -15.97
CA GLU E 372 39.86 -36.55 -15.13
C GLU E 372 40.76 -37.35 -14.20
N SER E 373 40.21 -38.35 -13.53
CA SER E 373 41.01 -39.17 -12.63
C SER E 373 42.11 -39.90 -13.41
N GLN E 374 41.78 -40.42 -14.59
CA GLN E 374 42.77 -41.13 -15.39
C GLN E 374 43.95 -40.23 -15.74
N LEU E 375 43.66 -39.03 -16.25
CA LEU E 375 44.72 -38.11 -16.63
C LEU E 375 45.53 -37.67 -15.41
N LEU E 376 44.86 -37.38 -14.30
CA LEU E 376 45.58 -36.96 -13.11
C LEU E 376 46.50 -38.06 -12.62
N LEU E 377 46.01 -39.31 -12.59
CA LEU E 377 46.85 -40.41 -12.16
C LEU E 377 48.03 -40.59 -13.11
N ASN E 378 47.79 -40.48 -14.42
CA ASN E 378 48.88 -40.61 -15.38
C ASN E 378 49.97 -39.57 -15.11
N VAL E 379 49.57 -38.31 -14.99
CA VAL E 379 50.57 -37.25 -14.82
C VAL E 379 51.30 -37.40 -13.50
N VAL E 380 50.57 -37.69 -12.42
CA VAL E 380 51.22 -37.78 -11.12
C VAL E 380 52.17 -38.97 -11.08
N SER E 381 51.78 -40.10 -11.67
CA SER E 381 52.69 -41.25 -11.73
C SER E 381 53.93 -40.92 -12.55
N GLN E 382 53.75 -40.26 -13.69
CA GLN E 382 54.88 -39.91 -14.53
C GLN E 382 55.86 -39.01 -13.77
N LEU E 383 55.33 -38.02 -13.05
CA LEU E 383 56.20 -37.16 -12.25
C LEU E 383 56.87 -37.95 -11.13
N ALA E 384 56.12 -38.83 -10.46
CA ALA E 384 56.69 -39.60 -9.37
C ALA E 384 57.83 -40.48 -9.86
N LYS E 385 57.76 -40.95 -11.11
CA LYS E 385 58.88 -41.70 -11.65
C LYS E 385 60.16 -40.86 -11.71
N ARG E 386 60.04 -39.54 -11.61
CA ARG E 386 61.18 -38.65 -11.48
C ARG E 386 61.61 -38.48 -10.03
N ASN E 387 60.98 -39.18 -9.09
CA ASN E 387 61.38 -39.25 -7.69
C ASN E 387 61.52 -37.87 -7.05
N LEU E 388 60.68 -36.92 -7.45
CA LEU E 388 60.62 -35.64 -6.78
C LEU E 388 59.43 -35.64 -5.80
N ARG E 389 59.36 -34.58 -5.00
CA ARG E 389 58.29 -34.43 -4.03
C ARG E 389 57.12 -33.71 -4.68
N LEU E 390 55.92 -34.28 -4.55
CA LEU E 390 54.75 -33.85 -5.31
C LEU E 390 53.74 -33.19 -4.37
N LEU E 391 53.20 -32.04 -4.80
CA LEU E 391 52.08 -31.40 -4.13
C LEU E 391 50.98 -31.18 -5.15
N VAL E 392 49.75 -31.48 -4.77
CA VAL E 392 48.58 -31.31 -5.63
C VAL E 392 47.53 -30.51 -4.89
N LEU E 393 46.86 -29.61 -5.60
CA LEU E 393 45.84 -28.74 -5.03
C LEU E 393 44.47 -29.33 -5.35
N GLY E 394 43.91 -30.06 -4.39
CA GLY E 394 42.59 -30.63 -4.55
C GLY E 394 41.49 -29.62 -4.26
N ARG E 395 40.26 -30.07 -4.49
CA ARG E 395 39.08 -29.25 -4.25
C ARG E 395 38.05 -30.06 -3.47
N LYS E 396 37.33 -29.38 -2.59
CA LYS E 396 36.35 -30.06 -1.74
C LYS E 396 35.33 -30.80 -2.59
N HIS E 397 34.89 -30.14 -3.66
CA HIS E 397 33.87 -30.81 -4.50
C HIS E 397 34.52 -32.06 -5.03
N MET E 398 35.72 -31.90 -5.56
CA MET E 398 36.39 -33.03 -6.18
C MET E 398 36.37 -34.27 -5.29
N LEU E 399 36.25 -34.08 -3.97
CA LEU E 399 36.24 -35.22 -3.07
C LEU E 399 35.06 -36.15 -3.35
N ARG E 400 33.88 -35.58 -3.60
CA ARG E 400 32.70 -36.40 -3.81
C ARG E 400 32.85 -37.26 -5.05
N ARG E 401 32.34 -38.49 -4.98
CA ARG E 401 32.42 -39.41 -6.10
C ARG E 401 31.52 -38.95 -7.24
N SER E 402 31.99 -39.12 -8.47
CA SER E 402 31.22 -38.78 -9.66
C SER E 402 31.74 -39.62 -10.82
N SER E 403 31.15 -39.42 -11.99
CA SER E 403 31.63 -40.10 -13.18
C SER E 403 33.06 -39.68 -13.52
N GLN E 404 33.34 -38.38 -13.41
CA GLN E 404 34.69 -37.90 -13.68
C GLN E 404 35.67 -38.34 -12.61
N TRP E 405 35.24 -38.34 -11.36
CA TRP E 405 36.11 -38.66 -10.22
C TRP E 405 35.91 -40.12 -9.83
N SER E 406 37.00 -40.90 -9.96
CA SER E 406 36.98 -42.34 -9.58
C SER E 406 37.70 -42.49 -8.25
N ARG E 407 37.02 -43.02 -7.25
CA ARG E 407 37.56 -43.00 -5.90
C ARG E 407 38.82 -43.84 -5.77
N ASP E 408 38.92 -44.95 -6.51
CA ASP E 408 40.13 -45.77 -6.44
C ASP E 408 41.35 -44.99 -6.92
N GLU E 409 41.25 -44.35 -8.09
CA GLU E 409 42.38 -43.52 -8.55
C GLU E 409 42.62 -42.36 -7.60
N MET E 410 41.56 -41.75 -7.08
CA MET E 410 41.72 -40.62 -6.18
C MET E 410 42.51 -41.01 -4.94
N GLU E 411 42.15 -42.14 -4.33
CA GLU E 411 42.86 -42.57 -3.13
C GLU E 411 44.26 -43.05 -3.46
N GLU E 412 44.46 -43.66 -4.64
CA GLU E 412 45.81 -44.04 -5.03
C GLU E 412 46.71 -42.81 -5.12
N VAL E 413 46.24 -41.77 -5.80
CA VAL E 413 47.05 -40.55 -5.92
C VAL E 413 47.21 -39.89 -4.55
N GLN E 414 46.18 -39.95 -3.70
CA GLN E 414 46.27 -39.35 -2.38
C GLN E 414 47.37 -40.01 -1.56
N LYS E 415 47.37 -41.34 -1.48
CA LYS E 415 48.42 -42.03 -0.73
C LYS E 415 49.77 -41.84 -1.41
N GLN E 416 49.78 -41.69 -2.74
CA GLN E 416 51.03 -41.42 -3.44
C GLN E 416 51.63 -40.10 -3.01
N ALA E 417 50.79 -39.07 -2.87
CA ALA E 417 51.26 -37.75 -2.48
C ALA E 417 50.14 -37.01 -1.75
N SER E 418 50.54 -36.19 -0.78
CA SER E 418 49.58 -35.45 0.02
C SER E 418 48.84 -34.44 -0.85
N CYS E 419 47.67 -34.02 -0.37
CA CYS E 419 46.82 -33.10 -1.11
C CYS E 419 46.10 -32.18 -0.13
N PHE E 420 45.53 -31.10 -0.67
CA PHE E 420 44.72 -30.17 0.09
C PHE E 420 43.43 -29.90 -0.68
N PHE E 421 42.33 -29.74 0.06
CA PHE E 421 41.01 -29.54 -0.54
C PHE E 421 40.47 -28.18 -0.15
N ALA E 422 39.82 -27.52 -1.09
CA ALA E 422 39.24 -26.20 -0.86
C ALA E 422 37.90 -26.11 -1.58
N ASP E 423 37.07 -25.18 -1.11
CA ASP E 423 35.74 -25.01 -1.68
C ASP E 423 35.81 -24.24 -3.00
N ASP E 424 34.65 -24.04 -3.62
CA ASP E 424 34.62 -23.41 -4.94
C ASP E 424 35.12 -21.98 -4.89
N ILE E 425 34.66 -21.19 -3.90
CA ILE E 425 35.03 -19.79 -3.83
C ILE E 425 36.52 -19.60 -3.65
N SER E 426 37.22 -20.59 -3.11
CA SER E 426 38.66 -20.47 -2.90
C SER E 426 39.36 -20.27 -4.23
N GLU E 427 40.38 -19.42 -4.22
CA GLU E 427 41.18 -19.12 -5.40
C GLU E 427 42.50 -19.87 -5.33
N ASP E 428 42.82 -20.63 -6.38
CA ASP E 428 44.03 -21.43 -6.39
C ASP E 428 45.28 -20.56 -6.34
N ALA E 429 45.26 -19.43 -7.07
CA ALA E 429 46.46 -18.62 -7.24
C ALA E 429 47.15 -18.25 -5.93
N PRO E 430 46.45 -17.73 -4.91
CA PRO E 430 47.15 -17.42 -3.66
C PRO E 430 47.81 -18.63 -3.02
N PHE E 431 47.12 -19.78 -3.01
CA PHE E 431 47.71 -20.98 -2.44
C PHE E 431 48.96 -21.39 -3.21
N LEU E 432 48.88 -21.41 -4.53
CA LEU E 432 50.04 -21.80 -5.33
C LEU E 432 51.21 -20.86 -5.09
N LEU E 433 50.93 -19.55 -5.08
CA LEU E 433 52.00 -18.58 -4.89
C LEU E 433 52.64 -18.73 -3.52
N TYR E 434 51.83 -18.87 -2.47
CA TYR E 434 52.37 -19.01 -1.13
C TYR E 434 53.20 -20.29 -1.01
N ALA E 435 52.70 -21.39 -1.58
CA ALA E 435 53.44 -22.64 -1.51
C ALA E 435 54.78 -22.51 -2.21
N THR E 436 54.79 -21.90 -3.40
CA THR E 436 56.05 -21.72 -4.13
C THR E 436 57.02 -20.85 -3.33
N LEU E 437 56.51 -19.73 -2.80
CA LEU E 437 57.39 -18.82 -2.06
C LEU E 437 57.98 -19.50 -0.84
N HIS E 438 57.16 -20.25 -0.10
CA HIS E 438 57.67 -20.98 1.06
C HIS E 438 58.69 -22.01 0.64
N SER E 439 58.43 -22.72 -0.47
CA SER E 439 59.36 -23.75 -0.91
C SER E 439 60.73 -23.16 -1.27
N GLY E 440 60.74 -22.03 -1.97
CA GLY E 440 61.97 -21.35 -2.32
C GLY E 440 62.14 -21.21 -3.81
N ASN E 441 63.35 -20.84 -4.21
CA ASN E 441 63.64 -20.64 -5.62
C ASN E 441 63.69 -21.96 -6.37
N HIS E 442 64.16 -23.02 -5.71
CA HIS E 442 64.39 -24.28 -6.41
C HIS E 442 63.11 -24.86 -6.98
N CYS E 443 61.96 -24.61 -6.34
CA CYS E 443 60.74 -25.27 -6.73
C CYS E 443 60.20 -24.72 -8.04
N ARG E 444 59.28 -25.47 -8.65
CA ARG E 444 58.61 -25.08 -9.88
C ARG E 444 57.12 -25.33 -9.73
N PHE E 445 56.34 -24.68 -10.60
CA PHE E 445 54.89 -24.80 -10.57
C PHE E 445 54.36 -25.11 -11.96
N ILE E 446 53.26 -25.86 -11.99
CA ILE E 446 52.63 -26.29 -13.23
C ILE E 446 51.20 -25.74 -13.24
N THR E 447 50.85 -25.05 -14.32
CA THR E 447 49.51 -24.49 -14.48
C THR E 447 49.41 -23.91 -15.89
N ARG E 448 48.22 -23.41 -16.21
CA ARG E 448 47.97 -22.76 -17.48
C ARG E 448 47.24 -21.43 -17.36
N ASP E 449 46.61 -21.15 -16.23
CA ASP E 449 45.94 -19.87 -16.04
C ASP E 449 46.96 -18.74 -16.03
N LEU E 450 46.60 -17.63 -16.66
CA LEU E 450 47.52 -16.50 -16.81
C LEU E 450 47.72 -15.73 -15.51
N MET E 451 46.95 -16.01 -14.46
CA MET E 451 47.08 -15.33 -13.18
C MET E 451 46.78 -13.83 -13.29
N ARG E 452 46.03 -13.42 -14.31
CA ARG E 452 45.72 -12.01 -14.47
C ARG E 452 44.91 -11.47 -13.29
N ASP E 453 43.92 -12.24 -12.84
CA ASP E 453 43.10 -11.78 -11.73
C ASP E 453 43.94 -11.57 -10.47
N HIS E 454 44.86 -12.49 -10.19
CA HIS E 454 45.66 -12.36 -8.99
C HIS E 454 46.69 -11.24 -9.12
N LYS E 455 47.39 -11.17 -10.26
CA LYS E 455 48.37 -10.11 -10.45
C LYS E 455 47.70 -8.73 -10.42
N ALA E 456 46.41 -8.66 -10.72
CA ALA E 456 45.70 -7.43 -10.48
C ALA E 456 45.74 -7.09 -8.99
N CYS E 457 45.31 -5.87 -8.67
CA CYS E 457 45.23 -5.37 -7.29
C CYS E 457 46.54 -5.60 -6.53
N LEU E 458 47.67 -5.66 -7.23
CA LEU E 458 48.95 -5.74 -6.55
C LEU E 458 49.39 -4.35 -6.08
N PRO E 459 50.18 -4.27 -5.01
CA PRO E 459 50.49 -2.96 -4.41
C PRO E 459 51.36 -2.07 -5.28
N ASP E 460 52.47 -2.60 -5.79
CA ASP E 460 53.49 -1.79 -6.43
C ASP E 460 53.79 -2.32 -7.82
N ALA E 461 54.17 -1.41 -8.72
CA ALA E 461 54.53 -1.80 -10.09
C ALA E 461 55.76 -2.70 -10.10
N LYS E 462 56.75 -2.40 -9.25
CA LYS E 462 57.91 -3.28 -9.15
C LYS E 462 57.50 -4.66 -8.66
N THR E 463 56.61 -4.72 -7.67
CA THR E 463 56.12 -6.02 -7.20
C THR E 463 55.42 -6.76 -8.33
N GLN E 464 54.65 -6.05 -9.14
CA GLN E 464 53.99 -6.68 -10.28
C GLN E 464 55.01 -7.23 -11.27
N ARG E 465 56.06 -6.47 -11.53
CA ARG E 465 57.10 -6.94 -12.46
C ARG E 465 57.77 -8.19 -11.93
N LEU E 466 58.12 -8.21 -10.65
CA LEU E 466 58.75 -9.40 -10.08
C LEU E 466 57.79 -10.58 -10.08
N PHE E 467 56.50 -10.33 -9.85
CA PHE E 467 55.53 -11.41 -9.93
C PHE E 467 55.46 -11.97 -11.35
N PHE E 468 55.48 -11.11 -12.36
CA PHE E 468 55.49 -11.59 -13.73
C PHE E 468 56.75 -12.39 -14.01
N LYS E 469 57.90 -11.92 -13.52
CA LYS E 469 59.13 -12.66 -13.73
C LYS E 469 59.06 -14.04 -13.11
N TRP E 470 58.52 -14.14 -11.89
CA TRP E 470 58.36 -15.45 -11.26
C TRP E 470 57.40 -16.31 -12.06
N GLN E 471 56.32 -15.72 -12.58
CA GLN E 471 55.35 -16.48 -13.34
C GLN E 471 55.99 -17.09 -14.59
N GLN E 472 56.78 -16.29 -15.31
CA GLN E 472 57.53 -16.85 -16.43
C GLN E 472 58.49 -17.93 -15.96
N GLY E 473 59.20 -17.69 -14.86
CA GLY E 473 60.12 -18.67 -14.31
C GLY E 473 59.40 -19.70 -13.47
N HIS E 474 60.19 -20.67 -13.00
CA HIS E 474 59.70 -21.74 -12.12
C HIS E 474 58.48 -22.44 -12.70
N GLN E 475 58.29 -22.35 -14.02
CA GLN E 475 57.11 -22.91 -14.68
C GLN E 475 57.56 -23.92 -15.73
N LEU E 476 56.90 -25.07 -15.76
CA LEU E 476 57.14 -26.12 -16.74
C LEU E 476 55.80 -26.43 -17.41
N ALA E 477 55.47 -25.66 -18.45
CA ALA E 477 54.20 -25.81 -19.13
C ALA E 477 54.12 -27.16 -19.83
N ILE E 478 52.95 -27.79 -19.75
CA ILE E 478 52.71 -29.04 -20.46
C ILE E 478 52.74 -28.76 -21.95
N VAL E 479 53.60 -29.49 -22.68
CA VAL E 479 53.77 -29.27 -24.10
C VAL E 479 53.50 -30.51 -24.94
N ASN E 480 53.44 -31.70 -24.33
CA ASN E 480 53.17 -32.90 -25.10
C ASN E 480 51.85 -32.75 -25.85
N ARG E 481 51.91 -32.69 -27.17
CA ARG E 481 50.69 -32.57 -27.96
C ARG E 481 49.76 -33.76 -27.72
N PHE E 482 50.29 -34.89 -27.27
CA PHE E 482 49.50 -36.11 -27.10
C PHE E 482 49.76 -36.65 -25.69
N PRO E 483 48.76 -36.66 -24.80
CA PRO E 483 49.01 -37.14 -23.43
C PRO E 483 49.29 -38.64 -23.38
N GLY E 484 48.46 -39.43 -24.06
CA GLY E 484 48.66 -40.87 -24.05
C GLY E 484 50.00 -41.27 -24.65
N SER E 485 50.45 -40.53 -25.67
CA SER E 485 51.72 -40.86 -26.32
C SER E 485 52.88 -40.77 -25.33
N LYS E 486 52.93 -39.69 -24.55
CA LYS E 486 54.02 -39.46 -23.62
C LYS E 486 53.72 -38.19 -22.83
N LEU E 487 54.58 -37.91 -21.85
CA LEU E 487 54.51 -36.69 -21.06
C LEU E 487 55.76 -35.86 -21.31
N THR E 488 55.56 -34.58 -21.62
CA THR E 488 56.67 -33.65 -21.87
C THR E 488 56.40 -32.34 -21.15
N PHE E 489 57.48 -31.69 -20.74
CA PHE E 489 57.43 -30.40 -20.07
C PHE E 489 58.08 -29.34 -20.93
N GLN E 490 57.43 -28.19 -21.04
CA GLN E 490 57.94 -27.12 -21.89
C GLN E 490 59.29 -26.63 -21.39
N ARG E 491 60.15 -26.27 -22.34
CA ARG E 491 61.47 -25.77 -22.01
C ARG E 491 61.36 -24.36 -21.42
N ILE E 492 62.45 -23.93 -20.78
CA ILE E 492 62.54 -22.60 -20.17
C ILE E 492 63.50 -21.77 -21.01
N LEU E 493 63.02 -20.63 -21.51
CA LEU E 493 63.88 -19.76 -22.29
C LEU E 493 65.06 -19.27 -21.47
N SER E 494 64.87 -19.06 -20.17
CA SER E 494 65.95 -18.72 -19.25
C SER E 494 66.49 -17.30 -19.49
N TYR E 495 65.59 -16.38 -19.82
CA TYR E 495 65.95 -14.98 -19.99
C TYR E 495 64.67 -14.17 -20.15
N ASP E 496 64.82 -12.85 -20.13
CA ASP E 496 63.70 -11.94 -20.32
C ASP E 496 64.11 -10.79 -21.23
N THR E 497 63.26 -9.77 -21.34
CA THR E 497 63.53 -8.58 -22.13
C THR E 497 63.38 -7.38 -21.23
N VAL E 498 64.48 -6.98 -20.58
CA VAL E 498 64.49 -5.82 -19.70
C VAL E 498 65.92 -5.35 -19.54
N VAL E 499 66.12 -4.04 -19.37
CA VAL E 499 67.45 -3.51 -19.12
C VAL E 499 68.02 -4.15 -17.86
N GLN E 500 69.31 -4.45 -17.90
CA GLN E 500 69.98 -5.14 -16.80
C GLN E 500 71.04 -4.30 -16.11
N THR E 501 71.68 -3.38 -16.82
CA THR E 501 72.64 -2.42 -16.26
C THR E 501 73.60 -3.05 -15.27
N THR E 502 74.43 -3.99 -15.72
CA THR E 502 75.47 -4.54 -14.87
C THR E 502 76.56 -3.50 -14.61
N GLY E 503 77.56 -3.91 -13.85
CA GLY E 503 78.71 -3.05 -13.60
C GLY E 503 79.69 -3.12 -14.76
N ASP E 504 80.20 -1.95 -15.15
CA ASP E 504 81.14 -1.77 -16.25
C ASP E 504 80.51 -2.05 -17.61
N SER E 505 79.22 -2.37 -17.66
CA SER E 505 78.56 -2.63 -18.93
C SER E 505 77.05 -2.51 -18.73
N TRP E 506 76.36 -2.18 -19.82
CA TRP E 506 74.92 -2.01 -19.81
C TRP E 506 74.33 -2.67 -21.04
N HIS E 507 73.05 -3.07 -20.96
CA HIS E 507 72.35 -3.66 -22.08
C HIS E 507 70.88 -3.30 -21.98
N ILE E 508 70.29 -2.88 -23.10
CA ILE E 508 68.91 -2.43 -23.12
C ILE E 508 68.15 -3.16 -24.23
N PRO E 509 66.91 -3.59 -23.99
CA PRO E 509 66.10 -4.22 -25.05
C PRO E 509 65.27 -3.21 -25.84
N TYR E 510 65.95 -2.39 -26.64
CA TYR E 510 65.26 -1.42 -27.46
C TYR E 510 64.55 -2.12 -28.61
N ASP E 511 63.46 -1.50 -29.08
CA ASP E 511 62.70 -2.00 -30.21
C ASP E 511 62.89 -1.06 -31.40
N GLU E 512 63.13 -1.64 -32.57
CA GLU E 512 63.31 -0.83 -33.77
C GLU E 512 61.95 -0.23 -34.14
N ASP E 513 61.93 1.07 -34.43
CA ASP E 513 60.68 1.81 -34.46
C ASP E 513 59.71 1.27 -35.52
N LEU E 514 60.22 0.79 -36.65
CA LEU E 514 59.34 0.49 -37.78
C LEU E 514 58.35 -0.62 -37.45
N VAL E 515 58.81 -1.69 -36.80
CA VAL E 515 57.93 -2.83 -36.52
C VAL E 515 56.87 -2.42 -35.51
N GLU E 516 55.63 -2.83 -35.77
CA GLU E 516 54.52 -2.61 -34.83
C GLU E 516 54.44 -3.83 -33.93
N ARG E 517 55.15 -3.77 -32.80
CA ARG E 517 55.15 -4.87 -31.85
C ARG E 517 53.77 -5.01 -31.21
N CYS E 518 53.27 -6.24 -31.18
CA CYS E 518 52.01 -6.51 -30.48
C CYS E 518 52.26 -6.60 -28.98
N SER E 519 51.17 -6.77 -28.22
CA SER E 519 51.28 -6.70 -26.77
C SER E 519 52.23 -7.76 -26.22
N CYS E 520 52.13 -8.99 -26.71
CA CYS E 520 52.93 -10.09 -26.20
C CYS E 520 54.27 -10.25 -26.90
N GLU E 521 54.58 -9.38 -27.87
CA GLU E 521 55.85 -9.46 -28.59
C GLU E 521 56.90 -8.60 -27.90
N VAL E 522 58.16 -8.99 -28.09
CA VAL E 522 59.29 -8.30 -27.48
C VAL E 522 60.31 -7.98 -28.57
N PRO E 523 61.13 -6.95 -28.36
CA PRO E 523 62.10 -6.57 -29.39
C PRO E 523 63.13 -7.65 -29.63
N THR E 524 63.61 -7.71 -30.87
CA THR E 524 64.61 -8.69 -31.26
C THR E 524 66.03 -8.18 -31.06
N LYS E 525 66.29 -6.92 -31.40
CA LYS E 525 67.63 -6.33 -31.34
C LYS E 525 67.78 -5.53 -30.06
N TRP E 526 68.88 -5.75 -29.35
CA TRP E 526 69.21 -5.00 -28.15
C TRP E 526 70.31 -4.00 -28.48
N LEU E 527 70.65 -3.17 -27.50
CA LEU E 527 71.80 -2.28 -27.58
C LEU E 527 72.71 -2.54 -26.38
N CYS E 528 74.02 -2.53 -26.65
CA CYS E 528 75.02 -2.92 -25.69
C CYS E 528 76.03 -1.79 -25.48
N LEU E 529 76.44 -1.60 -24.23
CA LEU E 529 77.47 -0.64 -23.86
C LEU E 529 78.51 -1.36 -23.01
N HIS E 530 79.78 -1.15 -23.33
CA HIS E 530 80.85 -1.92 -22.69
C HIS E 530 81.97 -0.99 -22.25
N GLN E 531 82.73 -1.45 -21.26
CA GLN E 531 83.93 -0.75 -20.79
C GLN E 531 83.58 0.55 -20.09
N LEU F 44 45.23 46.52 -43.29
CA LEU F 44 43.81 46.24 -43.40
C LEU F 44 43.35 45.29 -42.28
N GLU F 45 43.37 44.00 -42.59
CA GLU F 45 42.85 43.01 -41.65
C GLU F 45 43.70 42.93 -40.39
N LEU F 46 45.02 43.05 -40.53
CA LEU F 46 45.88 42.97 -39.37
C LEU F 46 45.56 44.09 -38.38
N ASP F 47 45.45 45.32 -38.90
CA ASP F 47 45.01 46.43 -38.06
C ASP F 47 43.63 46.15 -37.49
N LYS F 48 42.75 45.56 -38.29
CA LYS F 48 41.40 45.26 -37.82
C LYS F 48 41.44 44.39 -36.57
N TRP F 49 42.15 43.26 -36.62
CA TRP F 49 42.06 42.34 -35.49
C TRP F 49 42.88 42.84 -34.31
N LYS F 50 44.03 43.49 -34.55
CA LYS F 50 44.73 44.11 -33.43
C LYS F 50 43.87 45.18 -32.75
N THR F 51 43.14 45.98 -33.52
CA THR F 51 42.36 47.06 -32.94
C THR F 51 41.14 46.52 -32.19
N THR F 52 40.45 45.53 -32.76
CA THR F 52 39.35 44.93 -32.02
C THR F 52 39.86 44.22 -30.77
N MET F 53 41.11 43.75 -30.79
CA MET F 53 41.66 43.14 -29.59
C MET F 53 41.99 44.19 -28.54
N LYS F 54 42.48 45.36 -28.95
CA LYS F 54 42.59 46.48 -28.02
C LYS F 54 41.23 46.84 -27.45
N SER F 55 40.19 46.80 -28.27
CA SER F 55 38.83 47.04 -27.77
C SER F 55 38.44 45.99 -26.75
N SER F 56 38.81 44.74 -26.98
CA SER F 56 38.57 43.68 -25.99
C SER F 56 39.31 43.99 -24.69
N VAL F 57 40.54 44.49 -24.79
CA VAL F 57 41.28 44.87 -23.59
C VAL F 57 40.52 45.96 -22.83
N GLN F 58 40.01 46.95 -23.56
CA GLN F 58 39.24 48.01 -22.92
C GLN F 58 37.98 47.44 -22.26
N GLU F 59 37.32 46.51 -22.93
CA GLU F 59 36.13 45.88 -22.36
C GLU F 59 36.47 45.17 -21.06
N GLU F 60 37.56 44.43 -21.04
CA GLU F 60 37.97 43.74 -19.82
C GLU F 60 38.28 44.72 -18.70
N CYS F 61 38.99 45.80 -19.01
CA CYS F 61 39.35 46.76 -17.96
C CYS F 61 38.11 47.43 -17.40
N VAL F 62 37.17 47.84 -18.26
CA VAL F 62 35.96 48.48 -17.76
C VAL F 62 35.11 47.49 -16.97
N SER F 63 35.10 46.21 -17.37
CA SER F 63 34.41 45.21 -16.58
C SER F 63 35.04 45.06 -15.20
N THR F 64 36.37 45.08 -15.14
CA THR F 64 37.08 44.93 -13.88
C THR F 64 37.07 46.19 -13.03
N ILE F 65 36.62 47.32 -13.58
CA ILE F 65 36.57 48.55 -12.78
C ILE F 65 35.71 48.34 -11.55
N SER F 66 34.71 47.47 -11.63
CA SER F 66 33.83 47.23 -10.50
C SER F 66 34.59 46.56 -9.35
N SER F 67 34.11 46.80 -8.13
CA SER F 67 34.75 46.24 -6.95
C SER F 67 34.65 44.72 -6.96
N SER F 68 35.71 44.06 -6.52
CA SER F 68 35.78 42.61 -6.44
C SER F 68 36.06 42.18 -5.01
N LYS F 69 35.33 41.18 -4.55
CA LYS F 69 35.43 40.67 -3.19
C LYS F 69 36.06 39.28 -3.19
N ASP F 70 36.49 38.85 -2.00
CA ASP F 70 37.11 37.54 -1.86
C ASP F 70 36.13 36.45 -2.26
N GLU F 71 36.64 35.42 -2.93
CA GLU F 71 35.84 34.34 -3.46
C GLU F 71 36.43 33.00 -3.06
N ASP F 72 35.58 32.10 -2.57
CA ASP F 72 36.02 30.77 -2.23
C ASP F 72 36.38 30.01 -3.51
N PRO F 73 37.23 28.98 -3.40
CA PRO F 73 37.77 28.35 -4.62
C PRO F 73 36.71 27.92 -5.61
N LEU F 74 35.58 27.39 -5.13
CA LEU F 74 34.56 26.88 -6.03
C LEU F 74 34.13 27.95 -7.03
N ALA F 75 34.05 29.21 -6.59
CA ALA F 75 33.64 30.27 -7.50
C ALA F 75 34.57 30.36 -8.70
N ALA F 76 35.87 30.29 -8.45
CA ALA F 76 36.82 30.26 -9.57
C ALA F 76 36.45 29.18 -10.56
N THR F 77 36.16 27.97 -10.05
CA THR F 77 35.85 26.87 -10.95
C THR F 77 34.67 27.20 -11.84
N ARG F 78 33.73 28.03 -11.37
CA ARG F 78 32.62 28.42 -12.23
C ARG F 78 33.15 28.89 -13.58
N GLU F 79 34.06 29.86 -13.55
CA GLU F 79 34.63 30.36 -14.80
C GLU F 79 35.28 29.21 -15.58
N PHE F 80 36.07 28.39 -14.89
CA PHE F 80 36.61 27.19 -15.51
C PHE F 80 35.52 26.42 -16.22
N ILE F 81 34.44 26.08 -15.50
CA ILE F 81 33.36 25.32 -16.12
C ILE F 81 32.78 26.11 -17.29
N GLU F 82 32.61 27.42 -17.11
CA GLU F 82 32.07 28.22 -18.21
C GLU F 82 32.90 28.06 -19.46
N MET F 83 34.22 27.94 -19.30
CA MET F 83 35.08 27.76 -20.47
C MET F 83 34.72 26.47 -21.19
N TRP F 84 34.53 25.37 -20.44
CA TRP F 84 34.04 24.15 -21.06
C TRP F 84 32.79 24.43 -21.88
N ARG F 85 31.88 25.24 -21.34
CA ARG F 85 30.65 25.55 -22.07
C ARG F 85 30.97 26.27 -23.38
N LEU F 86 31.93 27.19 -23.35
CA LEU F 86 32.27 27.92 -24.57
C LEU F 86 32.76 26.98 -25.66
N LEU F 87 33.63 26.03 -25.32
CA LEU F 87 34.13 25.09 -26.31
C LEU F 87 33.00 24.27 -26.90
N GLY F 88 32.09 23.79 -26.06
CA GLY F 88 30.95 23.01 -26.51
C GLY F 88 30.88 21.62 -25.88
N ARG F 89 31.69 21.39 -24.85
CA ARG F 89 31.66 20.10 -24.18
C ARG F 89 30.35 19.92 -23.42
N GLU F 90 30.07 18.67 -23.06
CA GLU F 90 28.80 18.30 -22.44
C GLU F 90 28.82 18.76 -20.98
N VAL F 91 28.60 20.07 -20.80
CA VAL F 91 28.63 20.66 -19.47
C VAL F 91 27.39 21.53 -19.26
N PRO F 92 26.88 21.66 -18.04
CA PRO F 92 25.64 22.40 -17.82
C PRO F 92 25.82 23.90 -18.01
N GLU F 93 24.72 24.56 -18.36
CA GLU F 93 24.73 26.03 -18.44
C GLU F 93 24.95 26.64 -17.06
N HIS F 94 24.25 26.12 -16.06
CA HIS F 94 24.30 26.65 -14.70
C HIS F 94 24.46 25.50 -13.71
N ILE F 95 25.16 25.77 -12.62
CA ILE F 95 25.44 24.78 -11.59
C ILE F 95 25.20 25.40 -10.22
N THR F 96 24.97 24.55 -9.23
CA THR F 96 24.77 24.98 -7.86
C THR F 96 26.05 24.79 -7.04
N GLU F 97 26.11 25.50 -5.91
CA GLU F 97 27.28 25.42 -5.06
C GLU F 97 27.50 24.01 -4.53
N GLU F 98 26.42 23.36 -4.07
CA GLU F 98 26.55 21.99 -3.58
C GLU F 98 26.97 21.04 -4.69
N GLU F 99 26.43 21.23 -5.89
CA GLU F 99 26.86 20.42 -7.03
C GLU F 99 28.33 20.66 -7.36
N LEU F 100 28.76 21.93 -7.26
CA LEU F 100 30.16 22.23 -7.48
C LEU F 100 31.04 21.51 -6.47
N LYS F 101 30.65 21.54 -5.19
CA LYS F 101 31.40 20.80 -4.18
C LYS F 101 31.48 19.32 -4.56
N THR F 102 30.32 18.72 -4.82
CA THR F 102 30.27 17.30 -5.20
C THR F 102 31.24 17.02 -6.35
N LEU F 103 31.30 17.91 -7.33
CA LEU F 103 32.27 17.77 -8.41
C LEU F 103 33.69 17.84 -7.87
N MET F 104 33.94 18.73 -6.90
CA MET F 104 35.28 18.87 -6.35
C MET F 104 35.74 17.59 -5.67
N GLU F 105 34.85 16.91 -4.96
CA GLU F 105 35.28 15.64 -4.34
C GLU F 105 35.63 14.57 -5.35
N CYS F 106 35.28 14.75 -6.63
CA CYS F 106 35.68 13.79 -7.64
C CYS F 106 37.20 13.65 -7.66
N VAL F 107 37.69 12.42 -7.77
CA VAL F 107 39.10 12.14 -7.59
C VAL F 107 39.89 12.32 -8.89
N SER F 108 39.35 11.88 -10.02
CA SER F 108 40.06 11.90 -11.28
C SER F 108 39.32 12.76 -12.30
N ASN F 109 40.02 13.06 -13.40
CA ASN F 109 39.42 13.88 -14.44
C ASN F 109 38.21 13.19 -15.06
N THR F 110 38.31 11.89 -15.21
CA THR F 110 37.20 11.20 -15.88
C THR F 110 35.96 11.40 -15.02
N ALA F 111 36.07 11.10 -13.75
CA ALA F 111 34.90 11.20 -12.89
C ALA F 111 34.25 12.57 -13.01
N LYS F 112 35.07 13.63 -13.04
CA LYS F 112 34.52 14.98 -13.20
C LYS F 112 33.81 15.13 -14.54
N LYS F 113 34.39 14.58 -15.61
CA LYS F 113 33.76 14.65 -16.91
C LYS F 113 32.41 13.93 -16.90
N LYS F 114 32.36 12.75 -16.28
CA LYS F 114 31.10 12.02 -16.20
C LYS F 114 30.07 12.80 -15.40
N TYR F 115 30.47 13.41 -14.29
CA TYR F 115 29.53 14.18 -13.50
C TYR F 115 29.00 15.37 -14.29
N LEU F 116 29.88 16.06 -15.01
CA LEU F 116 29.44 17.19 -15.82
C LEU F 116 28.48 16.74 -16.91
N LYS F 117 28.77 15.60 -17.55
CA LYS F 117 27.86 15.09 -18.57
C LYS F 117 26.50 14.75 -17.97
N TYR F 118 26.52 14.24 -16.74
CA TYR F 118 25.26 13.86 -16.05
C TYR F 118 24.45 15.11 -15.83
N LEU F 119 25.11 16.12 -15.31
CA LEU F 119 24.42 17.38 -15.04
C LEU F 119 23.85 17.99 -16.31
N TYR F 120 24.62 17.97 -17.40
CA TYR F 120 24.13 18.52 -18.64
C TYR F 120 22.93 17.75 -19.16
N THR F 121 22.98 16.42 -19.07
CA THR F 121 21.85 15.61 -19.50
C THR F 121 20.61 15.93 -18.67
N LYS F 122 20.78 16.07 -17.36
CA LYS F 122 19.66 16.43 -16.50
C LYS F 122 19.05 17.76 -16.92
N GLU F 123 19.89 18.77 -17.13
CA GLU F 123 19.37 20.08 -17.51
C GLU F 123 18.67 20.03 -18.86
N LYS F 124 19.24 19.31 -19.83
CA LYS F 124 18.63 19.21 -21.14
C LYS F 124 17.27 18.53 -21.05
N VAL F 125 17.18 17.44 -20.27
CA VAL F 125 15.89 16.76 -20.11
C VAL F 125 14.89 17.69 -19.46
N LYS F 126 15.31 18.44 -18.43
CA LYS F 126 14.40 19.35 -17.76
C LYS F 126 13.86 20.40 -18.73
N LYS F 127 14.76 20.99 -19.53
CA LYS F 127 14.33 22.00 -20.48
C LYS F 127 13.37 21.42 -21.51
N ALA F 128 13.68 20.23 -22.04
CA ALA F 128 12.81 19.62 -23.03
C ALA F 128 11.43 19.35 -22.45
N ARG F 129 11.39 18.83 -21.21
CA ARG F 129 10.10 18.55 -20.59
C ARG F 129 9.32 19.84 -20.35
N GLN F 130 10.01 20.91 -19.94
CA GLN F 130 9.34 22.19 -19.74
C GLN F 130 8.73 22.72 -21.03
N ILE F 131 9.48 22.63 -22.14
CA ILE F 131 8.96 23.10 -23.42
C ILE F 131 7.78 22.24 -23.86
N LYS F 132 7.88 20.93 -23.67
CA LYS F 132 6.77 20.05 -24.02
C LYS F 132 5.53 20.39 -23.19
N LYS F 133 5.72 20.68 -21.91
CA LYS F 133 4.60 21.07 -21.06
C LYS F 133 3.97 22.37 -21.53
N GLU F 134 4.79 23.34 -21.93
CA GLU F 134 4.24 24.58 -22.46
C GLU F 134 3.42 24.33 -23.72
N MET F 135 3.94 23.51 -24.63
CA MET F 135 3.20 23.19 -25.85
C MET F 135 1.89 22.51 -25.51
N LYS F 136 1.93 21.56 -24.56
CA LYS F 136 0.71 20.87 -24.17
C LYS F 136 -0.30 21.84 -23.56
N ALA F 137 0.17 22.79 -22.76
CA ALA F 137 -0.73 23.79 -22.18
C ALA F 137 -1.38 24.63 -23.25
N ALA F 138 -0.61 25.04 -24.26
CA ALA F 138 -1.20 25.79 -25.37
C ALA F 138 -2.25 24.95 -26.10
N ALA F 139 -1.95 23.67 -26.33
CA ALA F 139 -2.91 22.80 -26.98
C ALA F 139 -4.19 22.67 -26.15
N ARG F 140 -4.04 22.51 -24.84
CA ARG F 140 -5.22 22.42 -23.97
C ARG F 140 -6.03 23.71 -24.02
N GLU F 141 -5.36 24.86 -24.04
CA GLU F 141 -6.09 26.13 -24.10
C GLU F 141 -6.88 26.24 -25.39
N GLU F 142 -6.25 25.95 -26.52
CA GLU F 142 -6.97 26.05 -27.79
C GLU F 142 -8.13 25.05 -27.84
N ALA F 143 -7.91 23.82 -27.35
CA ALA F 143 -8.98 22.84 -27.34
C ALA F 143 -10.13 23.27 -26.44
N LYS F 144 -9.81 23.85 -25.28
CA LYS F 144 -10.85 24.28 -24.37
C LYS F 144 -11.68 25.41 -24.97
N ASN F 145 -11.03 26.36 -25.64
CA ASN F 145 -11.81 27.42 -26.29
C ASN F 145 -12.67 26.84 -27.41
N ILE F 146 -12.11 25.93 -28.21
CA ILE F 146 -12.89 25.30 -29.27
C ILE F 146 -14.13 24.64 -28.69
N LYS F 147 -13.95 23.90 -27.60
CA LYS F 147 -15.12 23.28 -26.94
C LYS F 147 -16.08 24.38 -26.48
N LEU F 148 -15.54 25.47 -25.95
CA LEU F 148 -16.40 26.55 -25.47
C LEU F 148 -17.28 27.11 -26.58
N LEU F 149 -16.81 27.08 -27.83
CA LEU F 149 -17.59 27.66 -28.92
C LEU F 149 -18.96 27.00 -29.05
N GLU F 150 -19.01 25.66 -29.00
CA GLU F 150 -20.26 24.96 -29.30
C GLU F 150 -21.34 25.29 -28.27
N THR F 151 -21.03 25.14 -26.99
CA THR F 151 -22.02 25.35 -25.92
C THR F 151 -23.23 24.44 -26.12
N THR F 152 -22.96 23.16 -26.39
CA THR F 152 -24.06 22.22 -26.63
C THR F 152 -24.76 21.85 -25.33
N GLU F 153 -24.01 21.65 -24.26
CA GLU F 153 -24.58 21.25 -22.97
C GLU F 153 -25.26 19.89 -23.08
N GLU F 154 -26.19 19.61 -22.18
CA GLU F 154 -26.92 18.34 -22.16
C GLU F 154 -25.93 17.17 -22.02
N ASP F 155 -25.24 17.14 -20.89
CA ASP F 155 -24.21 16.16 -20.61
C ASP F 155 -24.67 15.24 -19.48
N LYS F 156 -24.65 13.93 -19.75
CA LYS F 156 -24.97 12.90 -18.77
C LYS F 156 -26.35 13.07 -18.14
N GLN F 157 -27.21 13.88 -18.75
CA GLN F 157 -28.52 14.21 -18.16
C GLN F 157 -28.37 14.83 -16.78
N LYS F 158 -27.18 15.32 -16.46
CA LYS F 158 -26.85 15.75 -15.10
C LYS F 158 -27.11 14.62 -14.11
N ASN F 159 -26.80 13.40 -14.53
CA ASN F 159 -27.07 12.17 -13.78
C ASN F 159 -25.75 11.49 -13.47
N PHE F 160 -25.12 11.88 -12.37
CA PHE F 160 -23.87 11.31 -11.92
C PHE F 160 -24.06 10.69 -10.54
N LEU F 161 -23.68 9.42 -10.40
CA LEU F 161 -23.82 8.76 -9.11
C LEU F 161 -22.67 9.09 -8.17
N PHE F 162 -21.49 9.39 -8.71
CA PHE F 162 -20.30 9.63 -7.90
C PHE F 162 -19.64 10.93 -8.31
N LEU F 163 -19.07 11.61 -7.32
CA LEU F 163 -18.20 12.75 -7.60
C LEU F 163 -16.85 12.26 -8.10
N ARG F 164 -16.15 13.11 -8.85
CA ARG F 164 -14.86 12.70 -9.45
C ARG F 164 -13.77 12.90 -8.43
N LEU F 165 -13.75 12.08 -7.41
CA LEU F 165 -12.74 12.06 -6.35
C LEU F 165 -12.09 10.69 -6.29
N TRP F 166 -11.71 10.18 -7.45
CA TRP F 166 -11.25 8.79 -7.54
C TRP F 166 -9.84 8.62 -6.98
N ASP F 167 -8.95 9.58 -7.19
CA ASP F 167 -7.59 9.44 -6.69
C ASP F 167 -7.58 9.32 -5.17
N ARG F 168 -8.36 10.17 -4.49
CA ARG F 168 -8.44 10.10 -3.04
C ARG F 168 -8.97 8.75 -2.58
N ASN F 169 -10.01 8.25 -3.26
CA ASN F 169 -10.58 6.96 -2.87
C ASN F 169 -9.57 5.83 -3.07
N MET F 170 -8.82 5.85 -4.17
CA MET F 170 -7.80 4.84 -4.39
C MET F 170 -6.73 4.91 -3.30
N ASP F 171 -6.30 6.12 -2.95
CA ASP F 171 -5.30 6.26 -1.90
C ASP F 171 -5.81 5.71 -0.58
N ILE F 172 -7.06 6.01 -0.23
CA ILE F 172 -7.62 5.55 1.03
C ILE F 172 -7.78 4.03 1.03
N ALA F 173 -8.21 3.46 -0.09
CA ALA F 173 -8.33 2.01 -0.18
C ALA F 173 -6.98 1.33 -0.03
N MET F 174 -5.96 1.86 -0.70
CA MET F 174 -4.61 1.30 -0.56
C MET F 174 -4.13 1.44 0.88
N GLY F 175 -4.46 2.54 1.55
CA GLY F 175 -4.11 2.70 2.94
C GLY F 175 -4.77 1.66 3.83
N TRP F 176 -6.06 1.39 3.60
CA TRP F 176 -6.75 0.38 4.38
C TRP F 176 -6.14 -0.99 4.14
N LYS F 177 -5.83 -1.32 2.88
CA LYS F 177 -5.21 -2.61 2.59
C LYS F 177 -3.85 -2.73 3.25
N GLY F 178 -3.06 -1.66 3.22
CA GLY F 178 -1.77 -1.69 3.89
C GLY F 178 -1.90 -1.83 5.39
N ALA F 179 -2.91 -1.19 5.98
CA ALA F 179 -3.14 -1.33 7.41
C ALA F 179 -3.49 -2.78 7.76
N GLN F 180 -4.31 -3.42 6.94
CA GLN F 180 -4.61 -4.83 7.16
C GLN F 180 -3.35 -5.68 7.02
N ALA F 181 -2.54 -5.40 6.01
CA ALA F 181 -1.33 -6.18 5.79
C ALA F 181 -0.35 -6.03 6.96
N MET F 182 -0.27 -4.83 7.53
CA MET F 182 0.65 -4.61 8.64
C MET F 182 0.34 -5.53 9.81
N GLN F 183 -0.89 -6.02 9.92
CA GLN F 183 -1.26 -6.93 10.98
C GLN F 183 -1.23 -8.39 10.53
N PHE F 184 -1.61 -8.66 9.28
CA PHE F 184 -1.75 -10.03 8.81
C PHE F 184 -0.94 -10.33 7.55
N GLY F 185 -0.21 -9.36 7.01
CA GLY F 185 0.53 -9.58 5.79
C GLY F 185 1.77 -10.44 6.02
N GLN F 186 2.26 -11.01 4.93
CA GLN F 186 3.47 -11.83 5.00
C GLN F 186 4.70 -10.92 5.04
N PRO F 187 5.61 -11.11 6.00
CA PRO F 187 6.79 -10.24 6.05
C PRO F 187 7.67 -10.38 4.81
N LEU F 188 8.25 -9.26 4.41
CA LEU F 188 9.25 -9.22 3.35
C LEU F 188 10.26 -8.15 3.74
N VAL F 189 11.54 -8.50 3.77
CA VAL F 189 12.56 -7.67 4.40
C VAL F 189 13.47 -7.08 3.32
N PHE F 190 13.70 -5.78 3.41
CA PHE F 190 14.80 -5.11 2.71
C PHE F 190 15.80 -4.69 3.77
N ASP F 191 17.00 -5.27 3.73
CA ASP F 191 18.05 -4.97 4.70
C ASP F 191 19.02 -3.98 4.08
N MET F 192 18.99 -2.75 4.57
CA MET F 192 19.88 -1.69 4.11
C MET F 192 21.18 -1.69 4.91
N ALA F 193 21.93 -2.79 4.76
CA ALA F 193 23.23 -2.94 5.39
C ALA F 193 24.36 -2.88 4.37
N TYR F 194 24.08 -2.24 3.24
CA TYR F 194 25.08 -2.23 2.17
C TYR F 194 25.65 -0.84 1.92
N GLU F 195 25.30 0.14 2.74
CA GLU F 195 25.75 1.50 2.51
C GLU F 195 27.27 1.56 2.33
N ASN F 196 28.00 0.66 2.99
CA ASN F 196 29.46 0.69 2.89
C ASN F 196 29.93 0.40 1.47
N TYR F 197 29.27 -0.52 0.78
CA TYR F 197 29.71 -0.99 -0.52
C TYR F 197 29.16 -0.16 -1.68
N MET F 198 28.40 0.89 -1.41
CA MET F 198 27.72 1.66 -2.44
C MET F 198 28.27 3.07 -2.50
N LYS F 199 28.26 3.64 -3.70
CA LYS F 199 28.64 5.03 -3.93
C LYS F 199 27.38 5.88 -4.04
N ARG F 200 27.58 7.19 -4.20
CA ARG F 200 26.44 8.11 -4.21
C ARG F 200 25.46 7.75 -5.32
N LYS F 201 25.96 7.51 -6.52
CA LYS F 201 25.07 7.14 -7.63
C LYS F 201 24.31 5.86 -7.32
N GLU F 202 25.01 4.86 -6.77
CA GLU F 202 24.35 3.62 -6.40
C GLU F 202 23.31 3.84 -5.32
N LEU F 203 23.59 4.72 -4.36
CA LEU F 203 22.61 5.03 -3.32
C LEU F 203 21.36 5.66 -3.93
N GLN F 204 21.53 6.61 -4.85
CA GLN F 204 20.37 7.22 -5.49
C GLN F 204 19.55 6.17 -6.25
N ASN F 205 20.23 5.31 -7.01
CA ASN F 205 19.51 4.29 -7.77
C ASN F 205 18.78 3.34 -6.84
N THR F 206 19.42 2.94 -5.74
CA THR F 206 18.79 2.04 -4.78
C THR F 206 17.56 2.68 -4.16
N VAL F 207 17.65 3.96 -3.81
CA VAL F 207 16.49 4.63 -3.22
C VAL F 207 15.35 4.70 -4.23
N SER F 208 15.66 5.03 -5.49
CA SER F 208 14.62 5.07 -6.50
C SER F 208 13.95 3.71 -6.66
N GLN F 209 14.76 2.65 -6.73
CA GLN F 209 14.20 1.31 -6.88
C GLN F 209 13.36 0.93 -5.66
N LEU F 210 13.80 1.32 -4.47
CA LEU F 210 13.01 1.05 -3.26
C LEU F 210 11.67 1.76 -3.32
N LEU F 211 11.65 3.01 -3.78
CA LEU F 211 10.39 3.73 -3.92
C LEU F 211 9.47 3.00 -4.90
N GLU F 212 10.01 2.60 -6.04
CA GLU F 212 9.18 1.90 -7.03
C GLU F 212 8.65 0.59 -6.47
N SER F 213 9.49 -0.17 -5.76
CA SER F 213 9.07 -1.43 -5.19
C SER F 213 7.97 -1.24 -4.16
N GLU F 214 8.13 -0.23 -3.29
CA GLU F 214 7.10 0.05 -2.30
C GLU F 214 5.78 0.43 -2.97
N GLY F 215 5.85 1.24 -4.03
CA GLY F 215 4.63 1.58 -4.74
C GLY F 215 3.95 0.36 -5.34
N TRP F 216 4.73 -0.51 -5.99
CA TRP F 216 4.16 -1.70 -6.59
C TRP F 216 3.52 -2.59 -5.54
N ASN F 217 4.18 -2.78 -4.39
CA ASN F 217 3.60 -3.58 -3.33
C ASN F 217 2.32 -2.93 -2.80
N ARG F 218 2.33 -1.61 -2.64
CA ARG F 218 1.17 -0.91 -2.10
C ARG F 218 -0.05 -1.07 -3.00
N ARG F 219 0.16 -0.97 -4.32
CA ARG F 219 -0.94 -1.05 -5.27
C ARG F 219 -1.35 -2.49 -5.60
N ASN F 220 -0.98 -3.46 -4.77
CA ASN F 220 -1.26 -4.86 -5.05
C ASN F 220 -2.54 -5.30 -4.34
N VAL F 221 -3.13 -6.39 -4.86
CA VAL F 221 -4.35 -6.93 -4.27
C VAL F 221 -4.06 -7.52 -2.89
N ASP F 222 -2.91 -8.15 -2.73
CA ASP F 222 -2.50 -8.77 -1.47
C ASP F 222 -1.12 -8.25 -1.11
N PRO F 223 -1.03 -7.04 -0.58
CA PRO F 223 0.28 -6.43 -0.34
C PRO F 223 1.11 -7.21 0.67
N PHE F 224 2.43 -7.16 0.50
CA PHE F 224 3.35 -7.65 1.50
C PHE F 224 3.35 -6.73 2.71
N HIS F 225 4.00 -7.18 3.78
CA HIS F 225 4.31 -6.34 4.92
C HIS F 225 5.81 -6.11 4.91
N ILE F 226 6.21 -4.90 4.56
CA ILE F 226 7.60 -4.60 4.24
C ILE F 226 8.33 -4.16 5.50
N TYR F 227 9.47 -4.79 5.78
CA TYR F 227 10.34 -4.43 6.89
C TYR F 227 11.60 -3.79 6.33
N PHE F 228 11.84 -2.55 6.69
CA PHE F 228 13.11 -1.87 6.37
C PHE F 228 14.05 -2.12 7.54
N CYS F 229 14.91 -3.14 7.40
CA CYS F 229 15.77 -3.59 8.48
C CYS F 229 17.19 -3.04 8.29
N ASN F 230 17.91 -2.97 9.41
CA ASN F 230 19.29 -2.49 9.43
C ASN F 230 19.38 -1.11 8.78
N LEU F 231 18.41 -0.26 9.07
CA LEU F 231 18.34 1.08 8.52
C LEU F 231 18.79 2.06 9.60
N LYS F 232 20.04 2.51 9.49
CA LYS F 232 20.55 3.49 10.45
C LYS F 232 19.79 4.80 10.31
N ILE F 233 19.43 5.39 11.45
CA ILE F 233 18.55 6.56 11.45
C ILE F 233 19.19 7.71 10.69
N ASP F 234 20.46 7.97 10.96
CA ASP F 234 21.19 9.06 10.31
C ASP F 234 21.98 8.60 9.11
N GLY F 235 21.84 7.33 8.71
CA GLY F 235 22.59 6.83 7.58
C GLY F 235 22.21 7.51 6.28
N ALA F 236 23.05 7.33 5.27
CA ALA F 236 22.82 7.97 3.98
C ALA F 236 21.51 7.51 3.36
N LEU F 237 21.23 6.21 3.42
CA LEU F 237 20.00 5.69 2.85
C LEU F 237 18.78 6.29 3.53
N HIS F 238 18.79 6.34 4.85
CA HIS F 238 17.65 6.90 5.58
C HIS F 238 17.48 8.37 5.27
N ARG F 239 18.58 9.13 5.22
CA ARG F 239 18.49 10.54 4.92
C ARG F 239 17.92 10.76 3.52
N GLU F 240 18.39 9.99 2.54
CA GLU F 240 17.89 10.14 1.18
C GLU F 240 16.41 9.75 1.09
N LEU F 241 16.02 8.68 1.78
CA LEU F 241 14.62 8.28 1.78
C LEU F 241 13.74 9.37 2.37
N VAL F 242 14.16 9.96 3.49
CA VAL F 242 13.38 11.02 4.09
C VAL F 242 13.30 12.21 3.15
N LYS F 243 14.42 12.57 2.53
CA LYS F 243 14.40 13.69 1.59
C LYS F 243 13.50 13.41 0.40
N ARG F 244 13.34 12.14 0.03
CA ARG F 244 12.56 11.79 -1.15
C ARG F 244 11.07 11.61 -0.84
N TYR F 245 10.74 11.00 0.30
CA TYR F 245 9.35 10.76 0.66
C TYR F 245 8.68 11.97 1.30
N GLN F 246 9.44 12.99 1.69
CA GLN F 246 8.88 14.21 2.29
C GLN F 246 8.11 13.80 3.55
N GLU F 247 6.92 14.37 3.80
CA GLU F 247 6.20 14.08 5.03
C GLU F 247 5.59 12.69 5.05
N LYS F 248 5.46 12.04 3.89
CA LYS F 248 4.85 10.71 3.84
C LYS F 248 5.71 9.65 4.51
N TRP F 249 6.96 9.95 4.84
CA TRP F 249 7.83 8.93 5.44
C TRP F 249 7.23 8.39 6.73
N ASP F 250 6.71 9.28 7.58
CA ASP F 250 6.09 8.86 8.83
C ASP F 250 4.74 8.19 8.62
N LYS F 251 4.15 8.30 7.44
CA LYS F 251 2.83 7.75 7.16
C LYS F 251 2.87 6.48 6.33
N LEU F 252 4.05 6.05 5.89
CA LEU F 252 4.16 4.81 5.15
C LEU F 252 3.80 3.63 6.04
N LEU F 253 3.00 2.71 5.51
CA LEU F 253 2.57 1.54 6.27
C LEU F 253 3.58 0.39 6.13
N LEU F 254 4.84 0.69 6.45
CA LEU F 254 5.90 -0.30 6.49
C LEU F 254 6.69 -0.12 7.78
N THR F 255 7.25 -1.22 8.25
CA THR F 255 8.01 -1.21 9.51
C THR F 255 9.47 -0.94 9.21
N SER F 256 10.01 0.11 9.81
CA SER F 256 11.42 0.48 9.66
C SER F 256 12.08 0.39 11.02
N THR F 257 13.21 -0.30 11.09
CA THR F 257 13.90 -0.52 12.35
C THR F 257 15.40 -0.71 12.09
N GLU F 258 16.20 -0.27 13.06
CA GLU F 258 17.64 -0.47 12.98
C GLU F 258 18.03 -1.92 13.27
N LYS F 259 17.22 -2.64 14.04
CA LYS F 259 17.54 -4.01 14.39
C LYS F 259 17.59 -4.87 13.14
N SER F 260 18.50 -5.85 13.14
CA SER F 260 18.66 -6.74 12.00
C SER F 260 17.47 -7.68 11.91
N HIS F 261 17.25 -8.20 10.70
CA HIS F 261 16.13 -9.11 10.48
C HIS F 261 16.20 -10.33 11.39
N VAL F 262 17.40 -10.80 11.70
CA VAL F 262 17.53 -11.97 12.56
C VAL F 262 16.94 -11.70 13.94
N ASP F 263 16.94 -10.45 14.38
CA ASP F 263 16.41 -10.11 15.69
C ASP F 263 14.89 -10.08 15.74
N LEU F 264 14.23 -10.08 14.58
CA LEU F 264 12.78 -9.93 14.53
C LEU F 264 12.04 -11.22 14.22
N PHE F 265 12.67 -12.16 13.52
CA PHE F 265 12.02 -13.39 13.09
C PHE F 265 12.88 -14.58 13.46
N PRO F 266 12.28 -15.77 13.58
CA PRO F 266 13.08 -16.97 13.85
C PRO F 266 14.09 -17.21 12.74
N LYS F 267 15.27 -17.69 13.13
CA LYS F 267 16.32 -17.93 12.15
C LYS F 267 15.92 -19.01 11.14
N ASP F 268 15.02 -19.90 11.53
CA ASP F 268 14.62 -21.00 10.65
C ASP F 268 13.59 -20.60 9.61
N SER F 269 12.95 -19.44 9.76
CA SER F 269 11.90 -19.00 8.86
C SER F 269 12.37 -17.93 7.88
N ILE F 270 13.68 -17.71 7.78
CA ILE F 270 14.23 -16.66 6.93
C ILE F 270 14.92 -17.31 5.74
N ILE F 271 14.56 -16.86 4.54
CA ILE F 271 15.23 -17.25 3.31
C ILE F 271 15.74 -15.98 2.65
N TYR F 272 17.05 -15.92 2.45
CA TYR F 272 17.70 -14.72 1.88
C TYR F 272 17.89 -14.91 0.40
N LEU F 273 17.19 -14.10 -0.40
CA LEU F 273 17.23 -14.25 -1.84
C LEU F 273 18.51 -13.64 -2.39
N THR F 274 19.38 -14.50 -2.94
CA THR F 274 20.60 -14.04 -3.59
C THR F 274 20.80 -14.83 -4.87
N ALA F 275 21.36 -14.16 -5.88
CA ALA F 275 21.58 -14.80 -7.17
C ALA F 275 22.74 -15.80 -7.12
N ASP F 276 23.59 -15.74 -6.09
CA ASP F 276 24.74 -16.61 -5.98
C ASP F 276 24.46 -17.85 -5.13
N SER F 277 23.24 -18.02 -4.64
CA SER F 277 22.95 -19.16 -3.79
C SER F 277 23.08 -20.46 -4.61
N PRO F 278 23.59 -21.53 -4.01
CA PRO F 278 23.63 -22.82 -4.71
C PRO F 278 22.29 -23.56 -4.73
N ASN F 279 21.28 -23.03 -4.05
CA ASN F 279 19.95 -23.62 -4.02
C ASN F 279 19.01 -22.79 -4.89
N VAL F 280 18.30 -23.45 -5.80
CA VAL F 280 17.43 -22.80 -6.75
C VAL F 280 16.01 -22.79 -6.19
N MET F 281 15.38 -21.62 -6.18
CA MET F 281 14.02 -21.51 -5.72
C MET F 281 13.11 -22.40 -6.57
N THR F 282 12.22 -23.13 -5.90
CA THR F 282 11.29 -24.03 -6.58
C THR F 282 9.85 -23.54 -6.49
N THR F 283 9.34 -23.30 -5.27
CA THR F 283 7.98 -22.84 -5.07
C THR F 283 7.95 -21.79 -3.99
N PHE F 284 7.21 -20.72 -4.24
CA PHE F 284 7.04 -19.68 -3.23
C PHE F 284 6.34 -20.27 -2.00
N ARG F 285 6.89 -19.99 -0.82
CA ARG F 285 6.38 -20.50 0.43
C ARG F 285 5.83 -19.37 1.26
N HIS F 286 4.59 -19.51 1.72
CA HIS F 286 3.91 -18.46 2.47
C HIS F 286 4.27 -18.45 3.95
N ASP F 287 4.94 -19.50 4.44
CA ASP F 287 5.34 -19.56 5.84
C ASP F 287 6.75 -19.06 6.10
N LYS F 288 7.44 -18.58 5.06
CA LYS F 288 8.81 -18.10 5.18
C LYS F 288 8.85 -16.58 5.03
N VAL F 289 9.97 -16.00 5.48
CA VAL F 289 10.22 -14.58 5.37
C VAL F 289 11.36 -14.39 4.38
N TYR F 290 11.07 -13.71 3.28
CA TYR F 290 12.06 -13.52 2.21
C TYR F 290 12.80 -12.21 2.43
N VAL F 291 14.12 -12.27 2.38
CA VAL F 291 14.98 -11.12 2.62
C VAL F 291 15.65 -10.73 1.30
N ILE F 292 15.44 -9.49 0.88
CA ILE F 292 16.00 -8.96 -0.35
C ILE F 292 17.08 -7.95 0.01
N GLY F 293 18.26 -8.10 -0.61
CA GLY F 293 19.34 -7.17 -0.37
C GLY F 293 19.19 -5.88 -1.14
N SER F 294 18.89 -4.79 -0.44
CA SER F 294 18.73 -3.48 -1.07
C SER F 294 20.12 -2.99 -1.45
N PHE F 295 20.62 -3.50 -2.57
CA PHE F 295 22.00 -3.29 -2.98
C PHE F 295 22.06 -3.22 -4.49
N VAL F 296 22.43 -2.06 -5.02
CA VAL F 296 22.57 -1.86 -6.46
C VAL F 296 24.08 -1.82 -6.72
N ASP F 297 24.65 -2.97 -7.07
CA ASP F 297 26.09 -3.09 -7.27
C ASP F 297 26.42 -2.98 -8.76
N LYS F 298 26.29 -1.76 -9.28
CA LYS F 298 26.67 -1.51 -10.66
C LYS F 298 28.13 -1.89 -10.88
N SER F 299 28.97 -1.67 -9.88
CA SER F 299 30.33 -2.21 -9.86
C SER F 299 30.26 -3.61 -9.25
N MET F 300 30.47 -4.62 -10.09
CA MET F 300 30.21 -5.99 -9.66
C MET F 300 31.00 -6.35 -8.41
N GLN F 301 30.29 -6.87 -7.41
CA GLN F 301 30.89 -7.39 -6.19
C GLN F 301 30.18 -8.69 -5.84
N PRO F 302 30.36 -9.74 -6.66
CA PRO F 302 29.61 -10.97 -6.44
C PRO F 302 29.90 -11.57 -5.07
N GLY F 303 28.85 -12.15 -4.47
CA GLY F 303 28.99 -12.87 -3.22
C GLY F 303 28.79 -12.05 -1.97
N THR F 304 28.69 -10.72 -2.08
CA THR F 304 28.50 -9.91 -0.89
C THR F 304 27.22 -10.30 -0.16
N SER F 305 26.11 -10.38 -0.89
CA SER F 305 24.85 -10.82 -0.28
C SER F 305 24.97 -12.23 0.26
N LEU F 306 25.54 -13.14 -0.54
CA LEU F 306 25.74 -14.50 -0.08
C LEU F 306 26.71 -14.54 1.10
N ALA F 307 27.74 -13.70 1.08
CA ALA F 307 28.68 -13.67 2.20
C ALA F 307 27.98 -13.26 3.48
N LYS F 308 27.15 -12.22 3.43
CA LYS F 308 26.42 -11.80 4.63
C LYS F 308 25.46 -12.89 5.09
N ALA F 309 24.76 -13.54 4.15
CA ALA F 309 23.86 -14.62 4.53
C ALA F 309 24.61 -15.74 5.22
N LYS F 310 25.76 -16.13 4.68
CA LYS F 310 26.54 -17.20 5.31
C LYS F 310 27.04 -16.77 6.68
N ARG F 311 27.48 -15.51 6.81
CA ARG F 311 27.94 -15.03 8.10
C ARG F 311 26.84 -15.12 9.14
N LEU F 312 25.62 -14.74 8.76
CA LEU F 312 24.48 -14.85 9.68
C LEU F 312 23.96 -16.28 9.80
N ASN F 313 24.43 -17.19 8.96
CA ASN F 313 24.01 -18.59 9.00
C ASN F 313 22.53 -18.73 8.65
N LEU F 314 22.14 -18.17 7.51
CA LEU F 314 20.76 -18.20 7.04
C LEU F 314 20.68 -18.98 5.74
N ALA F 315 19.50 -19.53 5.48
CA ALA F 315 19.25 -20.22 4.22
C ALA F 315 19.24 -19.22 3.07
N THR F 316 19.59 -19.70 1.89
CA THR F 316 19.68 -18.85 0.70
C THR F 316 19.00 -19.53 -0.46
N GLU F 317 18.54 -18.73 -1.42
CA GLU F 317 17.89 -19.25 -2.61
C GLU F 317 18.09 -18.26 -3.76
N CYS F 318 17.95 -18.77 -4.98
CA CYS F 318 18.07 -17.95 -6.18
C CYS F 318 16.93 -18.28 -7.13
N LEU F 319 16.52 -17.28 -7.90
CA LEU F 319 15.44 -17.49 -8.85
C LEU F 319 15.87 -18.49 -9.92
N PRO F 320 14.93 -19.30 -10.44
CA PRO F 320 15.25 -20.30 -11.46
C PRO F 320 15.27 -19.74 -12.88
N LEU F 321 16.04 -18.67 -13.08
CA LEU F 321 16.07 -18.02 -14.39
C LEU F 321 16.58 -18.99 -15.46
N ASP F 322 17.75 -19.58 -15.22
CA ASP F 322 18.34 -20.47 -16.22
C ASP F 322 17.42 -21.64 -16.53
N LYS F 323 16.62 -22.08 -15.56
CA LYS F 323 15.73 -23.20 -15.78
C LYS F 323 14.54 -22.84 -16.66
N TYR F 324 14.16 -21.56 -16.73
CA TYR F 324 12.95 -21.16 -17.42
C TYR F 324 13.17 -20.20 -18.58
N LEU F 325 14.38 -19.69 -18.77
CA LEU F 325 14.63 -18.71 -19.82
C LEU F 325 15.93 -19.06 -20.55
N GLN F 326 15.98 -18.70 -21.83
CA GLN F 326 17.22 -18.73 -22.60
C GLN F 326 17.92 -17.40 -22.35
N TRP F 327 18.90 -17.40 -21.45
CA TRP F 327 19.38 -16.14 -20.89
C TRP F 327 20.00 -15.25 -21.95
N GLU F 328 20.74 -15.83 -22.89
CA GLU F 328 21.36 -15.04 -23.94
C GLU F 328 22.44 -14.14 -23.35
N ILE F 329 22.17 -12.84 -23.21
CA ILE F 329 23.15 -11.88 -22.71
C ILE F 329 22.47 -10.99 -21.67
N GLY F 330 23.14 -10.80 -20.54
CA GLY F 330 22.61 -9.95 -19.50
C GLY F 330 23.24 -10.27 -18.17
N ASN F 331 22.75 -9.60 -17.13
CA ASN F 331 23.20 -9.79 -15.77
C ASN F 331 22.10 -10.50 -14.98
N LYS F 332 22.48 -11.59 -14.30
CA LYS F 332 21.49 -12.37 -13.56
C LYS F 332 20.87 -11.57 -12.41
N ASN F 333 21.55 -10.56 -11.91
CA ASN F 333 21.04 -9.77 -10.79
C ASN F 333 20.01 -8.77 -11.30
N LEU F 334 18.80 -8.87 -10.78
CA LEU F 334 17.70 -8.01 -11.18
C LEU F 334 17.55 -6.83 -10.21
N THR F 335 16.65 -5.93 -10.55
CA THR F 335 16.45 -4.76 -9.73
C THR F 335 15.48 -5.10 -8.62
N LEU F 336 15.36 -4.25 -7.61
CA LEU F 336 14.48 -4.50 -6.49
C LEU F 336 13.01 -4.53 -6.93
N ASP F 337 12.62 -3.62 -7.81
CA ASP F 337 11.24 -3.57 -8.27
C ASP F 337 10.87 -4.86 -9.00
N GLN F 338 11.75 -5.35 -9.88
CA GLN F 338 11.47 -6.59 -10.57
C GLN F 338 11.36 -7.76 -9.59
N MET F 339 12.25 -7.80 -8.60
CA MET F 339 12.19 -8.88 -7.61
C MET F 339 10.88 -8.85 -6.85
N ILE F 340 10.45 -7.67 -6.40
CA ILE F 340 9.23 -7.60 -5.60
C ILE F 340 8.02 -7.93 -6.46
N ARG F 341 8.01 -7.49 -7.73
CA ARG F 341 6.90 -7.83 -8.60
C ARG F 341 6.84 -9.34 -8.85
N ILE F 342 7.99 -9.97 -9.05
CA ILE F 342 8.03 -11.42 -9.23
C ILE F 342 7.49 -12.11 -7.98
N LEU F 343 7.93 -11.66 -6.81
CA LEU F 343 7.47 -12.28 -5.56
C LEU F 343 5.97 -12.10 -5.38
N LEU F 344 5.44 -10.92 -5.72
CA LEU F 344 4.00 -10.71 -5.61
C LEU F 344 3.24 -11.63 -6.56
N CYS F 345 3.72 -11.76 -7.79
CA CYS F 345 3.05 -12.65 -8.74
C CYS F 345 3.06 -14.09 -8.23
N LEU F 346 4.18 -14.54 -7.68
CA LEU F 346 4.24 -15.89 -7.13
C LEU F 346 3.30 -16.03 -5.94
N LYS F 347 3.27 -15.04 -5.06
CA LYS F 347 2.40 -15.10 -3.89
C LYS F 347 0.93 -15.14 -4.28
N ASN F 348 0.59 -14.53 -5.42
CA ASN F 348 -0.78 -14.54 -5.91
C ASN F 348 -1.12 -15.80 -6.69
N ASN F 349 -0.39 -16.89 -6.46
CA ASN F 349 -0.59 -18.21 -7.07
C ASN F 349 -0.25 -18.22 -8.55
N GLY F 350 0.42 -17.18 -9.06
CA GLY F 350 0.86 -17.21 -10.44
C GLY F 350 1.96 -18.22 -10.66
N ASN F 351 2.01 -18.76 -11.88
CA ASN F 351 3.03 -19.73 -12.23
C ASN F 351 4.34 -19.02 -12.57
N TRP F 352 5.41 -19.82 -12.69
CA TRP F 352 6.71 -19.25 -12.98
C TRP F 352 6.72 -18.52 -14.31
N GLN F 353 5.99 -19.04 -15.31
CA GLN F 353 5.96 -18.38 -16.60
C GLN F 353 5.38 -16.97 -16.50
N GLU F 354 4.31 -16.81 -15.71
CA GLU F 354 3.73 -15.48 -15.52
C GLU F 354 4.65 -14.60 -14.67
N ALA F 355 5.19 -15.17 -13.59
CA ALA F 355 6.00 -14.38 -12.68
C ALA F 355 7.25 -13.83 -13.36
N LEU F 356 7.92 -14.66 -14.16
CA LEU F 356 9.17 -14.24 -14.79
C LEU F 356 8.96 -13.26 -15.93
N GLN F 357 7.72 -12.95 -16.30
CA GLN F 357 7.48 -11.98 -17.35
C GLN F 357 8.08 -10.62 -17.01
N PHE F 358 8.31 -10.34 -15.72
CA PHE F 358 8.86 -9.06 -15.32
C PHE F 358 10.35 -8.95 -15.55
N VAL F 359 11.03 -10.06 -15.80
CA VAL F 359 12.46 -9.96 -16.15
C VAL F 359 12.59 -9.18 -17.45
N PRO F 360 13.58 -8.31 -17.61
CA PRO F 360 13.67 -7.54 -18.86
C PRO F 360 13.76 -8.45 -20.07
N LYS F 361 13.00 -8.11 -21.11
CA LYS F 361 12.97 -8.92 -22.32
C LYS F 361 14.30 -8.86 -23.05
N ARG F 362 15.01 -7.73 -22.97
CA ARG F 362 16.27 -7.58 -23.68
C ARG F 362 17.31 -8.60 -23.23
N LYS F 363 17.19 -9.13 -22.02
CA LYS F 363 18.19 -10.07 -21.52
C LYS F 363 18.00 -11.44 -22.15
N HIS F 364 16.86 -12.08 -21.93
CA HIS F 364 16.59 -13.42 -22.43
C HIS F 364 15.85 -13.35 -23.75
N THR F 365 16.19 -14.27 -24.67
CA THR F 365 15.48 -14.34 -25.93
C THR F 365 14.01 -14.69 -25.72
N GLY F 366 13.74 -15.65 -24.85
CA GLY F 366 12.37 -16.04 -24.57
C GLY F 366 12.35 -17.22 -23.63
N PHE F 367 11.15 -17.55 -23.18
CA PHE F 367 10.98 -18.70 -22.29
C PHE F 367 11.36 -19.98 -23.02
N LEU F 368 11.80 -20.98 -22.25
CA LEU F 368 11.99 -22.30 -22.82
C LEU F 368 10.69 -22.75 -23.46
N GLU F 369 10.79 -23.29 -24.68
CA GLU F 369 9.62 -23.38 -25.56
C GLU F 369 8.45 -24.03 -24.84
N ILE F 370 8.68 -25.11 -24.10
CA ILE F 370 7.62 -25.77 -23.35
C ILE F 370 8.04 -25.96 -21.89
N SER F 371 9.21 -26.55 -21.67
CA SER F 371 9.67 -27.10 -20.41
C SER F 371 8.94 -28.41 -20.10
N GLN F 372 7.94 -28.79 -20.90
CA GLN F 372 7.29 -30.09 -20.73
C GLN F 372 8.24 -31.23 -21.10
N HIS F 373 9.32 -30.95 -21.83
CA HIS F 373 10.35 -31.95 -22.04
C HIS F 373 11.01 -32.35 -20.72
N SER F 374 11.19 -31.38 -19.81
CA SER F 374 11.66 -31.72 -18.48
C SER F 374 10.66 -32.62 -17.76
N GLN F 375 9.36 -32.36 -17.95
CA GLN F 375 8.34 -33.23 -17.36
C GLN F 375 8.43 -34.63 -17.94
N GLU F 376 8.68 -34.75 -19.24
CA GLU F 376 8.86 -36.06 -19.85
C GLU F 376 10.08 -36.77 -19.29
N PHE F 377 11.18 -36.04 -19.10
CA PHE F 377 12.34 -36.63 -18.45
C PHE F 377 11.98 -37.13 -17.06
N ILE F 378 11.23 -36.32 -16.31
CA ILE F 378 10.82 -36.70 -14.96
C ILE F 378 10.01 -37.98 -14.99
N ASN F 379 9.03 -38.07 -15.90
CA ASN F 379 8.13 -39.22 -15.88
C ASN F 379 8.84 -40.48 -16.37
N ARG F 380 9.73 -40.34 -17.37
CA ARG F 380 10.49 -41.52 -17.82
C ARG F 380 11.42 -42.01 -16.72
N LEU F 381 12.06 -41.09 -15.98
CA LEU F 381 12.91 -41.52 -14.88
C LEU F 381 12.09 -42.17 -13.77
N LYS F 382 10.89 -41.63 -13.49
CA LYS F 382 10.01 -42.22 -12.50
C LYS F 382 9.63 -43.63 -12.91
N LYS F 383 9.31 -43.83 -14.19
CA LYS F 383 9.10 -45.18 -14.70
C LYS F 383 10.34 -46.03 -14.50
N ALA F 384 11.52 -45.43 -14.68
CA ALA F 384 12.77 -46.18 -14.53
C ALA F 384 12.90 -46.74 -13.11
N LYS F 385 12.58 -45.93 -12.09
CA LYS F 385 12.62 -46.46 -10.73
C LYS F 385 11.63 -47.60 -10.55
N THR F 386 10.40 -47.42 -11.05
CA THR F 386 9.36 -48.42 -10.89
C THR F 386 9.66 -49.66 -11.71
PA NAD H . -8.21 -1.33 28.66
O1A NAD H . -7.44 -2.58 28.48
O2A NAD H . -7.55 -0.15 29.29
O5B NAD H . -9.56 -1.65 29.43
C5B NAD H . -9.80 -3.00 29.80
C4B NAD H . -9.90 -3.08 31.30
O4B NAD H . -10.61 -4.29 31.66
C3B NAD H . -8.58 -3.13 32.06
O3B NAD H . -8.65 -2.31 33.21
C2B NAD H . -8.48 -4.60 32.47
O2B NAD H . -7.76 -4.82 33.65
C1B NAD H . -9.94 -4.91 32.73
N9A NAD H . -10.23 -6.32 32.65
C8A NAD H . -9.91 -7.14 31.62
N7A NAD H . -10.32 -8.37 31.80
C5A NAD H . -10.95 -8.34 33.04
C6A NAD H . -11.59 -9.33 33.78
N6A NAD H . -11.70 -10.59 33.37
N1A NAD H . -12.14 -8.98 34.96
C2A NAD H . -12.02 -7.71 35.35
N3A NAD H . -11.43 -6.69 34.74
C4A NAD H . -10.91 -7.07 33.56
O3 NAD H . -8.75 -0.86 27.26
PN NAD H . -10.02 0.08 27.10
O1N NAD H . -9.99 0.72 25.76
O2N NAD H . -10.15 0.93 28.30
O5D NAD H . -11.15 -1.02 27.12
C5D NAD H . -12.40 -0.55 27.64
C4D NAD H . -13.51 -1.30 26.94
O4D NAD H . -13.86 -0.57 25.76
C3D NAD H . -13.17 -2.71 26.48
O3D NAD H . -14.29 -3.54 26.80
C2D NAD H . -13.05 -2.55 24.97
O2D NAD H . -13.42 -3.72 24.28
C1D NAD H . -14.04 -1.45 24.69
N1N NAD H . -13.73 -0.69 23.46
C2N NAD H . -12.55 -0.06 23.35
C3N NAD H . -12.22 0.67 22.26
C7N NAD H . -10.90 1.37 22.20
O7N NAD H . -10.71 2.27 21.39
N7N NAD H . -9.97 1.01 23.08
C4N NAD H . -13.16 0.78 21.26
C5N NAD H . -14.36 0.14 21.37
C6N NAD H . -14.62 -0.59 22.50
PA NAD I . -35.10 -27.60 16.47
O1A NAD I . -34.90 -27.93 17.91
O2A NAD I . -36.06 -28.43 15.69
O5B NAD I . -33.71 -27.57 15.73
C5B NAD I . -32.50 -27.43 16.52
C4B NAD I . -31.55 -28.53 16.11
O4B NAD I . -30.26 -28.30 16.72
C3B NAD I . -31.95 -29.94 16.55
O3B NAD I . -31.81 -30.83 15.46
C2B NAD I . -30.92 -30.28 17.63
O2B NAD I . -30.65 -31.65 17.72
C1B NAD I . -29.73 -29.54 17.06
N9A NAD I . -28.65 -29.34 18.01
C8A NAD I . -28.70 -28.68 19.20
N7A NAD I . -27.56 -28.67 19.83
C5A NAD I . -26.70 -29.36 19.00
C6A NAD I . -25.34 -29.68 19.10
N6A NAD I . -24.57 -29.35 20.13
N1A NAD I . -24.78 -30.39 18.09
C2A NAD I . -25.56 -30.73 17.06
N3A NAD I . -26.85 -30.48 16.85
C4A NAD I . -27.36 -29.79 17.87
O3 NAD I . -35.53 -26.09 16.34
PN NAD I . -35.42 -25.27 14.99
O1N NAD I . -36.45 -24.21 14.98
O2N NAD I . -35.35 -26.21 13.85
O5D NAD I . -33.99 -24.60 15.18
C5D NAD I . -33.47 -24.00 13.99
C4D NAD I . -32.59 -22.84 14.38
O4D NAD I . -33.28 -21.62 14.10
C3D NAD I . -32.18 -22.77 15.84
O3D NAD I . -30.85 -22.29 15.91
C2D NAD I . -33.17 -21.75 16.40
O2D NAD I . -32.63 -21.14 17.54
C1D NAD I . -33.29 -20.78 15.23
N1N NAD I . -34.59 -20.08 15.21
C2N NAD I . -35.75 -20.80 15.26
C3N NAD I . -36.96 -20.15 15.20
C7N NAD I . -38.24 -20.93 15.25
O7N NAD I . -39.29 -20.39 14.92
N7N NAD I . -38.16 -22.19 15.61
C4N NAD I . -36.96 -18.80 15.06
C5N NAD I . -35.80 -18.10 15.00
C6N NAD I . -34.62 -18.76 15.09
PA NAD J . -30.84 3.25 -15.13
O1A NAD J . -30.78 4.70 -15.38
O2A NAD J . -30.30 2.31 -16.14
O5B NAD J . -32.34 2.83 -14.77
C5B NAD J . -33.24 3.87 -14.38
C4B NAD J . -34.47 3.76 -15.22
O4B NAD J . -35.48 4.65 -14.70
C3B NAD J . -34.31 4.14 -16.70
O3B NAD J . -34.99 3.20 -17.52
C2B NAD J . -35.00 5.50 -16.78
O2B NAD J . -35.56 5.78 -18.04
C1B NAD J . -36.12 5.29 -15.78
N9A NAD J . -36.65 6.53 -15.27
C8A NAD J . -35.94 7.57 -14.76
N7A NAD J . -36.70 8.56 -14.36
C5A NAD J . -37.98 8.13 -14.62
C6A NAD J . -39.22 8.73 -14.41
N6A NAD J . -39.36 9.94 -13.87
N1A NAD J . -40.33 8.04 -14.77
C2A NAD J . -40.16 6.83 -15.31
N3A NAD J . -39.03 6.17 -15.55
C4A NAD J . -37.97 6.88 -15.18
O3 NAD J . -30.11 2.92 -13.76
PN NAD J . -30.37 1.61 -12.93
O1N NAD J . -29.22 1.37 -12.01
O2N NAD J . -30.78 0.52 -13.84
O5D NAD J . -31.63 2.05 -12.08
C5D NAD J . -32.16 1.06 -11.21
C4D NAD J . -32.40 1.70 -9.86
O4D NAD J . -31.42 1.17 -8.95
C3D NAD J . -32.25 3.22 -9.80
O3D NAD J . -33.26 3.73 -8.94
C2D NAD J . -30.87 3.38 -9.18
O2D NAD J . -30.72 4.61 -8.51
C1D NAD J . -30.86 2.22 -8.20
N1N NAD J . -29.49 1.80 -7.87
C2N NAD J . -28.59 1.67 -8.86
C3N NAD J . -27.31 1.23 -8.55
C7N NAD J . -26.32 1.09 -9.64
O7N NAD J . -25.20 0.66 -9.37
N7N NAD J . -26.71 1.36 -10.87
C4N NAD J . -26.98 0.94 -7.27
C5N NAD J . -27.90 1.09 -6.28
C6N NAD J . -29.16 1.52 -6.60
PA NAD K . -44.65 21.03 17.36
O1A NAD K . -45.78 21.08 16.40
O2A NAD K . -44.73 21.81 18.62
O5B NAD K . -43.30 21.38 16.61
C5B NAD K . -43.38 21.78 15.23
C4B NAD K . -42.88 23.19 15.09
O4B NAD K . -42.43 23.41 13.73
C3B NAD K . -43.91 24.31 15.36
O3B NAD K . -43.32 25.35 16.12
C2B NAD K . -44.23 24.82 13.96
O2B NAD K . -44.60 26.17 13.93
C1B NAD K . -42.88 24.65 13.28
N9A NAD K . -42.99 24.60 11.84
C8A NAD K . -43.76 23.73 11.11
N7A NAD K . -43.63 23.89 9.83
C5A NAD K . -42.73 24.91 9.69
C6A NAD K . -42.18 25.56 8.56
N6A NAD K . -42.48 25.23 7.32
N1A NAD K . -41.29 26.55 8.78
C2A NAD K . -40.99 26.87 10.04
N3A NAD K . -41.44 26.34 11.18
C4A NAD K . -42.32 25.36 10.93
O3 NAD K . -44.40 19.52 17.74
PN NAD K . -43.04 18.92 18.27
O1N NAD K . -43.31 17.63 18.98
O2N NAD K . -42.28 19.97 18.97
O5D NAD K . -42.30 18.61 16.91
C5D NAD K . -40.88 18.72 16.96
C4D NAD K . -40.30 17.79 15.94
O4D NAD K . -40.15 16.49 16.53
C3D NAD K . -41.14 17.59 14.67
O3D NAD K . -40.27 17.67 13.56
C2D NAD K . -41.67 16.17 14.87
O2D NAD K . -41.91 15.53 13.64
C1D NAD K . -40.53 15.51 15.62
N1N NAD K . -40.97 14.36 16.42
C2N NAD K . -41.85 14.55 17.41
C3N NAD K . -42.15 13.55 18.19
C7N NAD K . -43.14 13.77 19.33
O7N NAD K . -43.22 12.94 20.23
N7N NAD K . -43.84 14.89 19.31
C4N NAD K . -41.61 12.35 18.03
C5N NAD K . -40.72 12.12 17.05
C6N NAD K . -40.38 13.17 16.26
ZN ZN L . 77.35 -7.03 -24.27
N SAH M . 25.52 -9.00 -6.13
CA SAH M . 24.50 -8.24 -5.38
CB SAH M . 23.17 -8.24 -6.14
CG SAH M . 22.39 -6.98 -6.05
SD SAH M . 20.76 -7.25 -6.76
C SAH M . 24.33 -8.93 -4.05
O SAH M . 25.37 -9.24 -3.42
OXT SAH M . 23.19 -9.20 -3.72
C5' SAH M . 19.61 -6.66 -5.52
C4' SAH M . 19.00 -7.81 -4.76
O4' SAH M . 17.99 -8.45 -5.57
C3' SAH M . 19.98 -8.92 -4.46
O3' SAH M . 20.69 -8.55 -3.30
C2' SAH M . 19.01 -10.06 -4.19
O2' SAH M . 18.41 -9.90 -2.92
C1' SAH M . 17.96 -9.82 -5.25
N9 SAH M . 18.18 -10.57 -6.48
C8 SAH M . 18.49 -10.06 -7.70
N7 SAH M . 18.62 -10.98 -8.62
C5 SAH M . 18.37 -12.17 -7.95
C6 SAH M . 18.34 -13.50 -8.38
N6 SAH M . 18.58 -13.87 -9.63
N1 SAH M . 18.06 -14.44 -7.47
C2 SAH M . 17.82 -14.06 -6.20
N3 SAH M . 17.82 -12.84 -5.70
C4 SAH M . 18.10 -11.93 -6.62
MG MG N . 41.88 -18.65 -12.02
#